data_1GH1
#
_entry.id   1GH1
#
_cell.length_a   1.000
_cell.length_b   1.000
_cell.length_c   1.000
_cell.angle_alpha   90.00
_cell.angle_beta   90.00
_cell.angle_gamma   90.00
#
_symmetry.space_group_name_H-M   'P 1'
#
_entity_poly.entity_id   1
_entity_poly.type   'polypeptide(L)'
_entity_poly.pdbx_seq_one_letter_code
;IDCGHVDSLVRPCLSYVQGGPGPSGQCCDGVKNLHNQARSQSDRQSACNCLKGIARGIHNLNEDNARSIPPKCGVNLPYT
ISLNIDCSRV
;
_entity_poly.pdbx_strand_id   A
#
# COMPACT_ATOMS: atom_id res chain seq x y z
N ILE A 1 3.83 -8.33 -13.79
CA ILE A 1 3.22 -7.26 -12.94
C ILE A 1 4.19 -6.07 -12.97
N ASP A 2 4.05 -5.22 -13.94
CA ASP A 2 4.97 -4.07 -14.04
C ASP A 2 4.32 -2.82 -13.42
N CYS A 3 3.77 -3.01 -12.24
CA CYS A 3 3.10 -1.89 -11.51
C CYS A 3 2.08 -1.14 -12.41
N GLY A 4 1.06 -1.85 -12.82
CA GLY A 4 0.01 -1.26 -13.70
C GLY A 4 -1.35 -1.27 -12.99
N HIS A 5 -1.66 -2.39 -12.37
CA HIS A 5 -2.97 -2.50 -11.63
C HIS A 5 -2.73 -2.27 -10.14
N VAL A 6 -1.59 -2.64 -9.64
CA VAL A 6 -1.28 -2.45 -8.19
C VAL A 6 -1.41 -0.98 -7.80
N ASP A 7 -1.06 -0.11 -8.70
CA ASP A 7 -1.16 1.35 -8.42
C ASP A 7 -2.56 1.75 -7.98
N SER A 8 -3.52 1.47 -8.79
CA SER A 8 -4.94 1.81 -8.47
C SER A 8 -5.43 1.02 -7.23
N LEU A 9 -4.78 -0.08 -6.92
CA LEU A 9 -5.21 -0.88 -5.76
C LEU A 9 -4.80 -0.18 -4.45
N VAL A 10 -3.58 0.29 -4.36
CA VAL A 10 -3.12 0.97 -3.12
C VAL A 10 -3.47 2.48 -3.19
N ARG A 11 -3.80 2.97 -4.37
CA ARG A 11 -4.14 4.42 -4.51
C ARG A 11 -5.24 4.86 -3.50
N PRO A 12 -6.32 4.12 -3.37
CA PRO A 12 -7.38 4.45 -2.37
C PRO A 12 -6.88 4.49 -0.92
N CYS A 13 -5.81 3.78 -0.60
CA CYS A 13 -5.34 3.82 0.78
C CYS A 13 -4.57 5.12 1.06
N LEU A 14 -4.06 5.74 0.03
CA LEU A 14 -3.31 7.04 0.21
C LEU A 14 -4.22 8.14 0.77
N SER A 15 -5.47 8.07 0.41
CA SER A 15 -6.45 9.09 0.89
C SER A 15 -6.47 9.22 2.42
N TYR A 16 -6.02 8.20 3.09
CA TYR A 16 -5.98 8.24 4.59
C TYR A 16 -4.57 8.64 5.03
N VAL A 17 -3.61 8.05 4.39
CA VAL A 17 -2.17 8.34 4.71
C VAL A 17 -1.87 9.84 4.63
N GLN A 18 -2.53 10.55 3.76
CA GLN A 18 -2.29 12.01 3.64
C GLN A 18 -2.67 12.78 4.91
N GLY A 19 -3.54 12.20 5.70
CA GLY A 19 -3.98 12.87 6.97
C GLY A 19 -5.39 13.45 6.82
N GLY A 20 -6.22 12.72 6.14
CA GLY A 20 -7.63 13.19 5.92
C GLY A 20 -8.61 12.03 6.15
N PRO A 21 -9.86 12.24 5.80
CA PRO A 21 -10.88 11.16 5.96
C PRO A 21 -10.62 10.04 4.93
N GLY A 22 -10.64 8.81 5.38
CA GLY A 22 -10.39 7.67 4.45
C GLY A 22 -10.04 6.41 5.26
N PRO A 23 -9.43 5.45 4.61
CA PRO A 23 -9.03 5.53 3.18
C PRO A 23 -10.23 5.40 2.23
N SER A 24 -10.91 4.28 2.30
CA SER A 24 -12.11 4.01 1.44
C SER A 24 -12.52 2.55 1.58
N GLY A 25 -13.73 2.24 1.20
CA GLY A 25 -14.18 0.82 1.31
C GLY A 25 -13.42 -0.02 0.25
N GLN A 26 -12.65 0.66 -0.56
CA GLN A 26 -11.87 -0.02 -1.65
C GLN A 26 -10.46 -0.31 -1.10
N CYS A 27 -9.99 0.50 -0.18
CA CYS A 27 -8.62 0.27 0.39
C CYS A 27 -8.51 -1.13 1.00
N CYS A 28 -9.50 -1.53 1.75
CA CYS A 28 -9.44 -2.88 2.39
C CYS A 28 -9.73 -3.99 1.37
N ASP A 29 -10.82 -3.89 0.67
CA ASP A 29 -11.17 -4.93 -0.35
C ASP A 29 -10.13 -4.91 -1.48
N GLY A 30 -9.83 -3.72 -1.93
CA GLY A 30 -8.86 -3.51 -3.04
C GLY A 30 -7.46 -4.02 -2.70
N VAL A 31 -6.95 -3.61 -1.56
CA VAL A 31 -5.57 -4.07 -1.20
C VAL A 31 -5.56 -5.53 -0.72
N LYS A 32 -6.58 -5.95 0.01
CA LYS A 32 -6.63 -7.35 0.50
C LYS A 32 -6.64 -8.26 -0.73
N ASN A 33 -7.37 -7.88 -1.74
CA ASN A 33 -7.42 -8.71 -2.98
C ASN A 33 -6.02 -8.89 -3.56
N LEU A 34 -5.37 -7.82 -3.90
CA LEU A 34 -4.00 -7.91 -4.47
C LEU A 34 -3.12 -8.73 -3.52
N HIS A 35 -3.09 -8.32 -2.28
CA HIS A 35 -2.28 -9.04 -1.25
C HIS A 35 -2.52 -10.56 -1.36
N ASN A 36 -3.76 -10.91 -1.22
CA ASN A 36 -4.18 -12.35 -1.30
C ASN A 36 -3.64 -13.00 -2.58
N GLN A 37 -3.83 -12.32 -3.68
CA GLN A 37 -3.34 -12.85 -4.99
C GLN A 37 -1.82 -12.88 -5.06
N ALA A 38 -1.19 -11.99 -4.36
CA ALA A 38 0.31 -11.94 -4.35
C ALA A 38 0.90 -13.18 -3.65
N ARG A 39 0.91 -14.28 -4.34
CA ARG A 39 1.46 -15.53 -3.73
C ARG A 39 2.91 -15.76 -4.15
N SER A 40 3.46 -14.86 -4.94
CA SER A 40 4.88 -15.02 -5.40
C SER A 40 5.70 -13.80 -4.94
N GLN A 41 6.99 -13.97 -4.87
CA GLN A 41 7.86 -12.84 -4.44
C GLN A 41 7.68 -11.67 -5.42
N SER A 42 7.47 -12.02 -6.65
CA SER A 42 7.27 -11.03 -7.75
C SER A 42 6.13 -10.06 -7.44
N ASP A 43 4.99 -10.59 -7.05
CA ASP A 43 3.85 -9.68 -6.76
C ASP A 43 4.09 -8.88 -5.48
N ARG A 44 4.98 -9.35 -4.65
CA ARG A 44 5.26 -8.60 -3.38
C ARG A 44 6.32 -7.51 -3.73
N GLN A 45 7.27 -7.84 -4.56
CA GLN A 45 8.32 -6.87 -4.95
C GLN A 45 7.72 -5.82 -5.89
N SER A 46 6.96 -6.25 -6.85
CA SER A 46 6.36 -5.28 -7.80
C SER A 46 5.48 -4.26 -7.08
N ALA A 47 4.54 -4.75 -6.30
CA ALA A 47 3.64 -3.81 -5.56
C ALA A 47 4.44 -2.83 -4.70
N CYS A 48 5.47 -3.31 -4.06
CA CYS A 48 6.32 -2.43 -3.21
C CYS A 48 6.84 -1.25 -4.05
N ASN A 49 7.26 -1.56 -5.26
CA ASN A 49 7.79 -0.48 -6.16
C ASN A 49 6.74 0.59 -6.42
N CYS A 50 5.51 0.17 -6.56
CA CYS A 50 4.39 1.13 -6.82
C CYS A 50 4.27 2.18 -5.70
N LEU A 51 4.03 1.70 -4.51
CA LEU A 51 3.91 2.64 -3.35
C LEU A 51 5.23 3.39 -3.18
N LYS A 52 6.35 2.73 -3.38
CA LYS A 52 7.66 3.43 -3.22
C LYS A 52 7.76 4.64 -4.16
N GLY A 53 7.62 4.44 -5.44
CA GLY A 53 7.72 5.60 -6.39
C GLY A 53 6.74 6.72 -5.99
N ILE A 54 5.60 6.30 -5.51
CA ILE A 54 4.53 7.25 -5.07
C ILE A 54 4.94 7.98 -3.79
N ALA A 55 5.05 7.25 -2.73
CA ALA A 55 5.44 7.81 -1.41
C ALA A 55 6.63 8.77 -1.56
N ARG A 56 7.55 8.41 -2.41
CA ARG A 56 8.76 9.25 -2.66
C ARG A 56 8.40 10.71 -2.99
N GLY A 57 7.24 10.93 -3.54
CA GLY A 57 6.82 12.32 -3.90
C GLY A 57 5.94 12.92 -2.79
N ILE A 58 5.56 12.12 -1.82
CA ILE A 58 4.70 12.66 -0.71
C ILE A 58 5.61 13.37 0.32
N HIS A 59 5.54 14.68 0.34
CA HIS A 59 6.37 15.46 1.29
C HIS A 59 5.84 15.29 2.73
N ASN A 60 4.57 15.58 2.95
CA ASN A 60 4.05 15.41 4.34
C ASN A 60 3.41 14.04 4.51
N LEU A 61 4.17 13.03 4.16
CA LEU A 61 3.67 11.63 4.27
C LEU A 61 3.40 11.33 5.76
N ASN A 62 2.35 10.60 6.02
CA ASN A 62 2.01 10.27 7.44
C ASN A 62 2.19 8.76 7.68
N GLU A 63 3.02 8.38 8.62
CA GLU A 63 3.26 6.93 8.91
C GLU A 63 2.10 6.39 9.76
N ASP A 64 1.63 7.19 10.69
CA ASP A 64 0.50 6.77 11.58
C ASP A 64 -0.66 6.20 10.78
N ASN A 65 -1.08 6.91 9.77
CA ASN A 65 -2.23 6.44 8.95
C ASN A 65 -1.78 5.30 8.02
N ALA A 66 -0.69 5.50 7.33
CA ALA A 66 -0.16 4.43 6.40
C ALA A 66 -0.07 3.07 7.09
N ARG A 67 0.34 3.11 8.33
CA ARG A 67 0.47 1.86 9.12
C ARG A 67 -0.88 1.50 9.75
N SER A 68 -1.78 2.47 9.86
CA SER A 68 -3.13 2.18 10.46
C SER A 68 -4.11 1.64 9.42
N ILE A 69 -3.70 1.49 8.19
CA ILE A 69 -4.61 0.95 7.13
C ILE A 69 -4.83 -0.57 7.40
N PRO A 70 -3.79 -1.37 7.32
CA PRO A 70 -3.92 -2.82 7.56
C PRO A 70 -4.50 -3.25 8.92
N PRO A 71 -4.09 -2.67 10.04
CA PRO A 71 -4.63 -3.04 11.37
C PRO A 71 -6.10 -2.65 11.52
N LYS A 72 -6.54 -1.67 10.77
CA LYS A 72 -7.94 -1.21 10.85
C LYS A 72 -8.90 -2.26 10.29
N CYS A 73 -8.87 -2.43 9.00
CA CYS A 73 -9.74 -3.40 8.33
C CYS A 73 -9.31 -4.83 8.67
N GLY A 74 -8.03 -5.07 8.63
CA GLY A 74 -7.49 -6.43 8.94
C GLY A 74 -6.91 -6.99 7.64
N VAL A 75 -6.16 -6.16 6.97
CA VAL A 75 -5.55 -6.59 5.68
C VAL A 75 -4.15 -7.07 5.98
N ASN A 76 -3.48 -6.42 6.91
CA ASN A 76 -2.09 -6.85 7.27
C ASN A 76 -1.16 -6.87 6.05
N LEU A 77 -0.65 -5.74 5.65
CA LEU A 77 0.26 -5.70 4.46
C LEU A 77 1.70 -5.70 4.97
N PRO A 78 2.62 -6.18 4.17
CA PRO A 78 4.05 -6.16 4.56
C PRO A 78 4.70 -4.85 4.08
N TYR A 79 3.89 -3.90 3.66
CA TYR A 79 4.44 -2.60 3.18
C TYR A 79 3.31 -1.58 2.98
N THR A 80 3.58 -0.31 3.11
CA THR A 80 2.51 0.73 2.92
C THR A 80 3.14 1.95 2.25
N ILE A 81 2.47 3.06 2.28
CA ILE A 81 2.99 4.32 1.66
C ILE A 81 4.07 4.88 2.61
N SER A 82 5.22 4.25 2.65
CA SER A 82 6.33 4.71 3.53
C SER A 82 7.64 4.06 3.07
N LEU A 83 8.75 4.52 3.60
CA LEU A 83 10.06 3.93 3.19
C LEU A 83 10.67 3.21 4.42
N ASN A 84 9.88 2.36 5.02
CA ASN A 84 10.33 1.60 6.22
C ASN A 84 10.23 0.07 6.00
N ILE A 85 10.30 -0.36 4.77
CA ILE A 85 10.20 -1.81 4.48
C ILE A 85 11.19 -2.20 3.35
N ASP A 86 11.40 -3.48 3.20
CA ASP A 86 12.33 -4.02 2.17
C ASP A 86 11.58 -4.74 1.07
N CYS A 87 10.56 -5.44 1.46
CA CYS A 87 9.72 -6.22 0.51
C CYS A 87 10.57 -7.32 -0.17
N SER A 88 11.70 -7.64 0.43
CA SER A 88 12.63 -8.67 -0.11
C SER A 88 12.22 -10.07 0.39
N ARG A 89 11.98 -10.14 1.66
CA ARG A 89 11.57 -11.42 2.31
C ARG A 89 10.16 -11.33 2.91
N VAL A 90 9.23 -10.78 2.18
CA VAL A 90 7.84 -10.67 2.72
C VAL A 90 6.91 -11.57 1.89
N ILE A 1 3.70 -8.01 -14.04
CA ILE A 1 3.07 -7.15 -12.99
C ILE A 1 3.92 -5.86 -12.95
N ASP A 2 3.78 -4.97 -13.90
CA ASP A 2 4.61 -3.74 -13.86
C ASP A 2 3.82 -2.58 -13.25
N CYS A 3 3.31 -2.85 -12.08
CA CYS A 3 2.49 -1.86 -11.32
C CYS A 3 1.41 -1.19 -12.19
N GLY A 4 0.87 -1.98 -13.08
CA GLY A 4 -0.20 -1.46 -14.00
C GLY A 4 -1.56 -1.50 -13.27
N HIS A 5 -1.73 -2.50 -12.45
CA HIS A 5 -3.02 -2.64 -11.69
C HIS A 5 -2.81 -2.38 -10.19
N VAL A 6 -1.65 -2.72 -9.72
CA VAL A 6 -1.36 -2.51 -8.26
C VAL A 6 -1.43 -1.01 -7.91
N ASP A 7 -1.02 -0.18 -8.82
CA ASP A 7 -1.06 1.30 -8.61
C ASP A 7 -2.46 1.76 -8.14
N SER A 8 -3.44 1.32 -8.87
CA SER A 8 -4.85 1.67 -8.56
C SER A 8 -5.35 0.95 -7.30
N LEU A 9 -4.73 -0.15 -6.95
CA LEU A 9 -5.15 -0.90 -5.76
C LEU A 9 -4.64 -0.24 -4.48
N VAL A 10 -3.45 0.30 -4.53
CA VAL A 10 -2.85 0.98 -3.32
C VAL A 10 -3.23 2.48 -3.29
N ARG A 11 -3.74 2.97 -4.39
CA ARG A 11 -4.14 4.41 -4.48
C ARG A 11 -5.27 4.80 -3.49
N PRO A 12 -6.30 4.00 -3.32
CA PRO A 12 -7.38 4.28 -2.33
C PRO A 12 -6.90 4.39 -0.87
N CYS A 13 -5.88 3.65 -0.48
CA CYS A 13 -5.43 3.76 0.91
C CYS A 13 -4.68 5.08 1.14
N LEU A 14 -4.14 5.66 0.11
CA LEU A 14 -3.40 6.95 0.25
C LEU A 14 -4.30 8.07 0.78
N SER A 15 -5.56 8.00 0.41
CA SER A 15 -6.53 9.05 0.86
C SER A 15 -6.50 9.22 2.40
N TYR A 16 -6.08 8.21 3.10
CA TYR A 16 -6.03 8.30 4.59
C TYR A 16 -4.60 8.69 5.00
N VAL A 17 -3.66 8.06 4.37
CA VAL A 17 -2.21 8.35 4.67
C VAL A 17 -1.89 9.85 4.51
N GLN A 18 -2.55 10.53 3.62
CA GLN A 18 -2.28 11.97 3.43
C GLN A 18 -2.65 12.80 4.67
N GLY A 19 -3.54 12.27 5.47
CA GLY A 19 -3.96 13.02 6.71
C GLY A 19 -5.37 13.59 6.53
N GLY A 20 -6.22 12.81 5.91
CA GLY A 20 -7.63 13.28 5.68
C GLY A 20 -8.61 12.13 5.96
N PRO A 21 -9.86 12.32 5.61
CA PRO A 21 -10.89 11.26 5.80
C PRO A 21 -10.64 10.12 4.81
N GLY A 22 -10.71 8.89 5.28
CA GLY A 22 -10.47 7.74 4.37
C GLY A 22 -10.20 6.49 5.22
N PRO A 23 -9.55 5.50 4.65
CA PRO A 23 -9.06 5.53 3.25
C PRO A 23 -10.20 5.44 2.23
N SER A 24 -10.91 4.35 2.26
CA SER A 24 -12.04 4.11 1.29
C SER A 24 -12.55 2.69 1.47
N GLY A 25 -13.71 2.42 0.94
CA GLY A 25 -14.26 1.04 1.05
C GLY A 25 -13.46 0.16 0.09
N GLN A 26 -12.59 0.75 -0.72
CA GLN A 26 -11.79 -0.09 -1.67
C GLN A 26 -10.39 -0.31 -1.08
N CYS A 27 -9.97 0.50 -0.13
CA CYS A 27 -8.62 0.29 0.47
C CYS A 27 -8.54 -1.13 1.05
N CYS A 28 -9.62 -1.60 1.62
CA CYS A 28 -9.59 -2.97 2.20
C CYS A 28 -9.86 -4.03 1.14
N ASP A 29 -11.00 -4.02 0.53
CA ASP A 29 -11.29 -5.05 -0.51
C ASP A 29 -10.26 -4.94 -1.64
N GLY A 30 -9.83 -3.76 -1.94
CA GLY A 30 -8.84 -3.55 -3.03
C GLY A 30 -7.45 -4.07 -2.65
N VAL A 31 -6.94 -3.64 -1.52
CA VAL A 31 -5.59 -4.11 -1.11
C VAL A 31 -5.65 -5.58 -0.66
N LYS A 32 -6.72 -5.98 0.00
CA LYS A 32 -6.89 -7.39 0.47
C LYS A 32 -6.70 -8.29 -0.76
N ASN A 33 -7.36 -7.89 -1.82
CA ASN A 33 -7.27 -8.68 -3.10
C ASN A 33 -5.82 -8.71 -3.57
N LEU A 34 -5.20 -7.56 -3.63
CA LEU A 34 -3.78 -7.47 -4.08
C LEU A 34 -2.91 -8.43 -3.25
N HIS A 35 -2.92 -8.21 -1.97
CA HIS A 35 -2.11 -9.06 -1.05
C HIS A 35 -2.34 -10.55 -1.32
N ASN A 36 -3.58 -10.93 -1.30
CA ASN A 36 -3.99 -12.36 -1.55
C ASN A 36 -3.47 -12.82 -2.93
N GLN A 37 -3.66 -11.97 -3.91
CA GLN A 37 -3.22 -12.28 -5.30
C GLN A 37 -1.70 -12.42 -5.36
N ALA A 38 -1.01 -11.62 -4.62
CA ALA A 38 0.48 -11.68 -4.62
C ALA A 38 1.05 -12.93 -3.93
N ARG A 39 0.95 -14.04 -4.62
CA ARG A 39 1.47 -15.30 -4.02
C ARG A 39 2.90 -15.60 -4.48
N SER A 40 3.47 -14.72 -5.27
CA SER A 40 4.87 -14.94 -5.76
C SER A 40 5.78 -13.86 -5.15
N GLN A 41 7.02 -13.84 -5.56
CA GLN A 41 7.96 -12.80 -5.03
C GLN A 41 7.78 -11.57 -5.95
N SER A 42 7.52 -11.82 -7.21
CA SER A 42 7.34 -10.72 -8.20
C SER A 42 6.17 -9.82 -7.83
N ASP A 43 5.06 -10.38 -7.43
CA ASP A 43 3.91 -9.51 -7.07
C ASP A 43 4.14 -8.77 -5.75
N ARG A 44 5.03 -9.27 -4.93
CA ARG A 44 5.31 -8.61 -3.62
C ARG A 44 6.39 -7.53 -3.85
N GLN A 45 7.32 -7.79 -4.73
CA GLN A 45 8.38 -6.77 -5.01
C GLN A 45 7.78 -5.69 -5.94
N SER A 46 7.01 -6.08 -6.92
CA SER A 46 6.40 -5.07 -7.84
C SER A 46 5.44 -4.15 -7.08
N ALA A 47 4.50 -4.74 -6.39
CA ALA A 47 3.53 -3.90 -5.63
C ALA A 47 4.29 -2.95 -4.69
N CYS A 48 5.33 -3.40 -4.06
CA CYS A 48 6.11 -2.51 -3.15
C CYS A 48 6.50 -1.22 -3.89
N ASN A 49 7.09 -1.40 -5.05
CA ASN A 49 7.52 -0.23 -5.88
C ASN A 49 6.38 0.76 -6.09
N CYS A 50 5.19 0.24 -6.22
CA CYS A 50 3.99 1.12 -6.43
C CYS A 50 3.83 2.09 -5.26
N LEU A 51 3.93 1.58 -4.06
CA LEU A 51 3.78 2.46 -2.86
C LEU A 51 5.06 3.26 -2.64
N LYS A 52 6.17 2.58 -2.64
CA LYS A 52 7.51 3.23 -2.44
C LYS A 52 7.71 4.35 -3.49
N GLY A 53 7.47 4.01 -4.73
CA GLY A 53 7.62 4.98 -5.85
C GLY A 53 6.70 6.18 -5.60
N ILE A 54 5.49 5.91 -5.19
CA ILE A 54 4.53 7.03 -4.92
C ILE A 54 5.01 7.88 -3.74
N ALA A 55 5.09 7.27 -2.58
CA ALA A 55 5.54 8.00 -1.36
C ALA A 55 6.77 8.88 -1.65
N ARG A 56 7.66 8.33 -2.44
CA ARG A 56 8.90 9.09 -2.79
C ARG A 56 8.64 10.46 -3.41
N GLY A 57 7.51 10.63 -4.03
CA GLY A 57 7.19 11.94 -4.68
C GLY A 57 6.19 12.73 -3.84
N ILE A 58 6.16 12.47 -2.55
CA ILE A 58 5.22 13.22 -1.67
C ILE A 58 6.03 14.01 -0.63
N HIS A 59 7.07 13.42 -0.10
CA HIS A 59 7.95 14.08 0.93
C HIS A 59 7.21 14.20 2.26
N ASN A 60 6.16 14.98 2.30
CA ASN A 60 5.36 15.17 3.55
C ASN A 60 4.28 14.07 3.63
N LEU A 61 4.64 12.92 4.12
CA LEU A 61 3.65 11.79 4.24
C LEU A 61 3.31 11.56 5.72
N ASN A 62 2.35 10.70 5.97
CA ASN A 62 1.95 10.40 7.37
C ASN A 62 2.15 8.89 7.66
N GLU A 63 3.11 8.55 8.49
CA GLU A 63 3.35 7.10 8.80
C GLU A 63 2.24 6.60 9.74
N ASP A 64 1.78 7.44 10.61
CA ASP A 64 0.71 7.07 11.58
C ASP A 64 -0.51 6.49 10.84
N ASN A 65 -0.95 7.15 9.80
CA ASN A 65 -2.13 6.65 9.03
C ASN A 65 -1.70 5.44 8.18
N ALA A 66 -0.58 5.55 7.51
CA ALA A 66 -0.07 4.42 6.65
C ALA A 66 -0.10 3.08 7.41
N ARG A 67 0.36 3.13 8.63
CA ARG A 67 0.41 1.93 9.49
C ARG A 67 -1.01 1.64 10.04
N SER A 68 -1.85 2.65 10.07
CA SER A 68 -3.24 2.44 10.59
C SER A 68 -4.19 1.87 9.54
N ILE A 69 -3.73 1.69 8.33
CA ILE A 69 -4.61 1.12 7.25
C ILE A 69 -4.78 -0.41 7.51
N PRO A 70 -3.71 -1.17 7.54
CA PRO A 70 -3.84 -2.64 7.76
C PRO A 70 -4.52 -3.09 9.06
N PRO A 71 -4.26 -2.50 10.22
CA PRO A 71 -4.93 -2.91 11.48
C PRO A 71 -6.44 -2.75 11.42
N LYS A 72 -6.88 -1.54 11.16
CA LYS A 72 -8.36 -1.28 11.09
C LYS A 72 -9.04 -2.18 10.07
N CYS A 73 -8.30 -2.48 9.04
CA CYS A 73 -8.84 -3.36 7.97
C CYS A 73 -8.89 -4.83 8.39
N GLY A 74 -7.78 -5.30 8.90
CA GLY A 74 -7.68 -6.72 9.35
C GLY A 74 -7.02 -7.49 8.21
N VAL A 75 -6.06 -6.84 7.60
CA VAL A 75 -5.32 -7.44 6.46
C VAL A 75 -3.84 -7.60 6.78
N ASN A 76 -3.29 -6.65 7.47
CA ASN A 76 -1.83 -6.71 7.84
C ASN A 76 -0.92 -6.86 6.60
N LEU A 77 -0.68 -5.77 5.91
CA LEU A 77 0.20 -5.84 4.69
C LEU A 77 1.67 -5.86 5.10
N PRO A 78 2.51 -6.48 4.29
CA PRO A 78 3.96 -6.48 4.53
C PRO A 78 4.57 -5.10 4.30
N TYR A 79 3.82 -4.18 3.71
CA TYR A 79 4.35 -2.81 3.46
C TYR A 79 3.21 -1.84 3.13
N THR A 80 3.49 -0.58 3.14
CA THR A 80 2.45 0.46 2.84
C THR A 80 3.10 1.63 2.08
N ILE A 81 2.53 2.80 2.25
CA ILE A 81 3.04 4.03 1.58
C ILE A 81 4.19 4.61 2.44
N SER A 82 5.33 3.97 2.42
CA SER A 82 6.50 4.46 3.23
C SER A 82 7.81 3.99 2.59
N LEU A 83 8.90 4.14 3.31
CA LEU A 83 10.24 3.73 2.79
C LEU A 83 11.04 3.03 3.91
N ASN A 84 10.38 2.17 4.64
CA ASN A 84 11.04 1.44 5.78
C ASN A 84 11.17 -0.06 5.51
N ILE A 85 10.23 -0.60 4.79
CA ILE A 85 10.27 -2.06 4.48
C ILE A 85 11.43 -2.37 3.52
N ASP A 86 11.85 -3.61 3.53
CA ASP A 86 12.96 -4.04 2.64
C ASP A 86 12.43 -4.51 1.30
N CYS A 87 11.33 -5.22 1.34
CA CYS A 87 10.69 -5.76 0.10
C CYS A 87 11.67 -6.62 -0.71
N SER A 88 12.68 -7.12 -0.04
CA SER A 88 13.69 -7.98 -0.73
C SER A 88 13.31 -9.45 -0.52
N ARG A 89 12.91 -9.79 0.68
CA ARG A 89 12.52 -11.20 0.98
C ARG A 89 11.23 -11.24 1.80
N VAL A 90 10.21 -10.58 1.33
CA VAL A 90 8.90 -10.56 2.07
C VAL A 90 7.90 -11.42 1.27
N ILE A 1 3.22 -9.35 -11.54
CA ILE A 1 2.09 -8.37 -11.68
C ILE A 1 2.66 -7.00 -12.10
N ASP A 2 1.94 -6.28 -12.92
CA ASP A 2 2.43 -4.95 -13.36
C ASP A 2 1.95 -3.87 -12.38
N CYS A 3 2.83 -2.94 -12.08
CA CYS A 3 2.45 -1.86 -11.13
C CYS A 3 1.38 -0.94 -11.71
N GLY A 4 1.19 -0.99 -13.01
CA GLY A 4 0.15 -0.12 -13.65
C GLY A 4 -1.23 -0.38 -13.04
N HIS A 5 -1.47 -1.61 -12.68
CA HIS A 5 -2.77 -2.01 -12.07
C HIS A 5 -2.70 -1.89 -10.53
N VAL A 6 -1.60 -2.35 -9.99
CA VAL A 6 -1.42 -2.27 -8.51
C VAL A 6 -1.47 -0.81 -8.05
N ASP A 7 -0.99 0.10 -8.85
CA ASP A 7 -1.02 1.55 -8.47
C ASP A 7 -2.44 1.98 -8.09
N SER A 8 -3.38 1.59 -8.89
CA SER A 8 -4.81 1.96 -8.61
C SER A 8 -5.33 1.19 -7.38
N LEU A 9 -4.77 0.05 -7.10
CA LEU A 9 -5.19 -0.75 -5.94
C LEU A 9 -4.69 -0.12 -4.63
N VAL A 10 -3.50 0.42 -4.65
CA VAL A 10 -2.93 1.07 -3.42
C VAL A 10 -3.29 2.57 -3.35
N ARG A 11 -3.81 3.09 -4.43
CA ARG A 11 -4.19 4.55 -4.45
C ARG A 11 -5.31 4.91 -3.44
N PRO A 12 -6.34 4.10 -3.31
CA PRO A 12 -7.42 4.38 -2.32
C PRO A 12 -6.93 4.46 -0.86
N CYS A 13 -5.93 3.71 -0.47
CA CYS A 13 -5.47 3.79 0.92
C CYS A 13 -4.72 5.11 1.18
N LEU A 14 -4.16 5.67 0.14
CA LEU A 14 -3.40 6.98 0.28
C LEU A 14 -4.35 8.09 0.78
N SER A 15 -5.59 7.98 0.38
CA SER A 15 -6.63 8.99 0.79
C SER A 15 -6.65 9.22 2.31
N TYR A 16 -6.20 8.25 3.05
CA TYR A 16 -6.17 8.36 4.54
C TYR A 16 -4.80 8.82 4.99
N VAL A 17 -3.81 8.24 4.38
CA VAL A 17 -2.38 8.60 4.69
C VAL A 17 -2.14 10.10 4.56
N GLN A 18 -2.87 10.77 3.70
CA GLN A 18 -2.69 12.22 3.52
C GLN A 18 -2.95 13.00 4.83
N GLY A 19 -3.84 12.48 5.63
CA GLY A 19 -4.20 13.15 6.93
C GLY A 19 -5.62 13.68 6.87
N GLY A 20 -6.48 12.94 6.23
CA GLY A 20 -7.91 13.36 6.11
C GLY A 20 -8.83 12.15 6.33
N PRO A 21 -10.08 12.28 5.98
CA PRO A 21 -11.05 11.17 6.12
C PRO A 21 -10.76 10.09 5.05
N GLY A 22 -10.85 8.84 5.42
CA GLY A 22 -10.59 7.74 4.45
C GLY A 22 -10.28 6.46 5.24
N PRO A 23 -9.67 5.49 4.60
CA PRO A 23 -9.19 5.58 3.20
C PRO A 23 -10.32 5.46 2.18
N SER A 24 -11.01 4.35 2.22
CA SER A 24 -12.14 4.07 1.27
C SER A 24 -12.57 2.63 1.44
N GLY A 25 -13.75 2.32 0.96
CA GLY A 25 -14.24 0.91 1.07
C GLY A 25 -13.44 0.05 0.07
N GLN A 26 -12.61 0.69 -0.71
CA GLN A 26 -11.75 -0.03 -1.72
C GLN A 26 -10.37 -0.27 -1.10
N CYS A 27 -9.97 0.52 -0.14
CA CYS A 27 -8.63 0.29 0.47
C CYS A 27 -8.50 -1.15 0.99
N CYS A 28 -9.50 -1.59 1.71
CA CYS A 28 -9.40 -2.99 2.23
C CYS A 28 -9.66 -4.02 1.15
N ASP A 29 -10.81 -4.03 0.55
CA ASP A 29 -11.08 -5.04 -0.51
C ASP A 29 -10.06 -4.90 -1.64
N GLY A 30 -9.70 -3.70 -1.96
CA GLY A 30 -8.71 -3.45 -3.06
C GLY A 30 -7.31 -3.96 -2.70
N VAL A 31 -6.81 -3.55 -1.56
CA VAL A 31 -5.45 -4.01 -1.18
C VAL A 31 -5.46 -5.47 -0.70
N LYS A 32 -6.50 -5.90 -0.03
CA LYS A 32 -6.61 -7.31 0.48
C LYS A 32 -6.47 -8.21 -0.77
N ASN A 33 -7.17 -7.83 -1.82
CA ASN A 33 -7.11 -8.63 -3.09
C ASN A 33 -5.67 -8.69 -3.58
N LEU A 34 -5.09 -7.54 -3.75
CA LEU A 34 -3.67 -7.41 -4.22
C LEU A 34 -2.74 -8.29 -3.37
N HIS A 35 -2.81 -8.07 -2.08
CA HIS A 35 -1.96 -8.84 -1.12
C HIS A 35 -2.19 -10.35 -1.32
N ASN A 36 -3.43 -10.74 -1.24
CA ASN A 36 -3.80 -12.18 -1.40
C ASN A 36 -3.19 -12.74 -2.70
N GLN A 37 -3.15 -11.89 -3.71
CA GLN A 37 -2.58 -12.35 -5.01
C GLN A 37 -1.08 -12.06 -5.14
N ALA A 38 -0.38 -11.99 -4.03
CA ALA A 38 1.09 -11.73 -4.08
C ALA A 38 1.85 -12.88 -3.41
N ARG A 39 1.62 -14.05 -3.92
CA ARG A 39 2.28 -15.27 -3.37
C ARG A 39 3.60 -15.52 -4.12
N SER A 40 3.81 -14.82 -5.20
CA SER A 40 5.08 -15.04 -5.96
C SER A 40 6.13 -13.98 -5.67
N GLN A 41 7.38 -14.38 -5.61
CA GLN A 41 8.48 -13.42 -5.32
C GLN A 41 8.33 -12.15 -6.18
N SER A 42 7.96 -12.35 -7.42
CA SER A 42 7.79 -11.18 -8.34
C SER A 42 6.47 -10.43 -8.13
N ASP A 43 5.46 -11.10 -7.67
CA ASP A 43 4.15 -10.46 -7.45
C ASP A 43 4.16 -9.55 -6.23
N ARG A 44 4.94 -9.93 -5.25
CA ARG A 44 5.04 -9.12 -3.99
C ARG A 44 5.93 -7.91 -4.31
N GLN A 45 7.10 -8.18 -4.84
CA GLN A 45 8.09 -7.11 -5.20
C GLN A 45 7.38 -6.04 -6.07
N SER A 46 6.62 -6.53 -7.03
CA SER A 46 5.88 -5.61 -7.94
C SER A 46 5.04 -4.61 -7.15
N ALA A 47 4.06 -5.11 -6.45
CA ALA A 47 3.18 -4.22 -5.63
C ALA A 47 4.02 -3.38 -4.68
N CYS A 48 5.03 -4.00 -4.10
CA CYS A 48 5.92 -3.31 -3.17
C CYS A 48 6.52 -2.05 -3.84
N ASN A 49 6.89 -2.17 -5.09
CA ASN A 49 7.48 -0.96 -5.76
C ASN A 49 6.44 0.14 -5.97
N CYS A 50 5.21 -0.25 -6.14
CA CYS A 50 4.14 0.78 -6.35
C CYS A 50 4.08 1.69 -5.11
N LEU A 51 3.98 1.09 -3.96
CA LEU A 51 3.92 1.92 -2.70
C LEU A 51 5.18 2.79 -2.56
N LYS A 52 6.30 2.23 -2.89
CA LYS A 52 7.59 2.96 -2.81
C LYS A 52 7.55 4.24 -3.66
N GLY A 53 7.31 4.07 -4.93
CA GLY A 53 7.23 5.23 -5.88
C GLY A 53 6.25 6.27 -5.33
N ILE A 54 5.15 5.79 -4.81
CA ILE A 54 4.11 6.69 -4.23
C ILE A 54 4.65 7.50 -3.06
N ALA A 55 5.00 6.82 -2.00
CA ALA A 55 5.55 7.50 -0.78
C ALA A 55 6.64 8.51 -1.17
N ARG A 56 7.39 8.17 -2.17
CA ARG A 56 8.49 9.04 -2.66
C ARG A 56 8.01 10.36 -3.29
N GLY A 57 6.73 10.50 -3.52
CA GLY A 57 6.20 11.75 -4.14
C GLY A 57 5.06 12.36 -3.33
N ILE A 58 5.11 12.23 -2.03
CA ILE A 58 4.03 12.81 -1.17
C ILE A 58 4.62 14.07 -0.49
N HIS A 59 3.93 15.17 -0.61
CA HIS A 59 4.41 16.45 0.02
C HIS A 59 4.23 16.38 1.55
N ASN A 60 3.15 15.79 1.98
CA ASN A 60 2.86 15.64 3.45
C ASN A 60 2.43 14.20 3.77
N LEU A 61 3.35 13.29 3.74
CA LEU A 61 3.03 11.86 4.04
C LEU A 61 2.83 11.70 5.57
N ASN A 62 1.88 10.90 5.95
CA ASN A 62 1.61 10.68 7.41
C ASN A 62 1.86 9.21 7.76
N GLU A 63 3.01 8.93 8.32
CA GLU A 63 3.34 7.53 8.70
C GLU A 63 2.34 6.99 9.73
N ASP A 64 1.76 7.86 10.51
CA ASP A 64 0.77 7.41 11.54
C ASP A 64 -0.48 6.86 10.84
N ASN A 65 -0.91 7.52 9.80
CA ASN A 65 -2.12 7.09 9.07
C ASN A 65 -1.75 5.88 8.20
N ALA A 66 -0.70 5.99 7.44
CA ALA A 66 -0.26 4.85 6.55
C ALA A 66 -0.18 3.52 7.33
N ARG A 67 0.28 3.64 8.54
CA ARG A 67 0.44 2.49 9.47
C ARG A 67 -0.94 2.10 10.04
N SER A 68 -1.83 3.07 10.12
CA SER A 68 -3.19 2.80 10.68
C SER A 68 -4.15 2.19 9.64
N ILE A 69 -3.75 2.11 8.41
CA ILE A 69 -4.67 1.51 7.38
C ILE A 69 -4.74 -0.04 7.55
N PRO A 70 -3.64 -0.75 7.51
CA PRO A 70 -3.66 -2.23 7.67
C PRO A 70 -4.31 -2.79 8.95
N PRO A 71 -4.05 -2.23 10.13
CA PRO A 71 -4.64 -2.77 11.38
C PRO A 71 -6.17 -2.71 11.41
N LYS A 72 -6.72 -1.53 11.27
CA LYS A 72 -8.22 -1.41 11.28
C LYS A 72 -8.86 -2.31 10.22
N CYS A 73 -8.21 -2.40 9.10
CA CYS A 73 -8.71 -3.22 7.98
C CYS A 73 -8.85 -4.70 8.36
N GLY A 74 -7.77 -5.30 8.77
CA GLY A 74 -7.81 -6.75 9.17
C GLY A 74 -7.01 -7.65 8.22
N VAL A 75 -6.18 -7.06 7.41
CA VAL A 75 -5.36 -7.85 6.45
C VAL A 75 -3.88 -7.75 6.80
N ASN A 76 -3.50 -6.66 7.41
CA ASN A 76 -2.07 -6.47 7.80
C ASN A 76 -1.06 -6.65 6.64
N LEU A 77 -0.91 -5.64 5.82
CA LEU A 77 0.06 -5.76 4.68
C LEU A 77 1.48 -5.93 5.20
N PRO A 78 2.35 -6.51 4.40
CA PRO A 78 3.77 -6.68 4.79
C PRO A 78 4.57 -5.44 4.43
N TYR A 79 3.93 -4.41 3.92
CA TYR A 79 4.66 -3.15 3.56
C TYR A 79 3.65 -2.06 3.19
N THR A 80 3.86 -0.87 3.71
CA THR A 80 2.95 0.28 3.43
C THR A 80 3.77 1.42 2.82
N ILE A 81 3.12 2.48 2.39
CA ILE A 81 3.83 3.62 1.79
C ILE A 81 4.48 4.53 2.88
N SER A 82 5.31 3.98 3.71
CA SER A 82 5.97 4.79 4.77
C SER A 82 7.48 4.52 4.82
N LEU A 83 8.06 4.19 3.69
CA LEU A 83 9.53 3.89 3.60
C LEU A 83 10.04 3.14 4.86
N ASN A 84 9.20 2.29 5.41
CA ASN A 84 9.59 1.51 6.63
C ASN A 84 9.56 0.00 6.33
N ILE A 85 9.66 -0.36 5.07
CA ILE A 85 9.63 -1.80 4.68
C ILE A 85 10.47 -2.06 3.44
N ASP A 86 10.91 -3.29 3.27
CA ASP A 86 11.75 -3.64 2.08
C ASP A 86 11.13 -4.79 1.28
N CYS A 87 10.26 -5.56 1.89
CA CYS A 87 9.60 -6.72 1.21
C CYS A 87 10.59 -7.86 0.92
N SER A 88 11.65 -7.57 0.21
CA SER A 88 12.70 -8.57 -0.15
C SER A 88 13.72 -7.91 -1.06
N ARG A 89 13.23 -7.29 -2.08
CA ARG A 89 14.16 -6.59 -3.03
C ARG A 89 13.35 -5.59 -3.85
N VAL A 90 12.45 -4.91 -3.18
CA VAL A 90 11.60 -3.91 -3.87
C VAL A 90 12.52 -2.71 -4.21
N ILE A 1 3.40 -8.98 -11.41
CA ILE A 1 2.21 -8.11 -11.62
C ILE A 1 2.69 -6.71 -12.09
N ASP A 2 1.89 -6.04 -12.88
CA ASP A 2 2.30 -4.70 -13.38
C ASP A 2 1.87 -3.63 -12.37
N CYS A 3 2.77 -2.75 -12.03
CA CYS A 3 2.42 -1.67 -11.06
C CYS A 3 1.30 -0.77 -11.58
N GLY A 4 1.07 -0.78 -12.87
CA GLY A 4 -0.01 0.06 -13.47
C GLY A 4 -1.37 -0.29 -12.83
N HIS A 5 -1.52 -1.54 -12.47
CA HIS A 5 -2.80 -1.99 -11.84
C HIS A 5 -2.70 -1.85 -10.32
N VAL A 6 -1.56 -2.21 -9.78
CA VAL A 6 -1.37 -2.09 -8.30
C VAL A 6 -1.47 -0.63 -7.86
N ASP A 7 -1.04 0.26 -8.70
CA ASP A 7 -1.11 1.72 -8.38
C ASP A 7 -2.54 2.14 -8.00
N SER A 8 -3.48 1.59 -8.72
CA SER A 8 -4.92 1.89 -8.47
C SER A 8 -5.46 1.12 -7.24
N LEU A 9 -4.85 0.00 -6.93
CA LEU A 9 -5.31 -0.80 -5.78
C LEU A 9 -4.92 -0.11 -4.47
N VAL A 10 -3.74 0.41 -4.38
CA VAL A 10 -3.31 1.09 -3.13
C VAL A 10 -3.77 2.58 -3.16
N ARG A 11 -4.09 3.07 -4.33
CA ARG A 11 -4.56 4.49 -4.49
C ARG A 11 -5.65 4.85 -3.44
N PRO A 12 -6.68 4.03 -3.32
CA PRO A 12 -7.75 4.27 -2.32
C PRO A 12 -7.24 4.36 -0.88
N CYS A 13 -6.13 3.71 -0.56
CA CYS A 13 -5.64 3.80 0.83
C CYS A 13 -4.85 5.10 1.02
N LEU A 14 -4.33 5.65 -0.04
CA LEU A 14 -3.54 6.94 0.08
C LEU A 14 -4.43 8.09 0.59
N SER A 15 -5.70 8.02 0.27
CA SER A 15 -6.65 9.10 0.73
C SER A 15 -6.57 9.33 2.24
N TYR A 16 -6.14 8.32 2.94
CA TYR A 16 -6.03 8.43 4.43
C TYR A 16 -4.59 8.78 4.80
N VAL A 17 -3.69 8.10 4.14
CA VAL A 17 -2.22 8.34 4.40
C VAL A 17 -1.86 9.82 4.21
N GLN A 18 -2.55 10.53 3.35
CA GLN A 18 -2.26 11.95 3.12
C GLN A 18 -2.54 12.80 4.37
N GLY A 19 -3.41 12.31 5.22
CA GLY A 19 -3.77 13.06 6.46
C GLY A 19 -5.18 13.66 6.35
N GLY A 20 -6.08 12.87 5.82
CA GLY A 20 -7.49 13.34 5.66
C GLY A 20 -8.45 12.20 6.00
N PRO A 21 -9.72 12.39 5.71
CA PRO A 21 -10.73 11.34 5.96
C PRO A 21 -10.54 10.18 4.97
N GLY A 22 -10.74 8.97 5.41
CA GLY A 22 -10.56 7.80 4.51
C GLY A 22 -10.16 6.60 5.35
N PRO A 23 -9.57 5.60 4.75
CA PRO A 23 -9.19 5.60 3.32
C PRO A 23 -10.40 5.49 2.40
N SER A 24 -11.06 4.37 2.45
CA SER A 24 -12.26 4.10 1.58
C SER A 24 -12.72 2.66 1.79
N GLY A 25 -13.90 2.36 1.34
CA GLY A 25 -14.41 0.96 1.50
C GLY A 25 -13.68 0.10 0.46
N GLN A 26 -12.86 0.72 -0.37
CA GLN A 26 -12.10 -0.04 -1.42
C GLN A 26 -10.68 -0.28 -0.89
N CYS A 27 -10.21 0.53 0.02
CA CYS A 27 -8.84 0.34 0.58
C CYS A 27 -8.68 -1.08 1.13
N CYS A 28 -9.72 -1.61 1.70
CA CYS A 28 -9.61 -2.99 2.26
C CYS A 28 -9.84 -4.03 1.18
N ASP A 29 -10.97 -4.05 0.54
CA ASP A 29 -11.20 -5.08 -0.51
C ASP A 29 -10.17 -4.93 -1.64
N GLY A 30 -9.84 -3.72 -1.99
CA GLY A 30 -8.86 -3.47 -3.08
C GLY A 30 -7.46 -3.98 -2.71
N VAL A 31 -7.00 -3.60 -1.55
CA VAL A 31 -5.64 -4.03 -1.14
C VAL A 31 -5.63 -5.48 -0.65
N LYS A 32 -6.65 -5.91 0.06
CA LYS A 32 -6.73 -7.32 0.55
C LYS A 32 -6.54 -8.23 -0.68
N ASN A 33 -7.20 -7.87 -1.76
CA ASN A 33 -7.09 -8.66 -3.03
C ASN A 33 -5.62 -8.70 -3.46
N LEU A 34 -5.07 -7.54 -3.65
CA LEU A 34 -3.64 -7.37 -4.07
C LEU A 34 -2.71 -8.26 -3.22
N HIS A 35 -2.82 -8.04 -1.95
CA HIS A 35 -1.99 -8.80 -0.97
C HIS A 35 -2.09 -10.31 -1.25
N ASN A 36 -3.31 -10.78 -1.24
CA ASN A 36 -3.58 -12.24 -1.48
C ASN A 36 -3.00 -12.67 -2.83
N GLN A 37 -3.00 -11.76 -3.77
CA GLN A 37 -2.47 -12.05 -5.12
C GLN A 37 -0.94 -12.14 -5.11
N ALA A 38 -0.31 -11.51 -4.17
CA ALA A 38 1.17 -11.58 -4.12
C ALA A 38 1.60 -12.94 -3.56
N ARG A 39 1.49 -13.92 -4.43
CA ARG A 39 1.87 -15.32 -4.08
C ARG A 39 3.31 -15.57 -4.56
N SER A 40 3.73 -14.84 -5.56
CA SER A 40 5.13 -15.06 -6.07
C SER A 40 6.06 -13.93 -5.61
N GLN A 41 7.31 -14.28 -5.39
CA GLN A 41 8.28 -13.24 -4.93
C GLN A 41 8.25 -12.03 -5.87
N SER A 42 8.04 -12.27 -7.14
CA SER A 42 8.00 -11.15 -8.12
C SER A 42 6.69 -10.35 -8.01
N ASP A 43 5.63 -10.97 -7.60
CA ASP A 43 4.33 -10.29 -7.47
C ASP A 43 4.33 -9.34 -6.27
N ARG A 44 5.05 -9.72 -5.25
CA ARG A 44 5.16 -8.88 -4.00
C ARG A 44 6.06 -7.68 -4.34
N GLN A 45 7.23 -7.99 -4.86
CA GLN A 45 8.22 -6.96 -5.23
C GLN A 45 7.54 -5.89 -6.09
N SER A 46 6.74 -6.31 -7.03
CA SER A 46 6.02 -5.35 -7.91
C SER A 46 5.17 -4.36 -7.12
N ALA A 47 4.21 -4.90 -6.41
CA ALA A 47 3.32 -4.00 -5.61
C ALA A 47 4.12 -3.19 -4.60
N CYS A 48 5.08 -3.80 -3.96
CA CYS A 48 5.90 -3.05 -2.96
C CYS A 48 6.50 -1.81 -3.65
N ASN A 49 6.96 -2.00 -4.87
CA ASN A 49 7.56 -0.85 -5.63
C ASN A 49 6.56 0.29 -5.81
N CYS A 50 5.32 -0.06 -6.08
CA CYS A 50 4.26 0.97 -6.29
C CYS A 50 4.22 1.93 -5.10
N LEU A 51 4.06 1.38 -3.93
CA LEU A 51 4.01 2.22 -2.70
C LEU A 51 5.29 3.03 -2.53
N LYS A 52 6.40 2.37 -2.72
CA LYS A 52 7.74 3.01 -2.58
C LYS A 52 7.83 4.22 -3.54
N GLY A 53 7.66 3.95 -4.81
CA GLY A 53 7.73 5.03 -5.86
C GLY A 53 6.78 6.16 -5.46
N ILE A 54 5.57 5.79 -5.11
CA ILE A 54 4.54 6.79 -4.69
C ILE A 54 5.03 7.67 -3.53
N ALA A 55 5.23 7.04 -2.41
CA ALA A 55 5.71 7.76 -1.20
C ALA A 55 6.92 8.67 -1.52
N ARG A 56 7.76 8.21 -2.42
CA ARG A 56 8.95 9.01 -2.81
C ARG A 56 8.55 10.32 -3.49
N GLY A 57 7.45 10.32 -4.18
CA GLY A 57 7.00 11.56 -4.88
C GLY A 57 6.16 12.42 -3.94
N ILE A 58 5.51 11.80 -2.99
CA ILE A 58 4.66 12.58 -2.03
C ILE A 58 5.59 13.32 -1.04
N HIS A 59 5.22 14.51 -0.66
CA HIS A 59 6.07 15.29 0.30
C HIS A 59 5.40 15.26 1.69
N ASN A 60 4.12 15.48 1.74
CA ASN A 60 3.42 15.46 3.08
C ASN A 60 2.88 14.05 3.31
N LEU A 61 3.78 13.11 3.50
CA LEU A 61 3.33 11.70 3.73
C LEU A 61 3.18 11.50 5.25
N ASN A 62 2.11 10.83 5.63
CA ASN A 62 1.87 10.58 7.09
C ASN A 62 1.96 9.07 7.39
N GLU A 63 3.09 8.66 7.90
CA GLU A 63 3.28 7.21 8.23
C GLU A 63 2.20 6.76 9.22
N ASP A 64 1.81 7.64 10.10
CA ASP A 64 0.77 7.32 11.12
C ASP A 64 -0.47 6.69 10.45
N ASN A 65 -0.99 7.35 9.43
CA ASN A 65 -2.20 6.79 8.75
C ASN A 65 -1.80 5.56 7.91
N ALA A 66 -0.71 5.66 7.19
CA ALA A 66 -0.24 4.50 6.34
C ALA A 66 -0.23 3.19 7.15
N ARG A 67 0.20 3.32 8.37
CA ARG A 67 0.28 2.18 9.34
C ARG A 67 -1.11 1.84 9.90
N SER A 68 -1.94 2.84 9.95
CA SER A 68 -3.34 2.71 10.48
C SER A 68 -4.28 1.96 9.50
N ILE A 69 -3.89 1.85 8.26
CA ILE A 69 -4.73 1.14 7.23
C ILE A 69 -4.88 -0.37 7.55
N PRO A 70 -3.77 -1.11 7.56
CA PRO A 70 -3.83 -2.56 7.81
C PRO A 70 -4.51 -3.02 9.11
N PRO A 71 -4.26 -2.40 10.25
CA PRO A 71 -4.89 -2.82 11.53
C PRO A 71 -6.42 -2.75 11.50
N LYS A 72 -6.93 -1.58 11.21
CA LYS A 72 -8.42 -1.43 11.16
C LYS A 72 -9.06 -2.36 10.15
N CYS A 73 -8.36 -2.56 9.07
CA CYS A 73 -8.88 -3.45 7.99
C CYS A 73 -8.91 -4.93 8.43
N GLY A 74 -7.78 -5.45 8.84
CA GLY A 74 -7.72 -6.88 9.28
C GLY A 74 -6.98 -7.77 8.28
N VAL A 75 -6.19 -7.17 7.43
CA VAL A 75 -5.43 -7.95 6.42
C VAL A 75 -3.92 -7.90 6.69
N ASN A 76 -3.49 -6.87 7.35
CA ASN A 76 -2.02 -6.72 7.67
C ASN A 76 -1.11 -6.80 6.42
N LEU A 77 -0.78 -5.67 5.84
CA LEU A 77 0.10 -5.72 4.62
C LEU A 77 1.58 -5.77 5.04
N PRO A 78 2.42 -6.33 4.19
CA PRO A 78 3.88 -6.37 4.47
C PRO A 78 4.50 -4.98 4.22
N TYR A 79 3.75 -4.07 3.63
CA TYR A 79 4.30 -2.70 3.36
C TYR A 79 3.17 -1.71 3.13
N THR A 80 3.45 -0.44 3.22
CA THR A 80 2.39 0.60 3.01
C THR A 80 3.03 1.77 2.24
N ILE A 81 2.39 2.90 2.26
CA ILE A 81 2.92 4.10 1.55
C ILE A 81 3.92 4.77 2.51
N SER A 82 5.08 4.17 2.65
CA SER A 82 6.13 4.74 3.56
C SER A 82 7.51 4.45 2.98
N LEU A 83 8.53 4.94 3.64
CA LEU A 83 9.94 4.72 3.17
C LEU A 83 10.70 3.87 4.21
N ASN A 84 10.03 2.85 4.67
CA ASN A 84 10.62 1.93 5.69
C ASN A 84 10.90 0.54 5.11
N ILE A 85 10.12 0.15 4.12
CA ILE A 85 10.35 -1.20 3.53
C ILE A 85 11.36 -1.08 2.39
N ASP A 86 11.92 -2.20 2.00
CA ASP A 86 12.94 -2.22 0.92
C ASP A 86 12.39 -2.75 -0.40
N CYS A 87 11.36 -3.55 -0.36
CA CYS A 87 10.76 -4.11 -1.61
C CYS A 87 11.80 -4.86 -2.46
N SER A 88 12.91 -5.21 -1.88
CA SER A 88 13.97 -5.94 -2.63
C SER A 88 13.93 -7.45 -2.33
N ARG A 89 13.53 -7.77 -1.14
CA ARG A 89 13.44 -9.19 -0.70
C ARG A 89 11.98 -9.68 -0.63
N VAL A 90 11.13 -8.86 -0.07
CA VAL A 90 9.70 -9.27 0.04
C VAL A 90 9.09 -9.40 -1.35
N ILE A 1 3.34 -9.22 -12.20
CA ILE A 1 2.16 -8.31 -12.23
C ILE A 1 2.67 -6.91 -12.68
N ASP A 2 1.78 -6.02 -13.01
CA ASP A 2 2.22 -4.66 -13.45
C ASP A 2 1.70 -3.63 -12.44
N CYS A 3 2.49 -2.60 -12.21
CA CYS A 3 2.09 -1.55 -11.24
C CYS A 3 0.79 -0.86 -11.68
N GLY A 4 0.44 -0.98 -12.94
CA GLY A 4 -0.82 -0.33 -13.43
C GLY A 4 -2.03 -0.81 -12.60
N HIS A 5 -2.14 -2.10 -12.37
CA HIS A 5 -3.32 -2.58 -11.57
C HIS A 5 -3.04 -2.29 -10.09
N VAL A 6 -1.83 -2.55 -9.66
CA VAL A 6 -1.46 -2.29 -8.23
C VAL A 6 -1.74 -0.82 -7.88
N ASP A 7 -1.52 0.06 -8.83
CA ASP A 7 -1.77 1.51 -8.59
C ASP A 7 -3.17 1.74 -8.06
N SER A 8 -4.14 1.44 -8.86
CA SER A 8 -5.56 1.62 -8.40
C SER A 8 -5.87 0.84 -7.11
N LEU A 9 -5.07 -0.16 -6.80
CA LEU A 9 -5.29 -0.96 -5.59
C LEU A 9 -4.66 -0.32 -4.35
N VAL A 10 -3.51 0.27 -4.50
CA VAL A 10 -2.83 0.92 -3.34
C VAL A 10 -3.09 2.43 -3.28
N ARG A 11 -3.45 3.00 -4.39
CA ARG A 11 -3.73 4.46 -4.44
C ARG A 11 -4.93 4.88 -3.56
N PRO A 12 -6.00 4.12 -3.52
CA PRO A 12 -7.15 4.47 -2.64
C PRO A 12 -6.79 4.51 -1.15
N CYS A 13 -5.78 3.78 -0.71
CA CYS A 13 -5.44 3.82 0.71
C CYS A 13 -4.69 5.11 1.03
N LEU A 14 -4.04 5.69 0.06
CA LEU A 14 -3.30 6.97 0.31
C LEU A 14 -4.24 8.09 0.79
N SER A 15 -5.49 8.01 0.39
CA SER A 15 -6.50 9.03 0.80
C SER A 15 -6.48 9.25 2.32
N TYR A 16 -6.09 8.24 3.03
CA TYR A 16 -6.03 8.34 4.53
C TYR A 16 -4.61 8.74 4.93
N VAL A 17 -3.68 8.11 4.28
CA VAL A 17 -2.23 8.39 4.56
C VAL A 17 -1.90 9.88 4.44
N GLN A 18 -2.56 10.58 3.55
CA GLN A 18 -2.30 12.01 3.40
C GLN A 18 -2.74 12.82 4.61
N GLY A 19 -3.63 12.27 5.40
CA GLY A 19 -4.12 13.00 6.62
C GLY A 19 -5.50 13.62 6.35
N GLY A 20 -6.34 12.89 5.68
CA GLY A 20 -7.71 13.40 5.36
C GLY A 20 -8.74 12.29 5.58
N PRO A 21 -9.95 12.49 5.10
CA PRO A 21 -11.03 11.47 5.21
C PRO A 21 -10.69 10.27 4.30
N GLY A 22 -10.73 9.08 4.85
CA GLY A 22 -10.41 7.87 4.04
C GLY A 22 -10.18 6.68 4.97
N PRO A 23 -9.55 5.64 4.46
CA PRO A 23 -8.99 5.61 3.09
C PRO A 23 -10.10 5.55 2.03
N SER A 24 -10.85 4.48 2.02
CA SER A 24 -11.95 4.28 1.03
C SER A 24 -12.61 2.93 1.25
N GLY A 25 -13.71 2.72 0.60
CA GLY A 25 -14.41 1.40 0.74
C GLY A 25 -13.64 0.39 -0.14
N GLN A 26 -12.64 0.87 -0.85
CA GLN A 26 -11.84 -0.06 -1.74
C GLN A 26 -10.46 -0.30 -1.12
N CYS A 27 -10.02 0.56 -0.23
CA CYS A 27 -8.68 0.34 0.40
C CYS A 27 -8.58 -1.08 0.96
N CYS A 28 -9.64 -1.54 1.58
CA CYS A 28 -9.59 -2.92 2.15
C CYS A 28 -9.81 -3.99 1.10
N ASP A 29 -10.95 -4.02 0.48
CA ASP A 29 -11.21 -5.06 -0.56
C ASP A 29 -10.17 -4.98 -1.68
N GLY A 30 -9.73 -3.81 -1.99
CA GLY A 30 -8.72 -3.62 -3.09
C GLY A 30 -7.34 -4.13 -2.65
N VAL A 31 -6.87 -3.65 -1.53
CA VAL A 31 -5.53 -4.09 -1.06
C VAL A 31 -5.57 -5.54 -0.51
N LYS A 32 -6.63 -5.93 0.13
CA LYS A 32 -6.74 -7.31 0.68
C LYS A 32 -6.59 -8.28 -0.49
N ASN A 33 -7.22 -7.95 -1.60
CA ASN A 33 -7.13 -8.84 -2.80
C ASN A 33 -5.71 -8.86 -3.33
N LEU A 34 -5.17 -7.72 -3.62
CA LEU A 34 -3.76 -7.64 -4.15
C LEU A 34 -2.81 -8.41 -3.23
N HIS A 35 -2.85 -8.08 -1.96
CA HIS A 35 -1.96 -8.77 -0.99
C HIS A 35 -2.12 -10.28 -1.08
N ASN A 36 -3.35 -10.73 -0.97
CA ASN A 36 -3.62 -12.20 -1.05
C ASN A 36 -3.17 -12.75 -2.41
N GLN A 37 -3.41 -12.00 -3.45
CA GLN A 37 -3.00 -12.44 -4.82
C GLN A 37 -1.49 -12.63 -4.89
N ALA A 38 -0.77 -11.72 -4.27
CA ALA A 38 0.73 -11.80 -4.27
C ALA A 38 1.26 -12.93 -3.38
N ARG A 39 1.76 -13.97 -3.99
CA ARG A 39 2.30 -15.13 -3.19
C ARG A 39 3.73 -15.51 -3.61
N SER A 40 4.30 -14.74 -4.50
CA SER A 40 5.69 -14.99 -5.03
C SER A 40 6.61 -13.80 -4.73
N GLN A 41 7.77 -13.79 -5.34
CA GLN A 41 8.71 -12.67 -5.13
C GLN A 41 8.56 -11.72 -6.34
N SER A 42 7.51 -11.85 -7.10
CA SER A 42 7.27 -10.97 -8.29
C SER A 42 6.09 -10.06 -7.99
N ASP A 43 5.07 -10.62 -7.40
CA ASP A 43 3.84 -9.82 -7.07
C ASP A 43 4.09 -8.85 -5.92
N ARG A 44 4.76 -9.34 -4.91
CA ARG A 44 5.06 -8.48 -3.73
C ARG A 44 6.08 -7.41 -4.11
N GLN A 45 7.16 -7.83 -4.71
CA GLN A 45 8.21 -6.85 -5.10
C GLN A 45 7.63 -5.83 -6.09
N SER A 46 6.73 -6.26 -6.95
CA SER A 46 6.15 -5.26 -7.92
C SER A 46 5.24 -4.28 -7.16
N ALA A 47 4.29 -4.82 -6.43
CA ALA A 47 3.39 -3.90 -5.68
C ALA A 47 4.20 -3.02 -4.74
N CYS A 48 5.24 -3.56 -4.16
CA CYS A 48 6.09 -2.79 -3.22
C CYS A 48 6.66 -1.54 -3.92
N ASN A 49 7.06 -1.71 -5.15
CA ASN A 49 7.62 -0.56 -5.93
C ASN A 49 6.57 0.54 -6.06
N CYS A 50 5.36 0.14 -6.36
CA CYS A 50 4.26 1.12 -6.52
C CYS A 50 4.18 2.06 -5.31
N LEU A 51 4.10 1.47 -4.14
CA LEU A 51 4.01 2.31 -2.90
C LEU A 51 5.29 3.11 -2.68
N LYS A 52 6.41 2.46 -2.75
CA LYS A 52 7.73 3.13 -2.54
C LYS A 52 7.90 4.31 -3.53
N GLY A 53 7.67 4.06 -4.79
CA GLY A 53 7.80 5.10 -5.85
C GLY A 53 6.83 6.24 -5.51
N ILE A 54 5.65 5.89 -5.10
CA ILE A 54 4.62 6.90 -4.72
C ILE A 54 5.05 7.70 -3.48
N ALA A 55 5.12 7.03 -2.36
CA ALA A 55 5.51 7.70 -1.07
C ALA A 55 6.74 8.59 -1.28
N ARG A 56 7.64 8.15 -2.12
CA ARG A 56 8.88 8.94 -2.38
C ARG A 56 8.57 10.31 -3.00
N GLY A 57 7.50 10.41 -3.74
CA GLY A 57 7.15 11.71 -4.36
C GLY A 57 6.12 12.48 -3.53
N ILE A 58 6.11 12.25 -2.24
CA ILE A 58 5.13 12.97 -1.35
C ILE A 58 5.95 13.76 -0.32
N HIS A 59 5.49 14.95 0.00
CA HIS A 59 6.22 15.79 1.00
C HIS A 59 5.61 15.51 2.39
N ASN A 60 4.32 15.67 2.52
CA ASN A 60 3.66 15.42 3.84
C ASN A 60 3.19 13.95 3.89
N LEU A 61 4.11 13.09 4.20
CA LEU A 61 3.78 11.63 4.29
C LEU A 61 3.40 11.34 5.76
N ASN A 62 2.24 10.76 6.00
CA ASN A 62 1.85 10.45 7.41
C ASN A 62 2.01 8.94 7.68
N GLU A 63 2.99 8.59 8.49
CA GLU A 63 3.22 7.14 8.80
C GLU A 63 2.10 6.61 9.71
N ASP A 64 1.58 7.45 10.57
CA ASP A 64 0.48 7.00 11.49
C ASP A 64 -0.70 6.46 10.68
N ASN A 65 -1.11 7.20 9.69
CA ASN A 65 -2.26 6.77 8.85
C ASN A 65 -1.87 5.57 7.98
N ALA A 66 -0.79 5.68 7.25
CA ALA A 66 -0.32 4.54 6.38
C ALA A 66 -0.27 3.22 7.16
N ARG A 67 0.21 3.32 8.37
CA ARG A 67 0.33 2.14 9.25
C ARG A 67 -1.05 1.80 9.86
N SER A 68 -1.93 2.77 9.89
CA SER A 68 -3.29 2.53 10.47
C SER A 68 -4.27 1.89 9.46
N ILE A 69 -3.86 1.74 8.23
CA ILE A 69 -4.75 1.11 7.19
C ILE A 69 -4.86 -0.43 7.49
N PRO A 70 -3.75 -1.14 7.49
CA PRO A 70 -3.78 -2.61 7.75
C PRO A 70 -4.47 -3.08 9.04
N PRO A 71 -4.22 -2.48 10.19
CA PRO A 71 -4.87 -2.91 11.46
C PRO A 71 -6.39 -2.80 11.44
N LYS A 72 -6.88 -1.62 11.13
CA LYS A 72 -8.35 -1.41 11.08
C LYS A 72 -9.00 -2.34 10.06
N CYS A 73 -8.32 -2.51 8.97
CA CYS A 73 -8.83 -3.40 7.89
C CYS A 73 -8.83 -4.88 8.30
N GLY A 74 -7.67 -5.38 8.66
CA GLY A 74 -7.55 -6.81 9.08
C GLY A 74 -6.88 -7.63 7.98
N VAL A 75 -5.95 -7.03 7.29
CA VAL A 75 -5.21 -7.74 6.21
C VAL A 75 -3.72 -7.78 6.54
N ASN A 76 -3.27 -6.78 7.25
CA ASN A 76 -1.84 -6.67 7.64
C ASN A 76 -0.90 -6.73 6.42
N LEU A 77 -0.51 -5.59 5.92
CA LEU A 77 0.39 -5.57 4.73
C LEU A 77 1.85 -5.63 5.20
N PRO A 78 2.72 -6.18 4.40
CA PRO A 78 4.17 -6.21 4.72
C PRO A 78 4.83 -4.88 4.35
N TYR A 79 4.09 -3.94 3.79
CA TYR A 79 4.70 -2.63 3.41
C TYR A 79 3.58 -1.64 3.03
N THR A 80 3.64 -0.44 3.53
CA THR A 80 2.58 0.59 3.21
C THR A 80 3.25 1.77 2.49
N ILE A 81 2.60 2.90 2.55
CA ILE A 81 3.14 4.15 1.89
C ILE A 81 4.17 4.79 2.85
N SER A 82 5.32 4.19 2.99
CA SER A 82 6.38 4.76 3.91
C SER A 82 7.74 4.19 3.51
N LEU A 83 8.76 4.58 4.21
CA LEU A 83 10.14 4.11 3.94
C LEU A 83 10.65 3.38 5.21
N ASN A 84 9.74 2.80 5.95
CA ASN A 84 10.14 2.08 7.20
C ASN A 84 9.76 0.59 7.15
N ILE A 85 9.82 0.00 5.98
CA ILE A 85 9.47 -1.44 5.84
C ILE A 85 10.36 -2.10 4.78
N ASP A 86 10.58 -3.39 4.92
CA ASP A 86 11.42 -4.12 3.94
C ASP A 86 10.66 -5.28 3.32
N CYS A 87 10.20 -5.08 2.12
CA CYS A 87 9.43 -6.14 1.40
C CYS A 87 10.25 -7.43 1.20
N SER A 88 11.43 -7.28 0.65
CA SER A 88 12.35 -8.44 0.38
C SER A 88 13.48 -7.93 -0.49
N ARG A 89 13.13 -7.39 -1.62
CA ARG A 89 14.17 -6.86 -2.55
C ARG A 89 13.50 -5.80 -3.46
N VAL A 90 12.65 -5.00 -2.87
CA VAL A 90 11.96 -3.95 -3.67
C VAL A 90 12.98 -2.81 -3.94
N ILE A 1 4.26 -8.98 -13.10
CA ILE A 1 3.32 -7.82 -13.00
C ILE A 1 4.14 -6.53 -13.22
N ASP A 2 3.50 -5.48 -13.62
CA ASP A 2 4.20 -4.18 -13.88
C ASP A 2 3.45 -3.02 -13.23
N CYS A 3 2.97 -3.23 -12.04
CA CYS A 3 2.20 -2.19 -11.29
C CYS A 3 1.08 -1.58 -12.18
N GLY A 4 0.49 -2.42 -13.00
CA GLY A 4 -0.61 -1.94 -13.90
C GLY A 4 -1.92 -1.94 -13.11
N HIS A 5 -2.05 -2.83 -12.16
CA HIS A 5 -3.30 -2.89 -11.35
C HIS A 5 -3.00 -2.54 -9.89
N VAL A 6 -1.86 -2.93 -9.40
CA VAL A 6 -1.48 -2.61 -7.98
C VAL A 6 -1.52 -1.10 -7.75
N ASP A 7 -1.05 -0.33 -8.70
CA ASP A 7 -1.06 1.16 -8.56
C ASP A 7 -2.44 1.68 -8.15
N SER A 8 -3.45 1.15 -8.78
CA SER A 8 -4.84 1.59 -8.47
C SER A 8 -5.37 0.92 -7.18
N LEU A 9 -4.76 -0.16 -6.77
CA LEU A 9 -5.22 -0.85 -5.54
C LEU A 9 -4.66 -0.15 -4.29
N VAL A 10 -3.45 0.34 -4.39
CA VAL A 10 -2.79 1.07 -3.25
C VAL A 10 -3.19 2.56 -3.20
N ARG A 11 -3.61 3.05 -4.33
CA ARG A 11 -4.04 4.48 -4.46
C ARG A 11 -5.12 4.90 -3.43
N PRO A 12 -6.17 4.13 -3.31
CA PRO A 12 -7.26 4.44 -2.34
C PRO A 12 -6.82 4.49 -0.89
N CYS A 13 -5.81 3.75 -0.48
CA CYS A 13 -5.40 3.81 0.92
C CYS A 13 -4.62 5.09 1.21
N LEU A 14 -4.05 5.68 0.20
CA LEU A 14 -3.27 6.95 0.39
C LEU A 14 -4.18 8.08 0.89
N SER A 15 -5.42 8.05 0.50
CA SER A 15 -6.38 9.12 0.94
C SER A 15 -6.39 9.29 2.46
N TYR A 16 -5.99 8.26 3.17
CA TYR A 16 -5.96 8.34 4.67
C TYR A 16 -4.54 8.71 5.10
N VAL A 17 -3.60 8.07 4.49
CA VAL A 17 -2.15 8.33 4.79
C VAL A 17 -1.80 9.82 4.67
N GLN A 18 -2.45 10.53 3.77
CA GLN A 18 -2.14 11.96 3.62
C GLN A 18 -2.55 12.77 4.86
N GLY A 19 -3.45 12.24 5.64
CA GLY A 19 -3.91 12.95 6.88
C GLY A 19 -5.25 13.65 6.63
N GLY A 20 -6.11 12.99 5.91
CA GLY A 20 -7.46 13.57 5.59
C GLY A 20 -8.53 12.49 5.77
N PRO A 21 -9.72 12.75 5.27
CA PRO A 21 -10.83 11.75 5.34
C PRO A 21 -10.53 10.56 4.41
N GLY A 22 -10.55 9.36 4.94
CA GLY A 22 -10.26 8.18 4.10
C GLY A 22 -10.12 6.95 4.99
N PRO A 23 -9.54 5.89 4.48
CA PRO A 23 -8.98 5.84 3.11
C PRO A 23 -10.10 5.77 2.05
N SER A 24 -10.85 4.71 2.09
CA SER A 24 -11.98 4.47 1.13
C SER A 24 -12.53 3.07 1.32
N GLY A 25 -13.69 2.82 0.79
CA GLY A 25 -14.29 1.47 0.93
C GLY A 25 -13.50 0.53 0.00
N GLN A 26 -12.60 1.09 -0.80
CA GLN A 26 -11.80 0.22 -1.73
C GLN A 26 -10.42 -0.04 -1.10
N CYS A 27 -10.03 0.72 -0.12
CA CYS A 27 -8.70 0.47 0.52
C CYS A 27 -8.66 -0.95 1.07
N CYS A 28 -9.74 -1.38 1.68
CA CYS A 28 -9.73 -2.78 2.23
C CYS A 28 -9.98 -3.81 1.13
N ASP A 29 -11.08 -3.73 0.48
CA ASP A 29 -11.41 -4.68 -0.62
C ASP A 29 -10.30 -4.71 -1.68
N GLY A 30 -9.89 -3.51 -2.03
CA GLY A 30 -8.83 -3.33 -3.05
C GLY A 30 -7.49 -3.90 -2.64
N VAL A 31 -7.03 -3.52 -1.48
CA VAL A 31 -5.71 -4.03 -1.02
C VAL A 31 -5.80 -5.48 -0.52
N LYS A 32 -6.89 -5.87 0.08
CA LYS A 32 -7.09 -7.26 0.61
C LYS A 32 -6.89 -8.17 -0.61
N ASN A 33 -7.47 -7.77 -1.72
CA ASN A 33 -7.34 -8.57 -3.00
C ASN A 33 -5.88 -8.57 -3.43
N LEU A 34 -5.29 -7.41 -3.45
CA LEU A 34 -3.86 -7.26 -3.87
C LEU A 34 -2.96 -8.26 -3.12
N HIS A 35 -2.95 -8.11 -1.81
CA HIS A 35 -2.12 -9.01 -0.95
C HIS A 35 -2.33 -10.49 -1.31
N ASN A 36 -3.57 -10.88 -1.32
CA ASN A 36 -3.94 -12.29 -1.65
C ASN A 36 -3.39 -12.68 -3.03
N GLN A 37 -3.45 -11.76 -3.94
CA GLN A 37 -2.96 -11.98 -5.32
C GLN A 37 -1.42 -12.11 -5.34
N ALA A 38 -0.77 -11.21 -4.68
CA ALA A 38 0.73 -11.22 -4.62
C ALA A 38 1.24 -12.29 -3.64
N ARG A 39 1.09 -13.54 -4.01
CA ARG A 39 1.56 -14.63 -3.08
C ARG A 39 2.98 -15.11 -3.42
N SER A 40 3.56 -14.49 -4.40
CA SER A 40 4.95 -14.87 -4.81
C SER A 40 5.93 -13.72 -4.49
N GLN A 41 7.20 -14.00 -4.34
CA GLN A 41 8.16 -12.93 -4.03
C GLN A 41 8.35 -11.93 -5.16
N SER A 42 7.88 -12.28 -6.33
CA SER A 42 8.02 -11.37 -7.49
C SER A 42 6.82 -10.40 -7.52
N ASP A 43 5.70 -10.80 -6.97
CA ASP A 43 4.52 -9.88 -6.99
C ASP A 43 4.67 -8.82 -5.88
N ARG A 44 5.44 -9.15 -4.88
CA ARG A 44 5.65 -8.21 -3.75
C ARG A 44 6.65 -7.15 -4.18
N GLN A 45 7.72 -7.53 -4.81
CA GLN A 45 8.73 -6.56 -5.26
C GLN A 45 8.09 -5.56 -6.24
N SER A 46 7.22 -6.03 -7.08
CA SER A 46 6.56 -5.10 -8.04
C SER A 46 5.57 -4.20 -7.28
N ALA A 47 4.63 -4.78 -6.56
CA ALA A 47 3.64 -3.97 -5.78
C ALA A 47 4.38 -2.97 -4.88
N CYS A 48 5.47 -3.41 -4.30
CA CYS A 48 6.26 -2.51 -3.40
C CYS A 48 6.61 -1.22 -4.16
N ASN A 49 7.17 -1.40 -5.34
CA ASN A 49 7.55 -0.21 -6.18
C ASN A 49 6.37 0.74 -6.33
N CYS A 50 5.19 0.21 -6.46
CA CYS A 50 3.97 1.08 -6.61
C CYS A 50 3.91 2.07 -5.42
N LEU A 51 3.85 1.53 -4.25
CA LEU A 51 3.78 2.36 -3.01
C LEU A 51 5.02 3.23 -2.86
N LYS A 52 6.17 2.61 -2.93
CA LYS A 52 7.47 3.34 -2.80
C LYS A 52 7.54 4.50 -3.79
N GLY A 53 7.32 4.21 -5.04
CA GLY A 53 7.36 5.26 -6.11
C GLY A 53 6.38 6.37 -5.75
N ILE A 54 5.23 5.98 -5.29
CA ILE A 54 4.20 6.98 -4.91
C ILE A 54 4.63 7.81 -3.69
N ALA A 55 4.81 7.16 -2.58
CA ALA A 55 5.24 7.84 -1.32
C ALA A 55 6.39 8.81 -1.60
N ARG A 56 7.35 8.34 -2.34
CA ARG A 56 8.53 9.17 -2.69
C ARG A 56 8.14 10.50 -3.36
N GLY A 57 7.02 10.50 -4.05
CA GLY A 57 6.55 11.74 -4.74
C GLY A 57 5.89 12.70 -3.74
N ILE A 58 5.50 12.19 -2.59
CA ILE A 58 4.84 13.08 -1.58
C ILE A 58 5.97 13.81 -0.82
N HIS A 59 5.62 14.86 -0.12
CA HIS A 59 6.68 15.62 0.63
C HIS A 59 6.72 15.16 2.09
N ASN A 60 5.63 15.28 2.79
CA ASN A 60 5.57 14.86 4.23
C ASN A 60 4.25 14.11 4.50
N LEU A 61 4.17 12.89 4.05
CA LEU A 61 2.96 12.07 4.25
C LEU A 61 2.84 11.70 5.73
N ASN A 62 1.97 10.78 6.05
CA ASN A 62 1.82 10.35 7.47
C ASN A 62 2.15 8.87 7.64
N GLU A 63 3.05 8.55 8.53
CA GLU A 63 3.43 7.12 8.75
C GLU A 63 2.41 6.47 9.69
N ASP A 64 1.90 7.22 10.63
CA ASP A 64 0.91 6.64 11.60
C ASP A 64 -0.33 6.12 10.83
N ASN A 65 -0.79 6.89 9.88
CA ASN A 65 -1.97 6.49 9.09
C ASN A 65 -1.63 5.29 8.19
N ALA A 66 -0.56 5.42 7.43
CA ALA A 66 -0.13 4.30 6.53
C ALA A 66 -0.10 2.95 7.27
N ARG A 67 0.40 2.95 8.47
CA ARG A 67 0.47 1.70 9.29
C ARG A 67 -0.91 1.41 9.90
N SER A 68 -1.73 2.42 10.00
CA SER A 68 -3.10 2.28 10.59
C SER A 68 -4.09 1.62 9.60
N ILE A 69 -3.75 1.57 8.34
CA ILE A 69 -4.65 0.94 7.30
C ILE A 69 -4.83 -0.58 7.54
N PRO A 70 -3.77 -1.35 7.52
CA PRO A 70 -3.87 -2.81 7.71
C PRO A 70 -4.56 -3.31 9.02
N PRO A 71 -4.27 -2.75 10.17
CA PRO A 71 -4.90 -3.19 11.45
C PRO A 71 -6.42 -2.99 11.46
N LYS A 72 -6.85 -1.78 11.23
CA LYS A 72 -8.33 -1.51 11.23
C LYS A 72 -9.05 -2.35 10.19
N CYS A 73 -8.42 -2.49 9.06
CA CYS A 73 -9.00 -3.28 7.96
C CYS A 73 -9.09 -4.78 8.32
N GLY A 74 -7.98 -5.37 8.65
CA GLY A 74 -7.95 -6.82 9.02
C GLY A 74 -7.30 -7.66 7.93
N VAL A 75 -6.43 -7.07 7.16
CA VAL A 75 -5.74 -7.80 6.07
C VAL A 75 -4.24 -7.91 6.30
N ASN A 76 -3.72 -7.03 7.11
CA ASN A 76 -2.26 -6.98 7.45
C ASN A 76 -1.36 -7.12 6.20
N LEU A 77 -0.91 -5.99 5.69
CA LEU A 77 -0.03 -6.03 4.47
C LEU A 77 1.42 -6.14 4.91
N PRO A 78 2.28 -6.63 4.05
CA PRO A 78 3.72 -6.74 4.38
C PRO A 78 4.38 -5.38 4.15
N TYR A 79 3.66 -4.42 3.62
CA TYR A 79 4.25 -3.07 3.38
C TYR A 79 3.14 -2.06 3.01
N THR A 80 3.36 -0.80 3.29
CA THR A 80 2.35 0.27 2.98
C THR A 80 3.08 1.50 2.40
N ILE A 81 2.51 2.65 2.57
CA ILE A 81 3.11 3.92 2.05
C ILE A 81 4.19 4.34 3.08
N SER A 82 5.34 3.72 3.02
CA SER A 82 6.44 4.08 3.98
C SER A 82 7.79 3.73 3.33
N LEU A 83 8.87 4.20 3.90
CA LEU A 83 10.21 3.90 3.34
C LEU A 83 10.98 3.07 4.37
N ASN A 84 10.26 2.21 5.05
CA ASN A 84 10.92 1.33 6.09
C ASN A 84 10.90 -0.15 5.68
N ILE A 85 10.16 -0.49 4.64
CA ILE A 85 10.11 -1.92 4.20
C ILE A 85 11.31 -2.18 3.29
N ASP A 86 11.77 -3.41 3.30
CA ASP A 86 12.94 -3.82 2.47
C ASP A 86 12.50 -4.36 1.11
N CYS A 87 11.39 -5.08 1.10
CA CYS A 87 10.87 -5.68 -0.16
C CYS A 87 11.95 -6.49 -0.89
N SER A 88 12.95 -6.94 -0.17
CA SER A 88 14.05 -7.74 -0.78
C SER A 88 13.89 -9.23 -0.42
N ARG A 89 13.20 -9.52 0.65
CA ARG A 89 13.00 -10.96 1.05
C ARG A 89 11.54 -11.16 1.49
N VAL A 90 10.63 -10.45 0.87
CA VAL A 90 9.19 -10.56 1.23
C VAL A 90 8.48 -11.41 0.15
N ILE A 1 4.86 -8.22 -13.98
CA ILE A 1 3.83 -7.64 -13.06
C ILE A 1 4.07 -6.12 -12.99
N ASP A 2 3.94 -5.46 -14.10
CA ASP A 2 4.15 -3.97 -14.14
C ASP A 2 3.17 -3.29 -13.18
N CYS A 3 3.58 -2.25 -12.51
CA CYS A 3 2.63 -1.58 -11.57
C CYS A 3 1.61 -0.73 -12.35
N GLY A 4 0.77 -1.41 -13.08
CA GLY A 4 -0.27 -0.72 -13.89
C GLY A 4 -1.63 -0.92 -13.21
N HIS A 5 -1.81 -2.07 -12.62
CA HIS A 5 -3.11 -2.35 -11.91
C HIS A 5 -2.92 -2.15 -10.41
N VAL A 6 -1.78 -2.52 -9.89
CA VAL A 6 -1.54 -2.36 -8.43
C VAL A 6 -1.64 -0.88 -8.04
N ASP A 7 -1.31 0.00 -8.95
CA ASP A 7 -1.38 1.48 -8.65
C ASP A 7 -2.78 1.85 -8.15
N SER A 8 -3.74 1.66 -8.99
CA SER A 8 -5.15 1.97 -8.66
C SER A 8 -5.62 1.15 -7.44
N LEU A 9 -5.02 0.00 -7.22
CA LEU A 9 -5.42 -0.83 -6.07
C LEU A 9 -4.95 -0.19 -4.76
N VAL A 10 -3.73 0.29 -4.71
CA VAL A 10 -3.23 0.93 -3.45
C VAL A 10 -3.45 2.47 -3.46
N ARG A 11 -4.17 2.91 -4.44
CA ARG A 11 -4.47 4.38 -4.59
C ARG A 11 -5.57 4.88 -3.62
N PRO A 12 -6.56 4.08 -3.29
CA PRO A 12 -7.66 4.54 -2.41
C PRO A 12 -7.21 4.72 -0.96
N CYS A 13 -6.17 4.03 -0.52
CA CYS A 13 -5.75 4.24 0.89
C CYS A 13 -4.81 5.46 1.05
N LEU A 14 -4.36 6.02 -0.04
CA LEU A 14 -3.45 7.22 0.02
C LEU A 14 -4.18 8.43 0.63
N SER A 15 -5.46 8.47 0.38
CA SER A 15 -6.33 9.59 0.90
C SER A 15 -6.17 9.75 2.42
N TYR A 16 -5.92 8.66 3.09
CA TYR A 16 -5.77 8.70 4.57
C TYR A 16 -4.32 8.99 4.96
N VAL A 17 -3.44 8.31 4.28
CA VAL A 17 -1.99 8.51 4.55
C VAL A 17 -1.59 9.99 4.43
N GLN A 18 -2.18 10.73 3.53
CA GLN A 18 -1.83 12.15 3.39
C GLN A 18 -2.32 12.98 4.59
N GLY A 19 -3.27 12.46 5.33
CA GLY A 19 -3.81 13.21 6.52
C GLY A 19 -5.23 13.72 6.24
N GLY A 20 -6.04 12.89 5.63
CA GLY A 20 -7.44 13.30 5.32
C GLY A 20 -8.40 12.18 5.73
N PRO A 21 -9.66 12.33 5.42
CA PRO A 21 -10.67 11.29 5.75
C PRO A 21 -10.44 10.05 4.86
N GLY A 22 -10.63 8.89 5.41
CA GLY A 22 -10.43 7.64 4.62
C GLY A 22 -10.01 6.50 5.57
N PRO A 23 -9.38 5.48 5.04
CA PRO A 23 -8.96 5.41 3.62
C PRO A 23 -10.16 5.29 2.69
N SER A 24 -10.83 4.17 2.76
CA SER A 24 -12.04 3.93 1.89
C SER A 24 -12.51 2.48 2.05
N GLY A 25 -13.78 2.25 1.88
CA GLY A 25 -14.28 0.84 2.01
C GLY A 25 -13.80 0.03 0.79
N GLN A 26 -13.19 0.69 -0.16
CA GLN A 26 -12.70 -0.04 -1.39
C GLN A 26 -11.25 -0.48 -1.16
N CYS A 27 -10.54 0.21 -0.31
CA CYS A 27 -9.11 -0.17 -0.05
C CYS A 27 -9.02 -1.60 0.44
N CYS A 28 -9.70 -1.94 1.50
CA CYS A 28 -9.63 -3.34 2.01
C CYS A 28 -10.00 -4.39 0.99
N ASP A 29 -10.68 -4.01 -0.05
CA ASP A 29 -11.07 -4.99 -1.10
C ASP A 29 -9.99 -4.99 -2.18
N GLY A 30 -9.61 -3.84 -2.62
CA GLY A 30 -8.56 -3.73 -3.69
C GLY A 30 -7.17 -4.10 -3.16
N VAL A 31 -6.90 -3.75 -1.95
CA VAL A 31 -5.58 -4.05 -1.32
C VAL A 31 -5.53 -5.51 -0.84
N LYS A 32 -6.57 -6.00 -0.21
CA LYS A 32 -6.57 -7.41 0.25
C LYS A 32 -6.38 -8.30 -0.98
N ASN A 33 -7.10 -7.98 -2.02
CA ASN A 33 -7.01 -8.77 -3.30
C ASN A 33 -5.55 -8.85 -3.73
N LEU A 34 -4.98 -7.71 -3.99
CA LEU A 34 -3.55 -7.59 -4.41
C LEU A 34 -2.67 -8.45 -3.50
N HIS A 35 -2.76 -8.14 -2.23
CA HIS A 35 -1.97 -8.87 -1.20
C HIS A 35 -2.08 -10.40 -1.36
N ASN A 36 -3.31 -10.83 -1.47
CA ASN A 36 -3.61 -12.29 -1.63
C ASN A 36 -3.22 -12.81 -3.02
N GLN A 37 -3.29 -11.96 -4.01
CA GLN A 37 -2.93 -12.35 -5.40
C GLN A 37 -1.40 -12.57 -5.48
N ALA A 38 -0.67 -11.76 -4.78
CA ALA A 38 0.81 -11.86 -4.79
C ALA A 38 1.30 -13.09 -3.98
N ARG A 39 1.28 -14.23 -4.60
CA ARG A 39 1.73 -15.48 -3.90
C ARG A 39 3.22 -15.77 -4.17
N SER A 40 3.78 -15.04 -5.09
CA SER A 40 5.22 -15.25 -5.43
C SER A 40 6.07 -14.09 -4.89
N GLN A 41 7.33 -14.11 -5.21
CA GLN A 41 8.27 -13.03 -4.75
C GLN A 41 8.21 -11.83 -5.72
N SER A 42 7.90 -12.12 -6.96
CA SER A 42 7.83 -11.02 -7.98
C SER A 42 6.60 -10.15 -7.78
N ASP A 43 5.49 -10.77 -7.46
CA ASP A 43 4.24 -10.00 -7.26
C ASP A 43 4.30 -9.10 -6.03
N ARG A 44 5.13 -9.48 -5.08
CA ARG A 44 5.24 -8.65 -3.84
C ARG A 44 6.23 -7.52 -4.11
N GLN A 45 7.33 -7.83 -4.76
CA GLN A 45 8.35 -6.77 -5.06
C GLN A 45 7.72 -5.71 -5.96
N SER A 46 6.91 -6.13 -6.91
CA SER A 46 6.25 -5.14 -7.83
C SER A 46 5.29 -4.24 -7.05
N ALA A 47 4.34 -4.88 -6.41
CA ALA A 47 3.34 -4.10 -5.61
C ALA A 47 4.03 -3.20 -4.58
N CYS A 48 5.06 -3.72 -3.94
CA CYS A 48 5.78 -2.90 -2.93
C CYS A 48 6.28 -1.59 -3.58
N ASN A 49 6.73 -1.72 -4.80
CA ASN A 49 7.23 -0.54 -5.56
C ASN A 49 6.12 0.49 -5.79
N CYS A 50 4.92 0.02 -5.97
CA CYS A 50 3.77 0.94 -6.20
C CYS A 50 3.63 1.88 -5.00
N LEU A 51 3.43 1.30 -3.85
CA LEU A 51 3.27 2.10 -2.60
C LEU A 51 4.53 2.89 -2.24
N LYS A 52 5.66 2.23 -2.28
CA LYS A 52 6.96 2.87 -1.96
C LYS A 52 7.27 3.96 -3.00
N GLY A 53 7.17 3.61 -4.25
CA GLY A 53 7.42 4.56 -5.37
C GLY A 53 6.61 5.83 -5.16
N ILE A 54 5.35 5.65 -4.85
CA ILE A 54 4.43 6.81 -4.60
C ILE A 54 4.96 7.69 -3.44
N ALA A 55 4.93 7.12 -2.27
CA ALA A 55 5.38 7.81 -1.03
C ALA A 55 6.69 8.57 -1.32
N ARG A 56 7.60 7.87 -1.93
CA ARG A 56 8.93 8.47 -2.27
C ARG A 56 8.83 9.84 -2.98
N GLY A 57 7.81 10.00 -3.77
CA GLY A 57 7.62 11.29 -4.51
C GLY A 57 6.86 12.28 -3.64
N ILE A 58 6.06 11.78 -2.73
CA ILE A 58 5.28 12.69 -1.83
C ILE A 58 6.22 13.24 -0.74
N HIS A 59 5.99 14.46 -0.34
CA HIS A 59 6.85 15.10 0.71
C HIS A 59 6.06 15.24 2.02
N ASN A 60 4.85 15.74 1.91
CA ASN A 60 4.00 15.93 3.12
C ASN A 60 3.15 14.66 3.32
N LEU A 61 3.79 13.58 3.69
CA LEU A 61 3.04 12.30 3.91
C LEU A 61 2.94 12.03 5.43
N ASN A 62 1.93 11.28 5.83
CA ASN A 62 1.74 10.98 7.28
C ASN A 62 1.92 9.46 7.53
N GLU A 63 2.88 9.13 8.35
CA GLU A 63 3.12 7.68 8.66
C GLU A 63 2.02 7.15 9.58
N ASP A 64 1.53 7.98 10.48
CA ASP A 64 0.46 7.49 11.41
C ASP A 64 -0.67 6.88 10.61
N ASN A 65 -1.11 7.55 9.58
CA ASN A 65 -2.23 7.00 8.77
C ASN A 65 -1.78 5.79 7.94
N ALA A 66 -0.73 5.93 7.17
CA ALA A 66 -0.22 4.77 6.35
C ALA A 66 -0.16 3.51 7.21
N ARG A 67 0.33 3.70 8.40
CA ARG A 67 0.46 2.59 9.38
C ARG A 67 -0.90 2.23 9.98
N SER A 68 -1.76 3.19 10.09
CA SER A 68 -3.11 2.90 10.67
C SER A 68 -4.10 2.26 9.68
N ILE A 69 -3.67 1.99 8.48
CA ILE A 69 -4.56 1.35 7.45
C ILE A 69 -4.61 -0.18 7.73
N PRO A 70 -3.49 -0.86 7.69
CA PRO A 70 -3.46 -2.33 7.91
C PRO A 70 -4.00 -2.81 9.27
N PRO A 71 -3.71 -2.16 10.39
CA PRO A 71 -4.18 -2.61 11.72
C PRO A 71 -5.71 -2.52 11.87
N LYS A 72 -6.36 -1.83 10.97
CA LYS A 72 -7.85 -1.70 11.07
C LYS A 72 -8.54 -2.51 9.98
N CYS A 73 -7.96 -2.53 8.82
CA CYS A 73 -8.55 -3.29 7.69
C CYS A 73 -8.77 -4.78 8.02
N GLY A 74 -7.73 -5.43 8.48
CA GLY A 74 -7.84 -6.88 8.84
C GLY A 74 -6.98 -7.77 7.94
N VAL A 75 -6.15 -7.17 7.13
CA VAL A 75 -5.26 -7.97 6.23
C VAL A 75 -3.78 -7.79 6.55
N ASN A 76 -3.46 -6.76 7.28
CA ASN A 76 -2.03 -6.46 7.66
C ASN A 76 -1.04 -6.61 6.49
N LEU A 77 -1.02 -5.59 5.66
CA LEU A 77 -0.09 -5.60 4.49
C LEU A 77 1.37 -5.60 4.97
N PRO A 78 2.26 -6.18 4.19
CA PRO A 78 3.69 -6.19 4.55
C PRO A 78 4.35 -4.87 4.12
N TYR A 79 3.60 -3.96 3.52
CA TYR A 79 4.19 -2.65 3.08
C TYR A 79 3.05 -1.71 2.66
N THR A 80 3.24 -0.42 2.85
CA THR A 80 2.19 0.58 2.48
C THR A 80 2.86 1.85 1.95
N ILE A 81 2.18 2.95 2.03
CA ILE A 81 2.74 4.24 1.55
C ILE A 81 3.66 4.79 2.66
N SER A 82 4.86 4.27 2.73
CA SER A 82 5.85 4.71 3.74
C SER A 82 7.26 4.25 3.34
N LEU A 83 8.23 4.42 4.22
CA LEU A 83 9.62 4.00 3.91
C LEU A 83 10.22 3.16 5.05
N ASN A 84 9.40 2.43 5.75
CA ASN A 84 9.93 1.59 6.89
C ASN A 84 9.47 0.13 6.75
N ILE A 85 9.28 -0.33 5.54
CA ILE A 85 8.83 -1.74 5.31
C ILE A 85 9.69 -2.40 4.23
N ASP A 86 10.80 -2.95 4.63
CA ASP A 86 11.69 -3.61 3.61
C ASP A 86 11.12 -4.93 3.08
N CYS A 87 10.31 -4.81 2.05
CA CYS A 87 9.70 -6.03 1.42
C CYS A 87 10.73 -7.13 1.17
N SER A 88 11.74 -6.83 0.39
CA SER A 88 12.85 -7.79 0.04
C SER A 88 13.79 -7.16 -0.96
N ARG A 89 13.26 -6.62 -2.04
CA ARG A 89 14.16 -5.98 -3.05
C ARG A 89 13.31 -4.98 -3.83
N VAL A 90 12.39 -4.34 -3.16
CA VAL A 90 11.51 -3.36 -3.81
C VAL A 90 12.34 -2.08 -4.13
N ILE A 1 2.98 -7.54 -14.20
CA ILE A 1 2.29 -6.71 -13.17
C ILE A 1 2.98 -5.34 -13.12
N ASP A 2 4.23 -5.33 -12.72
CA ASP A 2 5.01 -4.04 -12.64
C ASP A 2 4.27 -3.04 -11.73
N CYS A 3 3.35 -2.27 -12.26
CA CYS A 3 2.59 -1.31 -11.39
C CYS A 3 1.42 -0.68 -12.16
N GLY A 4 0.79 -1.48 -12.97
CA GLY A 4 -0.37 -0.96 -13.75
C GLY A 4 -1.66 -1.14 -12.96
N HIS A 5 -1.95 -2.35 -12.57
CA HIS A 5 -3.19 -2.62 -11.79
C HIS A 5 -2.92 -2.39 -10.29
N VAL A 6 -1.73 -2.70 -9.86
CA VAL A 6 -1.40 -2.51 -8.41
C VAL A 6 -1.57 -1.03 -8.01
N ASP A 7 -1.25 -0.12 -8.90
CA ASP A 7 -1.38 1.33 -8.58
C ASP A 7 -2.80 1.64 -8.09
N SER A 8 -3.77 1.45 -8.94
CA SER A 8 -5.19 1.73 -8.53
C SER A 8 -5.59 0.91 -7.29
N LEU A 9 -4.89 -0.17 -7.03
CA LEU A 9 -5.23 -0.99 -5.86
C LEU A 9 -4.65 -0.38 -4.58
N VAL A 10 -3.52 0.27 -4.66
CA VAL A 10 -2.90 0.90 -3.43
C VAL A 10 -3.19 2.41 -3.35
N ARG A 11 -3.59 2.97 -4.44
CA ARG A 11 -3.92 4.44 -4.50
C ARG A 11 -5.05 4.85 -3.53
N PRO A 12 -6.13 4.09 -3.44
CA PRO A 12 -7.25 4.43 -2.53
C PRO A 12 -6.87 4.46 -1.05
N CYS A 13 -5.85 3.72 -0.64
CA CYS A 13 -5.49 3.76 0.79
C CYS A 13 -4.77 5.06 1.14
N LEU A 14 -4.23 5.74 0.16
CA LEU A 14 -3.51 7.03 0.44
C LEU A 14 -4.46 8.09 1.01
N SER A 15 -5.72 7.97 0.69
CA SER A 15 -6.76 8.91 1.18
C SER A 15 -6.68 9.13 2.70
N TYR A 16 -6.18 8.12 3.36
CA TYR A 16 -6.03 8.17 4.85
C TYR A 16 -4.60 8.57 5.18
N VAL A 17 -3.69 7.95 4.48
CA VAL A 17 -2.24 8.25 4.71
C VAL A 17 -1.93 9.74 4.51
N GLN A 18 -2.63 10.40 3.63
CA GLN A 18 -2.37 11.84 3.40
C GLN A 18 -2.60 12.66 4.67
N GLY A 19 -3.45 12.16 5.54
CA GLY A 19 -3.75 12.88 6.82
C GLY A 19 -5.15 13.48 6.79
N GLY A 20 -6.07 12.78 6.16
CA GLY A 20 -7.47 13.26 6.06
C GLY A 20 -8.43 12.10 6.30
N PRO A 21 -9.69 12.28 5.96
CA PRO A 21 -10.70 11.20 6.13
C PRO A 21 -10.44 10.09 5.10
N GLY A 22 -10.62 8.86 5.49
CA GLY A 22 -10.39 7.73 4.54
C GLY A 22 -10.16 6.45 5.35
N PRO A 23 -9.50 5.48 4.76
CA PRO A 23 -8.98 5.56 3.37
C PRO A 23 -10.10 5.58 2.32
N SER A 24 -10.82 4.49 2.24
CA SER A 24 -11.93 4.37 1.25
C SER A 24 -12.57 3.00 1.37
N GLY A 25 -13.68 2.83 0.73
CA GLY A 25 -14.36 1.50 0.78
C GLY A 25 -13.59 0.58 -0.18
N GLN A 26 -12.61 1.11 -0.87
CA GLN A 26 -11.82 0.25 -1.81
C GLN A 26 -10.44 -0.05 -1.22
N CYS A 27 -10.06 0.62 -0.18
CA CYS A 27 -8.72 0.35 0.43
C CYS A 27 -8.68 -1.09 0.95
N CYS A 28 -9.71 -1.51 1.64
CA CYS A 28 -9.71 -2.89 2.18
C CYS A 28 -10.09 -3.97 1.18
N ASP A 29 -10.79 -3.60 0.17
CA ASP A 29 -11.20 -4.58 -0.87
C ASP A 29 -10.08 -4.65 -1.92
N GLY A 30 -9.65 -3.50 -2.34
CA GLY A 30 -8.57 -3.41 -3.37
C GLY A 30 -7.24 -3.98 -2.86
N VAL A 31 -6.86 -3.61 -1.67
CA VAL A 31 -5.57 -4.11 -1.11
C VAL A 31 -5.66 -5.56 -0.63
N LYS A 32 -6.74 -5.93 0.00
CA LYS A 32 -6.88 -7.33 0.49
C LYS A 32 -6.75 -8.26 -0.72
N ASN A 33 -7.43 -7.89 -1.78
CA ASN A 33 -7.39 -8.71 -3.02
C ASN A 33 -5.97 -8.81 -3.57
N LEU A 34 -5.35 -7.68 -3.84
CA LEU A 34 -3.96 -7.68 -4.37
C LEU A 34 -3.05 -8.53 -3.49
N HIS A 35 -3.02 -8.21 -2.22
CA HIS A 35 -2.15 -8.97 -1.26
C HIS A 35 -2.39 -10.48 -1.41
N ASN A 36 -3.64 -10.85 -1.30
CA ASN A 36 -4.05 -12.29 -1.42
C ASN A 36 -3.52 -12.86 -2.75
N GLN A 37 -3.64 -12.08 -3.78
CA GLN A 37 -3.18 -12.48 -5.15
C GLN A 37 -1.65 -12.63 -5.22
N ALA A 38 -0.98 -11.72 -4.57
CA ALA A 38 0.51 -11.71 -4.54
C ALA A 38 1.07 -12.85 -3.66
N ARG A 39 1.08 -14.03 -4.20
CA ARG A 39 1.58 -15.23 -3.46
C ARG A 39 3.07 -15.48 -3.73
N SER A 40 3.59 -14.84 -4.75
CA SER A 40 5.03 -15.00 -5.13
C SER A 40 5.85 -13.77 -4.71
N GLN A 41 7.14 -13.92 -4.59
CA GLN A 41 7.99 -12.76 -4.19
C GLN A 41 7.82 -11.68 -5.27
N SER A 42 7.74 -12.09 -6.50
CA SER A 42 7.56 -11.14 -7.64
C SER A 42 6.38 -10.19 -7.41
N ASP A 43 5.22 -10.76 -7.14
CA ASP A 43 4.03 -9.89 -6.93
C ASP A 43 4.23 -9.02 -5.67
N ARG A 44 4.95 -9.53 -4.72
CA ARG A 44 5.20 -8.77 -3.46
C ARG A 44 6.22 -7.65 -3.67
N GLN A 45 7.21 -7.91 -4.47
CA GLN A 45 8.25 -6.87 -4.73
C GLN A 45 7.70 -5.83 -5.70
N SER A 46 6.91 -6.27 -6.65
CA SER A 46 6.35 -5.28 -7.64
C SER A 46 5.41 -4.28 -6.96
N ALA A 47 4.42 -4.80 -6.27
CA ALA A 47 3.46 -3.91 -5.58
C ALA A 47 4.20 -2.99 -4.60
N CYS A 48 5.24 -3.49 -3.97
CA CYS A 48 6.00 -2.63 -3.01
C CYS A 48 6.50 -1.37 -3.74
N ASN A 49 7.05 -1.56 -4.93
CA ASN A 49 7.57 -0.40 -5.73
C ASN A 49 6.47 0.65 -5.88
N CYS A 50 5.29 0.20 -6.20
CA CYS A 50 4.13 1.14 -6.39
C CYS A 50 4.00 2.10 -5.20
N LEU A 51 3.98 1.55 -4.01
CA LEU A 51 3.83 2.41 -2.79
C LEU A 51 5.08 3.31 -2.61
N LYS A 52 6.24 2.71 -2.73
CA LYS A 52 7.52 3.49 -2.58
C LYS A 52 7.57 4.63 -3.60
N GLY A 53 7.41 4.28 -4.86
CA GLY A 53 7.44 5.26 -5.97
C GLY A 53 6.53 6.44 -5.69
N ILE A 54 5.38 6.13 -5.14
CA ILE A 54 4.39 7.20 -4.81
C ILE A 54 4.87 8.09 -3.65
N ALA A 55 5.05 7.51 -2.51
CA ALA A 55 5.51 8.27 -1.30
C ALA A 55 6.69 9.18 -1.67
N ARG A 56 7.58 8.64 -2.45
CA ARG A 56 8.79 9.38 -2.92
C ARG A 56 8.46 10.75 -3.54
N GLY A 57 7.31 10.85 -4.13
CA GLY A 57 6.88 12.13 -4.79
C GLY A 57 6.01 12.97 -3.84
N ILE A 58 5.44 12.35 -2.85
CA ILE A 58 4.57 13.12 -1.88
C ILE A 58 5.50 13.81 -0.88
N HIS A 59 5.03 14.89 -0.29
CA HIS A 59 5.87 15.63 0.70
C HIS A 59 5.24 15.55 2.09
N ASN A 60 3.97 15.81 2.18
CA ASN A 60 3.28 15.75 3.52
C ASN A 60 2.68 14.35 3.68
N LEU A 61 3.51 13.42 4.05
CA LEU A 61 3.06 12.00 4.26
C LEU A 61 2.78 11.74 5.75
N ASN A 62 1.94 10.78 6.05
CA ASN A 62 1.60 10.46 7.47
C ASN A 62 1.91 8.97 7.76
N GLU A 63 3.06 8.69 8.32
CA GLU A 63 3.41 7.26 8.63
C GLU A 63 2.36 6.65 9.58
N ASP A 64 1.87 7.45 10.48
CA ASP A 64 0.86 6.98 11.47
C ASP A 64 -0.37 6.40 10.72
N ASN A 65 -0.85 7.09 9.73
CA ASN A 65 -2.04 6.58 8.97
C ASN A 65 -1.63 5.43 8.06
N ALA A 66 -0.55 5.60 7.32
CA ALA A 66 -0.04 4.51 6.40
C ALA A 66 0.01 3.16 7.15
N ARG A 67 0.54 3.20 8.34
CA ARG A 67 0.67 1.98 9.17
C ARG A 67 -0.70 1.61 9.77
N SER A 68 -1.57 2.58 9.91
CA SER A 68 -2.92 2.28 10.49
C SER A 68 -3.92 1.70 9.48
N ILE A 69 -3.54 1.59 8.24
CA ILE A 69 -4.45 1.01 7.20
C ILE A 69 -4.63 -0.52 7.47
N PRO A 70 -3.55 -1.29 7.46
CA PRO A 70 -3.65 -2.75 7.67
C PRO A 70 -4.34 -3.23 8.96
N PRO A 71 -4.04 -2.67 10.13
CA PRO A 71 -4.69 -3.10 11.39
C PRO A 71 -6.21 -2.94 11.38
N LYS A 72 -6.66 -1.73 11.12
CA LYS A 72 -8.13 -1.49 11.10
C LYS A 72 -8.84 -2.37 10.08
N CYS A 73 -8.16 -2.61 8.99
CA CYS A 73 -8.73 -3.45 7.91
C CYS A 73 -8.76 -4.94 8.31
N GLY A 74 -7.62 -5.48 8.64
CA GLY A 74 -7.54 -6.93 9.04
C GLY A 74 -6.84 -7.78 7.99
N VAL A 75 -6.04 -7.17 7.16
CA VAL A 75 -5.32 -7.92 6.11
C VAL A 75 -3.83 -7.97 6.42
N ASN A 76 -3.33 -6.97 7.08
CA ASN A 76 -1.86 -6.94 7.43
C ASN A 76 -0.95 -6.96 6.18
N LEU A 77 -0.52 -5.82 5.72
CA LEU A 77 0.36 -5.81 4.50
C LEU A 77 1.82 -5.90 4.95
N PRO A 78 2.70 -6.31 4.05
CA PRO A 78 4.13 -6.37 4.39
C PRO A 78 4.81 -5.01 4.10
N TYR A 79 4.02 -4.02 3.77
CA TYR A 79 4.57 -2.66 3.48
C TYR A 79 3.46 -1.62 3.39
N THR A 80 3.76 -0.36 3.53
CA THR A 80 2.67 0.67 3.41
C THR A 80 3.29 1.88 2.67
N ILE A 81 2.55 2.94 2.55
CA ILE A 81 3.05 4.15 1.83
C ILE A 81 4.05 4.87 2.76
N SER A 82 5.22 4.30 2.91
CA SER A 82 6.28 4.91 3.79
C SER A 82 7.65 4.41 3.30
N LEU A 83 8.67 4.66 4.07
CA LEU A 83 10.03 4.22 3.68
C LEU A 83 10.68 3.43 4.85
N ASN A 84 9.89 2.57 5.43
CA ASN A 84 10.38 1.73 6.57
C ASN A 84 10.81 0.34 6.04
N ILE A 85 9.92 -0.33 5.36
CA ILE A 85 10.28 -1.68 4.80
C ILE A 85 11.13 -1.48 3.55
N ASP A 86 12.00 -2.40 3.25
CA ASP A 86 12.83 -2.21 2.02
C ASP A 86 12.44 -3.18 0.92
N CYS A 87 11.19 -3.57 0.92
CA CYS A 87 10.67 -4.52 -0.12
C CYS A 87 11.55 -5.73 -0.38
N SER A 88 12.54 -5.97 0.44
CA SER A 88 13.41 -7.16 0.21
C SER A 88 13.37 -8.13 1.38
N ARG A 89 12.24 -8.20 2.06
CA ARG A 89 12.10 -9.13 3.22
C ARG A 89 10.61 -9.52 3.39
N VAL A 90 9.91 -9.76 2.33
CA VAL A 90 8.47 -10.11 2.46
C VAL A 90 8.07 -11.28 1.56
N ILE A 1 2.49 -9.52 -11.78
CA ILE A 1 1.46 -8.45 -11.89
C ILE A 1 2.15 -7.15 -12.36
N ASP A 2 1.40 -6.24 -12.93
CA ASP A 2 2.00 -4.95 -13.40
C ASP A 2 1.62 -3.83 -12.43
N CYS A 3 2.55 -2.96 -12.11
CA CYS A 3 2.26 -1.85 -11.18
C CYS A 3 1.16 -0.94 -11.74
N GLY A 4 0.93 -1.00 -13.03
CA GLY A 4 -0.13 -0.17 -13.67
C GLY A 4 -1.48 -0.43 -12.99
N HIS A 5 -1.69 -1.64 -12.54
CA HIS A 5 -2.98 -1.96 -11.86
C HIS A 5 -2.80 -1.85 -10.36
N VAL A 6 -1.68 -2.30 -9.84
CA VAL A 6 -1.47 -2.19 -8.36
C VAL A 6 -1.53 -0.72 -7.93
N ASP A 7 -1.04 0.16 -8.76
CA ASP A 7 -1.04 1.63 -8.49
C ASP A 7 -2.45 2.09 -8.08
N SER A 8 -3.42 1.55 -8.77
CA SER A 8 -4.83 1.93 -8.49
C SER A 8 -5.36 1.23 -7.23
N LEU A 9 -4.80 0.10 -6.90
CA LEU A 9 -5.25 -0.63 -5.70
C LEU A 9 -4.67 0.03 -4.42
N VAL A 10 -3.49 0.56 -4.51
CA VAL A 10 -2.84 1.24 -3.33
C VAL A 10 -3.29 2.72 -3.21
N ARG A 11 -3.73 3.26 -4.30
CA ARG A 11 -4.20 4.68 -4.32
C ARG A 11 -5.29 4.99 -3.30
N PRO A 12 -6.32 4.17 -3.20
CA PRO A 12 -7.41 4.39 -2.20
C PRO A 12 -6.92 4.40 -0.75
N CYS A 13 -5.90 3.63 -0.42
CA CYS A 13 -5.43 3.63 0.97
C CYS A 13 -4.56 4.87 1.22
N LEU A 14 -3.86 5.28 0.19
CA LEU A 14 -2.99 6.47 0.29
C LEU A 14 -3.82 7.73 0.63
N SER A 15 -5.05 7.74 0.19
CA SER A 15 -5.97 8.89 0.47
C SER A 15 -6.05 9.22 1.98
N TYR A 16 -5.74 8.25 2.79
CA TYR A 16 -5.80 8.43 4.28
C TYR A 16 -4.40 8.81 4.78
N VAL A 17 -3.44 8.10 4.25
CA VAL A 17 -2.01 8.37 4.63
C VAL A 17 -1.62 9.84 4.46
N GLN A 18 -2.21 10.51 3.51
CA GLN A 18 -1.89 11.94 3.27
C GLN A 18 -2.22 12.79 4.51
N GLY A 19 -3.22 12.37 5.24
CA GLY A 19 -3.68 13.08 6.47
C GLY A 19 -5.08 13.68 6.26
N GLY A 20 -5.92 12.90 5.62
CA GLY A 20 -7.32 13.34 5.36
C GLY A 20 -8.29 12.21 5.72
N PRO A 21 -9.55 12.38 5.42
CA PRO A 21 -10.57 11.33 5.69
C PRO A 21 -10.37 10.13 4.73
N GLY A 22 -10.58 8.94 5.21
CA GLY A 22 -10.41 7.74 4.34
C GLY A 22 -10.07 6.54 5.23
N PRO A 23 -9.49 5.51 4.67
CA PRO A 23 -9.06 5.48 3.25
C PRO A 23 -10.25 5.39 2.28
N SER A 24 -10.97 4.29 2.35
CA SER A 24 -12.15 4.07 1.45
C SER A 24 -12.70 2.68 1.66
N GLY A 25 -13.88 2.43 1.15
CA GLY A 25 -14.47 1.06 1.32
C GLY A 25 -13.75 0.13 0.33
N GLN A 26 -12.89 0.71 -0.48
CA GLN A 26 -12.15 -0.12 -1.48
C GLN A 26 -10.71 -0.36 -1.00
N CYS A 27 -10.26 0.35 0.02
CA CYS A 27 -8.87 0.12 0.51
C CYS A 27 -8.77 -1.31 1.01
N CYS A 28 -9.71 -1.74 1.81
CA CYS A 28 -9.63 -3.14 2.32
C CYS A 28 -9.98 -4.22 1.31
N ASP A 29 -10.67 -3.88 0.28
CA ASP A 29 -11.03 -4.91 -0.73
C ASP A 29 -10.00 -4.89 -1.86
N GLY A 30 -9.54 -3.73 -2.22
CA GLY A 30 -8.53 -3.59 -3.30
C GLY A 30 -7.16 -4.07 -2.81
N VAL A 31 -6.81 -3.77 -1.57
CA VAL A 31 -5.49 -4.20 -1.03
C VAL A 31 -5.53 -5.66 -0.58
N LYS A 32 -6.57 -6.08 0.11
CA LYS A 32 -6.70 -7.49 0.58
C LYS A 32 -6.48 -8.40 -0.63
N ASN A 33 -7.14 -8.03 -1.70
CA ASN A 33 -7.04 -8.81 -2.97
C ASN A 33 -5.60 -8.87 -3.47
N LEU A 34 -5.05 -7.72 -3.68
CA LEU A 34 -3.63 -7.59 -4.16
C LEU A 34 -2.68 -8.44 -3.30
N HIS A 35 -2.76 -8.21 -2.01
CA HIS A 35 -1.88 -8.94 -1.05
C HIS A 35 -2.04 -10.47 -1.24
N ASN A 36 -3.26 -10.90 -1.20
CA ASN A 36 -3.57 -12.36 -1.38
C ASN A 36 -3.06 -12.84 -2.75
N GLN A 37 -3.13 -11.98 -3.72
CA GLN A 37 -2.68 -12.36 -5.08
C GLN A 37 -1.17 -12.30 -5.27
N ALA A 38 -0.45 -13.20 -4.64
CA ALA A 38 1.04 -13.22 -4.78
C ALA A 38 1.57 -14.65 -4.69
N ARG A 39 1.73 -15.29 -5.81
CA ARG A 39 2.24 -16.69 -5.81
C ARG A 39 3.76 -16.70 -6.00
N SER A 40 4.32 -15.57 -6.40
CA SER A 40 5.80 -15.51 -6.61
C SER A 40 6.39 -14.24 -5.98
N GLN A 41 7.65 -14.29 -5.61
CA GLN A 41 8.31 -13.09 -5.00
C GLN A 41 8.06 -11.85 -5.86
N SER A 42 8.01 -12.04 -7.15
CA SER A 42 7.78 -10.90 -8.08
C SER A 42 6.43 -10.22 -7.85
N ASP A 43 5.41 -10.97 -7.49
CA ASP A 43 4.09 -10.31 -7.30
C ASP A 43 4.10 -9.39 -6.08
N ARG A 44 4.83 -9.76 -5.06
CA ARG A 44 4.88 -8.90 -3.83
C ARG A 44 5.85 -7.73 -4.13
N GLN A 45 6.99 -8.05 -4.69
CA GLN A 45 8.01 -7.01 -5.04
C GLN A 45 7.37 -5.95 -5.98
N SER A 46 6.53 -6.41 -6.86
CA SER A 46 5.85 -5.48 -7.82
C SER A 46 5.01 -4.46 -7.05
N ALA A 47 4.06 -4.95 -6.30
CA ALA A 47 3.18 -4.04 -5.52
C ALA A 47 4.00 -3.15 -4.60
N CYS A 48 5.03 -3.73 -4.01
CA CYS A 48 5.92 -2.97 -3.09
C CYS A 48 6.50 -1.75 -3.82
N ASN A 49 6.82 -1.92 -5.08
CA ASN A 49 7.40 -0.79 -5.88
C ASN A 49 6.38 0.31 -6.02
N CYS A 50 5.17 -0.06 -6.35
CA CYS A 50 4.08 0.95 -6.53
C CYS A 50 4.00 1.95 -5.37
N LEU A 51 3.79 1.43 -4.20
CA LEU A 51 3.68 2.32 -3.00
C LEU A 51 4.98 3.08 -2.76
N LYS A 52 6.10 2.43 -2.95
CA LYS A 52 7.39 3.13 -2.72
C LYS A 52 7.62 4.25 -3.76
N GLY A 53 7.50 3.97 -5.03
CA GLY A 53 7.71 5.03 -6.07
C GLY A 53 6.73 6.18 -5.77
N ILE A 54 5.52 5.83 -5.40
CA ILE A 54 4.48 6.85 -5.08
C ILE A 54 4.90 7.70 -3.87
N ALA A 55 4.96 7.07 -2.72
CA ALA A 55 5.34 7.77 -1.46
C ALA A 55 6.54 8.70 -1.70
N ARG A 56 7.49 8.19 -2.44
CA ARG A 56 8.72 8.97 -2.77
C ARG A 56 8.45 10.36 -3.36
N GLY A 57 7.35 10.51 -4.03
CA GLY A 57 7.00 11.83 -4.65
C GLY A 57 6.28 12.72 -3.64
N ILE A 58 5.67 12.11 -2.67
CA ILE A 58 4.92 12.90 -1.64
C ILE A 58 5.97 13.44 -0.64
N HIS A 59 5.80 14.67 -0.22
CA HIS A 59 6.76 15.27 0.76
C HIS A 59 6.17 15.14 2.18
N ASN A 60 4.94 15.55 2.34
CA ASN A 60 4.30 15.46 3.68
C ASN A 60 3.64 14.10 3.88
N LEU A 61 4.44 13.08 4.05
CA LEU A 61 3.87 11.72 4.25
C LEU A 61 3.54 11.50 5.73
N ASN A 62 2.37 10.96 5.99
CA ASN A 62 1.97 10.70 7.42
C ASN A 62 2.10 9.21 7.72
N GLU A 63 2.94 8.86 8.65
CA GLU A 63 3.15 7.42 9.02
C GLU A 63 1.96 6.93 9.89
N ASP A 64 1.49 7.80 10.72
CA ASP A 64 0.34 7.47 11.62
C ASP A 64 -0.83 6.88 10.85
N ASN A 65 -1.20 7.49 9.75
CA ASN A 65 -2.36 6.94 8.97
C ASN A 65 -1.88 5.73 8.15
N ALA A 66 -0.75 5.85 7.48
CA ALA A 66 -0.22 4.68 6.68
C ALA A 66 -0.27 3.39 7.50
N ARG A 67 0.13 3.51 8.74
CA ARG A 67 0.14 2.34 9.65
C ARG A 67 -1.27 2.02 10.17
N SER A 68 -2.13 3.01 10.14
CA SER A 68 -3.51 2.78 10.63
C SER A 68 -4.43 2.18 9.57
N ILE A 69 -3.95 1.98 8.37
CA ILE A 69 -4.80 1.39 7.29
C ILE A 69 -4.87 -0.15 7.51
N PRO A 70 -3.76 -0.85 7.48
CA PRO A 70 -3.76 -2.33 7.66
C PRO A 70 -4.42 -2.89 8.94
N PRO A 71 -4.20 -2.32 10.12
CA PRO A 71 -4.79 -2.87 11.39
C PRO A 71 -6.32 -2.94 11.38
N LYS A 72 -6.95 -1.79 11.47
CA LYS A 72 -8.46 -1.75 11.49
C LYS A 72 -9.08 -2.58 10.35
N CYS A 73 -8.36 -2.65 9.27
CA CYS A 73 -8.82 -3.43 8.09
C CYS A 73 -8.88 -4.95 8.35
N GLY A 74 -7.75 -5.50 8.71
CA GLY A 74 -7.69 -6.97 8.99
C GLY A 74 -6.88 -7.75 7.96
N VAL A 75 -6.06 -7.06 7.22
CA VAL A 75 -5.22 -7.73 6.18
C VAL A 75 -3.75 -7.68 6.55
N ASN A 76 -3.35 -6.63 7.22
CA ASN A 76 -1.92 -6.51 7.62
C ASN A 76 -0.95 -6.57 6.44
N LEU A 77 -0.64 -5.45 5.84
CA LEU A 77 0.30 -5.49 4.66
C LEU A 77 1.75 -5.40 5.14
N PRO A 78 2.66 -5.90 4.35
CA PRO A 78 4.10 -5.83 4.67
C PRO A 78 4.68 -4.49 4.21
N TYR A 79 3.89 -3.65 3.59
CA TYR A 79 4.40 -2.33 3.11
C TYR A 79 3.20 -1.44 2.75
N THR A 80 3.26 -0.20 3.12
CA THR A 80 2.14 0.75 2.82
C THR A 80 2.76 2.04 2.30
N ILE A 81 1.99 3.09 2.26
CA ILE A 81 2.52 4.39 1.76
C ILE A 81 3.43 5.00 2.85
N SER A 82 4.58 4.41 3.02
CA SER A 82 5.56 4.90 4.05
C SER A 82 6.92 4.28 3.75
N LEU A 83 7.98 4.96 4.10
CA LEU A 83 9.34 4.39 3.84
C LEU A 83 9.87 3.79 5.16
N ASN A 84 9.08 2.91 5.72
CA ASN A 84 9.46 2.25 7.02
C ASN A 84 9.22 0.73 6.91
N ILE A 85 9.36 0.16 5.74
CA ILE A 85 9.13 -1.31 5.58
C ILE A 85 10.07 -1.91 4.51
N ASP A 86 10.32 -3.20 4.63
CA ASP A 86 11.22 -3.90 3.67
C ASP A 86 10.64 -5.21 3.13
N CYS A 87 10.03 -5.15 1.98
CA CYS A 87 9.46 -6.39 1.37
C CYS A 87 10.52 -7.49 1.24
N SER A 88 11.53 -7.19 0.48
CA SER A 88 12.67 -8.16 0.23
C SER A 88 13.70 -7.49 -0.67
N ARG A 89 13.23 -6.99 -1.79
CA ARG A 89 14.16 -6.31 -2.75
C ARG A 89 13.34 -5.35 -3.62
N VAL A 90 12.42 -4.68 -2.98
CA VAL A 90 11.55 -3.71 -3.68
C VAL A 90 12.41 -2.48 -4.08
N ILE A 1 3.47 -8.34 -13.21
CA ILE A 1 2.74 -7.07 -12.89
C ILE A 1 3.73 -5.90 -13.05
N ASP A 2 3.51 -5.02 -13.99
CA ASP A 2 4.43 -3.88 -14.19
C ASP A 2 3.86 -2.63 -13.48
N CYS A 3 3.42 -2.84 -12.27
CA CYS A 3 2.83 -1.73 -11.45
C CYS A 3 1.75 -0.94 -12.25
N GLY A 4 0.77 -1.67 -12.71
CA GLY A 4 -0.33 -1.03 -13.51
C GLY A 4 -1.63 -1.06 -12.69
N HIS A 5 -2.16 -2.24 -12.49
CA HIS A 5 -3.42 -2.38 -11.70
C HIS A 5 -3.16 -2.09 -10.21
N VAL A 6 -1.96 -2.41 -9.78
CA VAL A 6 -1.53 -2.17 -8.36
C VAL A 6 -1.81 -0.72 -7.95
N ASP A 7 -1.64 0.18 -8.89
CA ASP A 7 -1.87 1.61 -8.60
C ASP A 7 -3.27 1.83 -8.04
N SER A 8 -4.29 1.53 -8.80
CA SER A 8 -5.70 1.72 -8.30
C SER A 8 -5.94 0.91 -7.01
N LEU A 9 -5.12 -0.09 -6.76
CA LEU A 9 -5.27 -0.91 -5.54
C LEU A 9 -4.62 -0.25 -4.32
N VAL A 10 -3.45 0.30 -4.48
CA VAL A 10 -2.75 0.97 -3.33
C VAL A 10 -3.04 2.48 -3.25
N ARG A 11 -3.44 3.07 -4.34
CA ARG A 11 -3.74 4.52 -4.35
C ARG A 11 -4.90 4.93 -3.43
N PRO A 12 -5.98 4.17 -3.37
CA PRO A 12 -7.09 4.48 -2.42
C PRO A 12 -6.66 4.55 -0.96
N CYS A 13 -5.65 3.79 -0.56
CA CYS A 13 -5.22 3.85 0.84
C CYS A 13 -4.40 5.11 1.12
N LEU A 14 -3.70 5.59 0.12
CA LEU A 14 -2.89 6.83 0.33
C LEU A 14 -3.76 8.03 0.70
N SER A 15 -4.99 8.03 0.26
CA SER A 15 -5.93 9.15 0.57
C SER A 15 -6.00 9.38 2.10
N TYR A 16 -5.69 8.37 2.85
CA TYR A 16 -5.73 8.48 4.34
C TYR A 16 -4.32 8.81 4.83
N VAL A 17 -3.38 8.12 4.28
CA VAL A 17 -1.94 8.34 4.63
C VAL A 17 -1.54 9.82 4.51
N GLN A 18 -2.14 10.53 3.60
CA GLN A 18 -1.82 11.95 3.41
C GLN A 18 -2.24 12.80 4.61
N GLY A 19 -3.18 12.31 5.39
CA GLY A 19 -3.65 13.05 6.59
C GLY A 19 -5.02 13.70 6.31
N GLY A 20 -5.87 12.96 5.66
CA GLY A 20 -7.24 13.49 5.31
C GLY A 20 -8.28 12.41 5.57
N PRO A 21 -9.51 12.67 5.19
CA PRO A 21 -10.61 11.68 5.37
C PRO A 21 -10.38 10.49 4.42
N GLY A 22 -10.47 9.28 4.93
CA GLY A 22 -10.25 8.10 4.06
C GLY A 22 -9.97 6.88 4.95
N PRO A 23 -9.37 5.85 4.40
CA PRO A 23 -8.90 5.83 2.99
C PRO A 23 -10.05 5.68 1.99
N SER A 24 -10.78 4.60 2.10
CA SER A 24 -11.93 4.31 1.19
C SER A 24 -12.43 2.90 1.43
N GLY A 25 -13.64 2.64 1.01
CA GLY A 25 -14.19 1.26 1.21
C GLY A 25 -13.42 0.30 0.30
N GLN A 26 -12.54 0.81 -0.53
CA GLN A 26 -11.76 -0.09 -1.44
C GLN A 26 -10.36 -0.26 -0.88
N CYS A 27 -9.94 0.57 0.04
CA CYS A 27 -8.56 0.38 0.61
C CYS A 27 -8.46 -1.04 1.16
N CYS A 28 -9.42 -1.46 1.94
CA CYS A 28 -9.34 -2.85 2.52
C CYS A 28 -9.61 -3.89 1.45
N ASP A 29 -10.80 -3.94 0.93
CA ASP A 29 -11.17 -4.91 -0.13
C ASP A 29 -10.12 -4.89 -1.25
N GLY A 30 -9.84 -3.70 -1.68
CA GLY A 30 -8.86 -3.47 -2.78
C GLY A 30 -7.47 -3.99 -2.47
N VAL A 31 -6.90 -3.53 -1.38
CA VAL A 31 -5.52 -3.99 -1.04
C VAL A 31 -5.53 -5.45 -0.57
N LYS A 32 -6.58 -5.87 0.09
CA LYS A 32 -6.72 -7.27 0.59
C LYS A 32 -6.57 -8.19 -0.62
N ASN A 33 -7.28 -7.83 -1.66
CA ASN A 33 -7.23 -8.65 -2.91
C ASN A 33 -5.80 -8.71 -3.46
N LEU A 34 -5.17 -7.58 -3.61
CA LEU A 34 -3.76 -7.52 -4.14
C LEU A 34 -2.85 -8.38 -3.25
N HIS A 35 -2.89 -8.08 -1.97
CA HIS A 35 -2.05 -8.82 -0.96
C HIS A 35 -2.24 -10.33 -1.13
N ASN A 36 -3.49 -10.73 -1.14
CA ASN A 36 -3.81 -12.20 -1.29
C ASN A 36 -3.16 -12.75 -2.56
N GLN A 37 -3.26 -12.04 -3.66
CA GLN A 37 -2.66 -12.55 -4.92
C GLN A 37 -1.15 -12.25 -5.02
N ALA A 38 -0.38 -12.94 -4.24
CA ALA A 38 1.10 -12.76 -4.25
C ALA A 38 1.77 -14.08 -3.84
N ARG A 39 1.88 -15.00 -4.75
CA ARG A 39 2.52 -16.31 -4.41
C ARG A 39 3.94 -16.30 -5.01
N SER A 40 4.26 -15.27 -5.74
CA SER A 40 5.63 -15.23 -6.36
C SER A 40 6.46 -14.04 -5.82
N GLN A 41 7.75 -14.20 -5.78
CA GLN A 41 8.63 -13.12 -5.29
C GLN A 41 8.36 -11.81 -6.08
N SER A 42 7.97 -11.95 -7.31
CA SER A 42 7.68 -10.75 -8.18
C SER A 42 6.41 -10.04 -7.76
N ASP A 43 5.41 -10.76 -7.37
CA ASP A 43 4.11 -10.22 -6.93
C ASP A 43 4.25 -9.20 -5.80
N ARG A 44 5.02 -9.62 -4.82
CA ARG A 44 5.24 -8.74 -3.63
C ARG A 44 6.17 -7.59 -3.96
N GLN A 45 7.25 -7.91 -4.64
CA GLN A 45 8.26 -6.87 -5.02
C GLN A 45 7.57 -5.86 -5.97
N SER A 46 6.72 -6.35 -6.85
CA SER A 46 6.03 -5.45 -7.82
C SER A 46 5.18 -4.41 -7.09
N ALA A 47 4.15 -4.87 -6.44
CA ALA A 47 3.26 -3.93 -5.70
C ALA A 47 4.08 -3.07 -4.73
N CYS A 48 5.14 -3.62 -4.19
CA CYS A 48 6.00 -2.86 -3.25
C CYS A 48 6.62 -1.65 -3.95
N ASN A 49 7.00 -1.82 -5.18
CA ASN A 49 7.63 -0.70 -5.96
C ASN A 49 6.62 0.44 -6.13
N CYS A 50 5.41 0.07 -6.44
CA CYS A 50 4.33 1.08 -6.63
C CYS A 50 4.22 2.06 -5.46
N LEU A 51 3.98 1.49 -4.31
CA LEU A 51 3.85 2.33 -3.08
C LEU A 51 5.08 3.24 -2.92
N LYS A 52 6.22 2.69 -3.18
CA LYS A 52 7.51 3.43 -3.08
C LYS A 52 7.56 4.59 -4.07
N GLY A 53 7.25 4.29 -5.31
CA GLY A 53 7.24 5.30 -6.40
C GLY A 53 6.36 6.48 -6.02
N ILE A 54 5.22 6.18 -5.45
CA ILE A 54 4.31 7.30 -5.05
C ILE A 54 4.64 7.84 -3.66
N ALA A 55 4.61 7.01 -2.66
CA ALA A 55 4.91 7.48 -1.28
C ALA A 55 6.21 8.28 -1.20
N ARG A 56 7.10 8.05 -2.13
CA ARG A 56 8.39 8.79 -2.13
C ARG A 56 8.22 10.15 -2.84
N GLY A 57 7.25 10.24 -3.71
CA GLY A 57 7.03 11.54 -4.43
C GLY A 57 6.22 12.46 -3.51
N ILE A 58 5.43 11.90 -2.63
CA ILE A 58 4.61 12.76 -1.70
C ILE A 58 5.52 13.42 -0.66
N HIS A 59 5.33 14.71 -0.44
CA HIS A 59 6.16 15.46 0.55
C HIS A 59 5.45 15.43 1.92
N ASN A 60 4.15 15.50 1.92
CA ASN A 60 3.40 15.49 3.22
C ASN A 60 2.73 14.12 3.44
N LEU A 61 3.53 13.16 3.82
CA LEU A 61 3.00 11.79 4.08
C LEU A 61 2.91 11.55 5.60
N ASN A 62 1.83 10.95 6.04
CA ASN A 62 1.69 10.69 7.51
C ASN A 62 1.95 9.21 7.81
N GLU A 63 2.82 8.92 8.74
CA GLU A 63 3.11 7.49 9.04
C GLU A 63 2.02 6.90 9.94
N ASP A 64 1.45 7.71 10.78
CA ASP A 64 0.36 7.26 11.70
C ASP A 64 -0.77 6.61 10.87
N ASN A 65 -1.17 7.29 9.82
CA ASN A 65 -2.27 6.76 8.95
C ASN A 65 -1.77 5.56 8.14
N ALA A 66 -0.61 5.69 7.54
CA ALA A 66 -0.02 4.57 6.73
C ALA A 66 -0.10 3.24 7.51
N ARG A 67 0.15 3.33 8.78
CA ARG A 67 0.13 2.13 9.67
C ARG A 67 -1.31 1.78 10.12
N SER A 68 -2.17 2.75 10.06
CA SER A 68 -3.59 2.58 10.48
C SER A 68 -4.44 1.92 9.36
N ILE A 69 -3.90 1.79 8.18
CA ILE A 69 -4.65 1.17 7.04
C ILE A 69 -4.82 -0.37 7.23
N PRO A 70 -3.74 -1.10 7.38
CA PRO A 70 -3.85 -2.57 7.56
C PRO A 70 -4.69 -3.07 8.77
N PRO A 71 -4.57 -2.47 9.95
CA PRO A 71 -5.35 -2.94 11.13
C PRO A 71 -6.85 -2.82 10.89
N LYS A 72 -7.29 -1.65 10.47
CA LYS A 72 -8.75 -1.45 10.23
C LYS A 72 -9.32 -2.47 9.24
N CYS A 73 -8.47 -2.94 8.37
CA CYS A 73 -8.92 -3.94 7.36
C CYS A 73 -8.84 -5.36 7.93
N GLY A 74 -7.70 -5.70 8.46
CA GLY A 74 -7.51 -7.07 9.05
C GLY A 74 -6.68 -7.95 8.13
N VAL A 75 -5.88 -7.32 7.29
CA VAL A 75 -5.01 -8.11 6.35
C VAL A 75 -3.53 -7.99 6.69
N ASN A 76 -3.18 -6.95 7.40
CA ASN A 76 -1.76 -6.73 7.80
C ASN A 76 -0.77 -6.80 6.62
N LEU A 77 -0.71 -5.76 5.84
CA LEU A 77 0.24 -5.76 4.68
C LEU A 77 1.69 -5.83 5.17
N PRO A 78 2.58 -6.30 4.35
CA PRO A 78 4.01 -6.35 4.70
C PRO A 78 4.69 -5.01 4.36
N TYR A 79 3.94 -4.08 3.81
CA TYR A 79 4.54 -2.76 3.45
C TYR A 79 3.47 -1.70 3.14
N THR A 80 3.24 -0.74 3.99
CA THR A 80 2.21 0.31 3.70
C THR A 80 2.58 1.67 4.30
N ILE A 81 3.82 1.87 4.67
CA ILE A 81 4.27 3.16 5.28
C ILE A 81 5.50 3.73 4.56
N SER A 82 5.28 4.32 3.43
CA SER A 82 6.41 4.91 2.63
C SER A 82 7.60 3.94 2.55
N LEU A 83 8.80 4.42 2.48
CA LEU A 83 9.97 3.50 2.40
C LEU A 83 10.49 3.14 3.80
N ASN A 84 9.62 3.08 4.77
CA ASN A 84 10.05 2.74 6.16
C ASN A 84 9.89 1.21 6.34
N ILE A 85 9.45 0.53 5.31
CA ILE A 85 9.27 -0.96 5.41
C ILE A 85 10.13 -1.67 4.34
N ASP A 86 10.51 -2.89 4.62
CA ASP A 86 11.36 -3.66 3.68
C ASP A 86 10.64 -4.92 3.16
N CYS A 87 10.12 -4.86 1.97
CA CYS A 87 9.42 -6.04 1.39
C CYS A 87 10.34 -7.26 1.24
N SER A 88 11.46 -7.02 0.62
CA SER A 88 12.49 -8.10 0.37
C SER A 88 13.60 -7.51 -0.52
N ARG A 89 13.18 -6.90 -1.60
CA ARG A 89 14.18 -6.29 -2.52
C ARG A 89 13.43 -5.35 -3.46
N VAL A 90 12.54 -4.58 -2.89
CA VAL A 90 11.75 -3.61 -3.70
C VAL A 90 12.68 -2.40 -3.97
N ILE A 1 4.80 -8.63 -13.48
CA ILE A 1 3.74 -7.94 -12.68
C ILE A 1 4.11 -6.45 -12.59
N ASP A 2 4.03 -5.77 -13.70
CA ASP A 2 4.35 -4.31 -13.73
C ASP A 2 3.38 -3.56 -12.82
N CYS A 3 3.82 -2.48 -12.23
CA CYS A 3 2.88 -1.73 -11.33
C CYS A 3 1.87 -0.93 -12.15
N GLY A 4 1.00 -1.64 -12.82
CA GLY A 4 -0.05 -1.01 -13.66
C GLY A 4 -1.42 -1.20 -13.00
N HIS A 5 -1.58 -2.31 -12.33
CA HIS A 5 -2.87 -2.62 -11.65
C HIS A 5 -2.75 -2.40 -10.14
N VAL A 6 -1.59 -2.71 -9.62
CA VAL A 6 -1.36 -2.53 -8.16
C VAL A 6 -1.44 -1.06 -7.76
N ASP A 7 -0.91 -0.20 -8.59
CA ASP A 7 -0.95 1.26 -8.28
C ASP A 7 -2.38 1.73 -7.98
N SER A 8 -3.30 1.39 -8.83
CA SER A 8 -4.73 1.81 -8.60
C SER A 8 -5.29 1.06 -7.38
N LEU A 9 -4.75 -0.08 -7.03
CA LEU A 9 -5.27 -0.82 -5.87
C LEU A 9 -4.79 -0.17 -4.57
N VAL A 10 -3.58 0.31 -4.55
CA VAL A 10 -3.05 0.97 -3.32
C VAL A 10 -3.26 2.50 -3.34
N ARG A 11 -3.91 2.97 -4.39
CA ARG A 11 -4.17 4.44 -4.52
C ARG A 11 -5.28 4.94 -3.56
N PRO A 12 -6.31 4.17 -3.28
CA PRO A 12 -7.40 4.62 -2.38
C PRO A 12 -6.95 4.79 -0.93
N CYS A 13 -5.96 4.06 -0.49
CA CYS A 13 -5.55 4.24 0.93
C CYS A 13 -4.59 5.43 1.10
N LEU A 14 -4.25 6.08 0.03
CA LEU A 14 -3.30 7.25 0.09
C LEU A 14 -4.05 8.47 0.70
N SER A 15 -5.32 8.55 0.42
CA SER A 15 -6.18 9.67 0.95
C SER A 15 -6.06 9.79 2.48
N TYR A 16 -5.82 8.68 3.12
CA TYR A 16 -5.70 8.69 4.61
C TYR A 16 -4.26 8.97 5.02
N VAL A 17 -3.36 8.29 4.38
CA VAL A 17 -1.91 8.49 4.68
C VAL A 17 -1.50 9.97 4.60
N GLN A 18 -2.09 10.72 3.71
CA GLN A 18 -1.76 12.14 3.57
C GLN A 18 -2.22 12.96 4.79
N GLY A 19 -3.14 12.43 5.54
CA GLY A 19 -3.66 13.13 6.75
C GLY A 19 -5.07 13.68 6.48
N GLY A 20 -5.88 12.85 5.88
CA GLY A 20 -7.29 13.27 5.56
C GLY A 20 -8.27 12.15 5.91
N PRO A 21 -9.52 12.31 5.56
CA PRO A 21 -10.53 11.25 5.82
C PRO A 21 -10.27 10.03 4.90
N GLY A 22 -10.52 8.86 5.40
CA GLY A 22 -10.29 7.63 4.59
C GLY A 22 -9.91 6.47 5.52
N PRO A 23 -9.23 5.48 5.00
CA PRO A 23 -8.86 5.37 3.56
C PRO A 23 -10.09 5.32 2.63
N SER A 24 -10.77 4.21 2.66
CA SER A 24 -12.00 4.02 1.81
C SER A 24 -12.58 2.63 2.06
N GLY A 25 -13.80 2.45 1.67
CA GLY A 25 -14.42 1.10 1.87
C GLY A 25 -14.04 0.23 0.66
N GLN A 26 -13.18 0.75 -0.19
CA GLN A 26 -12.76 -0.04 -1.41
C GLN A 26 -11.32 -0.51 -1.20
N CYS A 27 -10.56 0.21 -0.43
CA CYS A 27 -9.13 -0.19 -0.17
C CYS A 27 -9.04 -1.59 0.42
N CYS A 28 -9.80 -1.87 1.45
CA CYS A 28 -9.72 -3.24 2.05
C CYS A 28 -10.09 -4.35 1.08
N ASP A 29 -10.83 -4.02 0.06
CA ASP A 29 -11.24 -5.06 -0.94
C ASP A 29 -10.16 -5.07 -2.02
N GLY A 30 -9.82 -3.92 -2.52
CA GLY A 30 -8.79 -3.79 -3.59
C GLY A 30 -7.39 -4.20 -3.12
N VAL A 31 -7.03 -3.84 -1.93
CA VAL A 31 -5.69 -4.18 -1.41
C VAL A 31 -5.65 -5.62 -0.88
N LYS A 32 -6.70 -6.06 -0.22
CA LYS A 32 -6.68 -7.46 0.31
C LYS A 32 -6.57 -8.38 -0.92
N ASN A 33 -7.31 -8.08 -1.96
CA ASN A 33 -7.26 -8.92 -3.20
C ASN A 33 -5.82 -8.97 -3.71
N LEU A 34 -5.24 -7.82 -3.92
CA LEU A 34 -3.83 -7.78 -4.42
C LEU A 34 -2.94 -8.61 -3.50
N HIS A 35 -2.94 -8.25 -2.24
CA HIS A 35 -2.10 -9.00 -1.25
C HIS A 35 -2.33 -10.51 -1.34
N ASN A 36 -3.59 -10.87 -1.33
CA ASN A 36 -3.98 -12.30 -1.41
C ASN A 36 -3.49 -12.91 -2.73
N GLN A 37 -3.53 -12.14 -3.79
CA GLN A 37 -3.07 -12.65 -5.12
C GLN A 37 -1.54 -12.76 -5.13
N ALA A 38 -0.88 -11.86 -4.45
CA ALA A 38 0.62 -11.88 -4.38
C ALA A 38 1.17 -13.06 -3.56
N ARG A 39 1.19 -14.20 -4.19
CA ARG A 39 1.70 -15.43 -3.51
C ARG A 39 3.19 -15.65 -3.80
N SER A 40 3.73 -14.93 -4.74
CA SER A 40 5.17 -15.11 -5.08
C SER A 40 6.01 -13.89 -4.68
N GLN A 41 7.29 -13.90 -4.97
CA GLN A 41 8.16 -12.73 -4.61
C GLN A 41 7.88 -11.63 -5.64
N SER A 42 7.75 -11.99 -6.88
CA SER A 42 7.48 -11.00 -7.95
C SER A 42 6.30 -10.08 -7.59
N ASP A 43 5.17 -10.66 -7.29
CA ASP A 43 4.00 -9.80 -6.94
C ASP A 43 4.25 -8.98 -5.67
N ARG A 44 5.16 -9.43 -4.85
CA ARG A 44 5.45 -8.68 -3.59
C ARG A 44 6.48 -7.57 -3.88
N GLN A 45 7.36 -7.84 -4.78
CA GLN A 45 8.42 -6.88 -5.18
C GLN A 45 7.75 -5.76 -6.01
N SER A 46 6.96 -6.17 -6.95
CA SER A 46 6.24 -5.19 -7.83
C SER A 46 5.34 -4.24 -7.03
N ALA A 47 4.40 -4.84 -6.34
CA ALA A 47 3.46 -4.02 -5.52
C ALA A 47 4.20 -3.08 -4.55
N CYS A 48 5.32 -3.51 -4.04
CA CYS A 48 6.10 -2.65 -3.11
C CYS A 48 6.52 -1.38 -3.88
N ASN A 49 7.01 -1.56 -5.08
CA ASN A 49 7.44 -0.39 -5.90
C ASN A 49 6.29 0.61 -6.03
N CYS A 50 5.09 0.13 -6.16
CA CYS A 50 3.91 1.03 -6.28
C CYS A 50 3.87 2.00 -5.10
N LEU A 51 3.91 1.45 -3.91
CA LEU A 51 3.86 2.34 -2.71
C LEU A 51 5.19 3.06 -2.51
N LYS A 52 6.29 2.44 -2.87
CA LYS A 52 7.63 3.09 -2.71
C LYS A 52 7.79 4.28 -3.66
N GLY A 53 7.49 4.10 -4.91
CA GLY A 53 7.62 5.21 -5.91
C GLY A 53 6.64 6.31 -5.48
N ILE A 54 5.44 5.93 -5.10
CA ILE A 54 4.44 6.95 -4.66
C ILE A 54 5.03 7.80 -3.53
N ALA A 55 5.33 7.16 -2.43
CA ALA A 55 5.91 7.88 -1.25
C ALA A 55 6.96 8.92 -1.68
N ARG A 56 7.74 8.56 -2.65
CA ARG A 56 8.82 9.46 -3.16
C ARG A 56 8.25 10.82 -3.64
N GLY A 57 7.05 10.81 -4.17
CA GLY A 57 6.44 12.07 -4.66
C GLY A 57 5.48 12.67 -3.63
N ILE A 58 5.74 12.46 -2.37
CA ILE A 58 4.84 13.04 -1.32
C ILE A 58 5.60 14.18 -0.63
N HIS A 59 4.86 15.15 -0.16
CA HIS A 59 5.51 16.32 0.52
C HIS A 59 5.61 16.02 2.03
N ASN A 60 4.52 15.56 2.61
CA ASN A 60 4.52 15.25 4.08
C ASN A 60 3.89 13.86 4.30
N LEU A 61 4.62 12.82 4.00
CA LEU A 61 4.07 11.44 4.19
C LEU A 61 3.78 11.22 5.68
N ASN A 62 2.69 10.54 5.97
CA ASN A 62 2.33 10.27 7.40
C ASN A 62 2.41 8.77 7.64
N GLU A 63 3.23 8.36 8.56
CA GLU A 63 3.39 6.90 8.89
C GLU A 63 2.19 6.48 9.77
N ASP A 64 1.77 7.37 10.63
CA ASP A 64 0.63 7.07 11.55
C ASP A 64 -0.59 6.55 10.82
N ASN A 65 -0.93 7.18 9.73
CA ASN A 65 -2.12 6.74 8.95
C ASN A 65 -1.71 5.51 8.10
N ALA A 66 -0.61 5.59 7.39
CA ALA A 66 -0.13 4.44 6.55
C ALA A 66 -0.15 3.12 7.35
N ARG A 67 0.32 3.22 8.55
CA ARG A 67 0.38 2.08 9.49
C ARG A 67 -1.01 1.78 10.06
N SER A 68 -1.87 2.77 10.06
CA SER A 68 -3.24 2.56 10.62
C SER A 68 -4.21 2.01 9.57
N ILE A 69 -3.76 1.78 8.37
CA ILE A 69 -4.66 1.22 7.30
C ILE A 69 -4.76 -0.32 7.54
N PRO A 70 -3.66 -1.04 7.47
CA PRO A 70 -3.73 -2.51 7.63
C PRO A 70 -4.37 -3.04 8.95
N PRO A 71 -4.08 -2.47 10.11
CA PRO A 71 -4.70 -2.94 11.39
C PRO A 71 -6.23 -2.84 11.38
N LYS A 72 -6.74 -1.65 11.13
CA LYS A 72 -8.22 -1.49 11.12
C LYS A 72 -8.86 -2.36 10.05
N CYS A 73 -8.22 -2.40 8.92
CA CYS A 73 -8.73 -3.22 7.79
C CYS A 73 -8.79 -4.71 8.15
N GLY A 74 -7.70 -5.22 8.64
CA GLY A 74 -7.62 -6.65 9.04
C GLY A 74 -7.01 -7.38 7.85
N VAL A 75 -6.03 -6.72 7.27
CA VAL A 75 -5.31 -7.26 6.08
C VAL A 75 -3.84 -7.46 6.45
N ASN A 76 -3.29 -6.53 7.18
CA ASN A 76 -1.85 -6.66 7.60
C ASN A 76 -0.90 -6.73 6.39
N LEU A 77 -0.71 -5.65 5.70
CA LEU A 77 0.21 -5.66 4.50
C LEU A 77 1.66 -5.72 5.00
N PRO A 78 2.57 -6.25 4.21
CA PRO A 78 3.99 -6.29 4.60
C PRO A 78 4.67 -4.96 4.26
N TYR A 79 3.92 -4.02 3.71
CA TYR A 79 4.53 -2.70 3.35
C TYR A 79 3.42 -1.71 2.97
N THR A 80 3.75 -0.45 2.91
CA THR A 80 2.74 0.61 2.55
C THR A 80 3.45 1.78 1.90
N ILE A 81 2.79 2.91 1.81
CA ILE A 81 3.41 4.10 1.20
C ILE A 81 4.42 4.64 2.24
N SER A 82 5.63 4.16 2.11
CA SER A 82 6.74 4.56 3.03
C SER A 82 8.05 3.91 2.55
N LEU A 83 9.07 3.96 3.38
CA LEU A 83 10.39 3.36 3.05
C LEU A 83 10.96 2.61 4.27
N ASN A 84 10.13 1.83 4.92
CA ASN A 84 10.55 1.04 6.13
C ASN A 84 10.74 -0.46 5.79
N ILE A 85 10.63 -0.80 4.54
CA ILE A 85 10.79 -2.23 4.13
C ILE A 85 11.71 -2.38 2.92
N ASP A 86 12.41 -3.47 2.85
CA ASP A 86 13.33 -3.65 1.70
C ASP A 86 12.61 -4.25 0.49
N CYS A 87 11.44 -4.81 0.69
CA CYS A 87 10.67 -5.43 -0.44
C CYS A 87 11.51 -6.44 -1.24
N SER A 88 12.57 -6.91 -0.66
CA SER A 88 13.46 -7.90 -1.35
C SER A 88 13.24 -9.29 -0.76
N ARG A 89 13.16 -9.31 0.54
CA ARG A 89 12.96 -10.59 1.28
C ARG A 89 11.57 -10.72 1.92
N VAL A 90 10.59 -10.15 1.28
CA VAL A 90 9.20 -10.22 1.84
C VAL A 90 8.31 -11.10 0.93
N ILE A 1 4.77 -8.93 -12.28
CA ILE A 1 3.48 -8.31 -12.71
C ILE A 1 3.71 -6.79 -12.92
N ASP A 2 3.03 -6.22 -13.87
CA ASP A 2 3.21 -4.76 -14.16
C ASP A 2 2.32 -3.94 -13.22
N CYS A 3 2.79 -2.79 -12.81
CA CYS A 3 1.94 -1.99 -11.87
C CYS A 3 0.80 -1.31 -12.65
N GLY A 4 -0.11 -2.11 -13.13
CA GLY A 4 -1.28 -1.58 -13.89
C GLY A 4 -2.49 -1.54 -12.97
N HIS A 5 -2.84 -2.66 -12.40
CA HIS A 5 -4.03 -2.69 -11.48
C HIS A 5 -3.57 -2.31 -10.07
N VAL A 6 -2.37 -2.64 -9.72
CA VAL A 6 -1.86 -2.31 -8.35
C VAL A 6 -1.91 -0.79 -8.11
N ASP A 7 -1.62 -0.03 -9.13
CA ASP A 7 -1.63 1.46 -9.01
C ASP A 7 -2.96 1.95 -8.42
N SER A 8 -4.05 1.46 -8.96
CA SER A 8 -5.38 1.89 -8.45
C SER A 8 -5.75 1.12 -7.18
N LEU A 9 -5.04 0.08 -6.83
CA LEU A 9 -5.36 -0.69 -5.61
C LEU A 9 -4.70 -0.03 -4.39
N VAL A 10 -3.53 0.53 -4.57
CA VAL A 10 -2.82 1.20 -3.42
C VAL A 10 -3.25 2.69 -3.30
N ARG A 11 -3.72 3.24 -4.38
CA ARG A 11 -4.17 4.67 -4.40
C ARG A 11 -5.25 4.97 -3.34
N PRO A 12 -6.27 4.15 -3.23
CA PRO A 12 -7.33 4.34 -2.19
C PRO A 12 -6.80 4.39 -0.76
N CYS A 13 -5.76 3.66 -0.43
CA CYS A 13 -5.25 3.71 0.94
C CYS A 13 -4.36 4.94 1.15
N LEU A 14 -3.74 5.38 0.11
CA LEU A 14 -2.85 6.59 0.16
C LEU A 14 -3.67 7.85 0.48
N SER A 15 -4.89 7.86 0.02
CA SER A 15 -5.82 9.02 0.26
C SER A 15 -5.94 9.35 1.77
N TYR A 16 -5.68 8.37 2.59
CA TYR A 16 -5.77 8.58 4.08
C TYR A 16 -4.42 8.95 4.63
N VAL A 17 -3.44 8.22 4.21
CA VAL A 17 -2.03 8.47 4.66
C VAL A 17 -1.62 9.93 4.48
N GLN A 18 -2.13 10.59 3.46
CA GLN A 18 -1.76 11.99 3.24
C GLN A 18 -2.22 12.88 4.41
N GLY A 19 -3.24 12.46 5.10
CA GLY A 19 -3.75 13.25 6.27
C GLY A 19 -5.12 13.86 5.95
N GLY A 20 -5.92 13.12 5.23
CA GLY A 20 -7.28 13.61 4.86
C GLY A 20 -8.32 12.53 5.16
N PRO A 21 -9.54 12.75 4.75
CA PRO A 21 -10.63 11.75 4.98
C PRO A 21 -10.38 10.53 4.09
N GLY A 22 -10.54 9.34 4.62
CA GLY A 22 -10.31 8.11 3.81
C GLY A 22 -10.05 6.95 4.76
N PRO A 23 -9.45 5.89 4.27
CA PRO A 23 -9.00 5.78 2.86
C PRO A 23 -10.15 5.63 1.85
N SER A 24 -10.89 4.56 1.97
CA SER A 24 -12.04 4.27 1.06
C SER A 24 -12.50 2.84 1.29
N GLY A 25 -13.70 2.55 0.88
CA GLY A 25 -14.23 1.16 1.05
C GLY A 25 -13.45 0.24 0.12
N GLN A 26 -12.65 0.81 -0.75
CA GLN A 26 -11.86 -0.06 -1.71
C GLN A 26 -10.45 -0.26 -1.13
N CYS A 27 -10.04 0.54 -0.18
CA CYS A 27 -8.67 0.35 0.38
C CYS A 27 -8.56 -1.07 0.95
N CYS A 28 -9.58 -1.53 1.64
CA CYS A 28 -9.51 -2.91 2.20
C CYS A 28 -9.72 -3.98 1.14
N ASP A 29 -10.83 -3.99 0.48
CA ASP A 29 -11.09 -5.01 -0.57
C ASP A 29 -9.98 -4.94 -1.63
N GLY A 30 -9.68 -3.75 -2.04
CA GLY A 30 -8.64 -3.51 -3.08
C GLY A 30 -7.27 -4.03 -2.67
N VAL A 31 -6.80 -3.63 -1.51
CA VAL A 31 -5.46 -4.08 -1.04
C VAL A 31 -5.52 -5.54 -0.57
N LYS A 32 -6.56 -5.93 0.12
CA LYS A 32 -6.71 -7.33 0.62
C LYS A 32 -6.47 -8.26 -0.58
N ASN A 33 -7.09 -7.90 -1.67
CA ASN A 33 -6.96 -8.69 -2.93
C ASN A 33 -5.51 -8.68 -3.42
N LEU A 34 -4.97 -7.51 -3.55
CA LEU A 34 -3.57 -7.32 -4.01
C LEU A 34 -2.61 -8.20 -3.18
N HIS A 35 -2.67 -8.03 -1.89
CA HIS A 35 -1.81 -8.80 -0.96
C HIS A 35 -1.89 -10.29 -1.31
N ASN A 36 -3.10 -10.79 -1.30
CA ASN A 36 -3.35 -12.23 -1.62
C ASN A 36 -2.79 -12.60 -3.01
N GLN A 37 -2.78 -11.63 -3.90
CA GLN A 37 -2.26 -11.87 -5.28
C GLN A 37 -0.74 -12.08 -5.30
N ALA A 38 -0.06 -11.64 -4.27
CA ALA A 38 1.43 -11.81 -4.24
C ALA A 38 1.74 -13.29 -3.95
N ARG A 39 1.69 -14.10 -4.98
CA ARG A 39 1.98 -15.55 -4.81
C ARG A 39 3.46 -15.80 -5.11
N SER A 40 4.06 -14.97 -5.94
CA SER A 40 5.52 -15.16 -6.24
C SER A 40 6.33 -13.98 -5.69
N GLN A 41 7.58 -14.23 -5.41
CA GLN A 41 8.51 -13.19 -4.86
C GLN A 41 8.38 -11.90 -5.70
N SER A 42 8.31 -12.12 -6.99
CA SER A 42 8.19 -11.02 -8.00
C SER A 42 6.85 -10.26 -7.93
N ASP A 43 5.80 -10.97 -7.65
CA ASP A 43 4.45 -10.38 -7.57
C ASP A 43 4.32 -9.34 -6.46
N ARG A 44 4.91 -9.66 -5.34
CA ARG A 44 4.89 -8.77 -4.14
C ARG A 44 5.82 -7.59 -4.43
N GLN A 45 7.01 -7.93 -4.82
CA GLN A 45 8.06 -6.91 -5.15
C GLN A 45 7.47 -5.85 -6.11
N SER A 46 6.71 -6.33 -7.07
CA SER A 46 6.07 -5.38 -8.06
C SER A 46 5.18 -4.35 -7.36
N ALA A 47 4.14 -4.85 -6.75
CA ALA A 47 3.19 -3.96 -6.03
C ALA A 47 3.93 -3.11 -4.99
N CYS A 48 4.95 -3.68 -4.40
CA CYS A 48 5.74 -2.97 -3.39
C CYS A 48 6.35 -1.72 -4.02
N ASN A 49 6.83 -1.85 -5.24
CA ASN A 49 7.44 -0.64 -5.88
C ASN A 49 6.40 0.44 -6.12
N CYS A 50 5.21 0.04 -6.49
CA CYS A 50 4.11 1.03 -6.75
C CYS A 50 4.03 2.02 -5.57
N LEU A 51 3.74 1.46 -4.42
CA LEU A 51 3.63 2.27 -3.17
C LEU A 51 4.91 3.04 -2.86
N LYS A 52 6.00 2.34 -2.87
CA LYS A 52 7.33 2.94 -2.56
C LYS A 52 7.58 4.14 -3.48
N GLY A 53 7.51 3.93 -4.78
CA GLY A 53 7.74 5.01 -5.78
C GLY A 53 6.77 6.18 -5.52
N ILE A 54 5.58 5.84 -5.12
CA ILE A 54 4.54 6.87 -4.83
C ILE A 54 4.87 7.65 -3.54
N ALA A 55 4.85 6.94 -2.43
CA ALA A 55 5.14 7.53 -1.09
C ALA A 55 6.37 8.45 -1.17
N ARG A 56 7.35 8.02 -1.92
CA ARG A 56 8.60 8.81 -2.08
C ARG A 56 8.36 10.26 -2.55
N GLY A 57 7.31 10.45 -3.30
CA GLY A 57 6.99 11.81 -3.81
C GLY A 57 6.22 12.62 -2.77
N ILE A 58 5.67 11.95 -1.78
CA ILE A 58 4.91 12.69 -0.72
C ILE A 58 5.92 13.37 0.22
N HIS A 59 6.91 12.64 0.63
CA HIS A 59 7.97 13.16 1.56
C HIS A 59 7.42 13.44 2.97
N ASN A 60 6.42 14.28 3.09
CA ASN A 60 5.83 14.59 4.43
C ASN A 60 4.59 13.71 4.63
N LEU A 61 4.71 12.44 4.38
CA LEU A 61 3.58 11.51 4.52
C LEU A 61 3.22 11.35 6.01
N ASN A 62 2.21 10.56 6.30
CA ASN A 62 1.80 10.36 7.73
C ASN A 62 1.93 8.89 8.16
N GLU A 63 2.93 8.61 8.96
CA GLU A 63 3.16 7.22 9.43
C GLU A 63 1.96 6.73 10.25
N ASP A 64 1.42 7.61 11.07
CA ASP A 64 0.25 7.22 11.92
C ASP A 64 -0.89 6.71 11.02
N ASN A 65 -1.19 7.42 9.98
CA ASN A 65 -2.30 6.96 9.08
C ASN A 65 -1.88 5.72 8.29
N ALA A 66 -0.73 5.79 7.64
CA ALA A 66 -0.23 4.61 6.86
C ALA A 66 -0.33 3.32 7.70
N ARG A 67 0.15 3.43 8.90
CA ARG A 67 0.15 2.27 9.83
C ARG A 67 -1.28 1.97 10.29
N SER A 68 -2.14 2.96 10.25
CA SER A 68 -3.56 2.75 10.68
C SER A 68 -4.45 2.13 9.61
N ILE A 69 -3.93 1.96 8.42
CA ILE A 69 -4.72 1.34 7.30
C ILE A 69 -4.81 -0.20 7.50
N PRO A 70 -3.68 -0.89 7.61
CA PRO A 70 -3.72 -2.37 7.80
C PRO A 70 -4.43 -2.89 9.07
N PRO A 71 -4.24 -2.30 10.24
CA PRO A 71 -4.91 -2.80 11.47
C PRO A 71 -6.44 -2.71 11.38
N LYS A 72 -6.94 -1.53 11.13
CA LYS A 72 -8.42 -1.34 11.03
C LYS A 72 -9.06 -2.27 10.01
N CYS A 73 -8.29 -2.56 9.00
CA CYS A 73 -8.78 -3.46 7.92
C CYS A 73 -8.76 -4.93 8.34
N GLY A 74 -7.61 -5.43 8.73
CA GLY A 74 -7.51 -6.86 9.16
C GLY A 74 -6.72 -7.71 8.18
N VAL A 75 -5.90 -7.06 7.37
CA VAL A 75 -5.07 -7.79 6.38
C VAL A 75 -3.60 -7.71 6.72
N ASN A 76 -3.21 -6.66 7.38
CA ASN A 76 -1.77 -6.50 7.77
C ASN A 76 -0.81 -6.52 6.56
N LEU A 77 -0.45 -5.38 6.03
CA LEU A 77 0.47 -5.38 4.85
C LEU A 77 1.92 -5.20 5.35
N PRO A 78 2.86 -5.74 4.60
CA PRO A 78 4.29 -5.55 4.95
C PRO A 78 4.84 -4.26 4.31
N TYR A 79 3.98 -3.48 3.68
CA TYR A 79 4.45 -2.20 3.04
C TYR A 79 3.23 -1.33 2.71
N THR A 80 3.38 -0.03 2.78
CA THR A 80 2.24 0.90 2.48
C THR A 80 2.84 2.25 2.07
N ILE A 81 2.05 3.29 2.18
CA ILE A 81 2.56 4.62 1.79
C ILE A 81 3.42 5.17 2.95
N SER A 82 4.54 4.56 3.17
CA SER A 82 5.48 4.98 4.27
C SER A 82 6.92 4.63 3.86
N LEU A 83 7.83 4.82 4.78
CA LEU A 83 9.29 4.54 4.53
C LEU A 83 9.94 3.86 5.75
N ASN A 84 9.28 2.91 6.33
CA ASN A 84 9.88 2.23 7.53
C ASN A 84 9.73 0.70 7.47
N ILE A 85 9.71 0.15 6.29
CA ILE A 85 9.56 -1.32 6.11
C ILE A 85 10.34 -1.79 4.88
N ASP A 86 10.36 -3.08 4.65
CA ASP A 86 11.08 -3.63 3.46
C ASP A 86 10.37 -4.92 3.04
N CYS A 87 9.88 -4.93 1.84
CA CYS A 87 9.17 -6.11 1.29
C CYS A 87 10.12 -7.32 1.09
N SER A 88 11.30 -7.04 0.58
CA SER A 88 12.33 -8.09 0.30
C SER A 88 13.41 -7.52 -0.60
N ARG A 89 12.99 -6.95 -1.71
CA ARG A 89 13.98 -6.36 -2.65
C ARG A 89 13.22 -5.38 -3.56
N VAL A 90 12.34 -4.63 -2.96
CA VAL A 90 11.52 -3.65 -3.73
C VAL A 90 12.44 -2.41 -4.01
N ILE A 1 4.68 -8.30 -13.29
CA ILE A 1 3.72 -7.30 -12.73
C ILE A 1 4.52 -6.03 -12.46
N ASP A 2 4.07 -4.92 -12.98
CA ASP A 2 4.79 -3.62 -12.79
C ASP A 2 3.94 -2.72 -11.88
N CYS A 3 2.95 -2.08 -12.43
CA CYS A 3 2.07 -1.20 -11.61
C CYS A 3 0.86 -0.73 -12.43
N GLY A 4 0.30 -1.62 -13.19
CA GLY A 4 -0.88 -1.25 -14.04
C GLY A 4 -2.17 -1.44 -13.23
N HIS A 5 -2.24 -2.51 -12.48
CA HIS A 5 -3.45 -2.78 -11.65
C HIS A 5 -3.15 -2.47 -10.17
N VAL A 6 -1.93 -2.66 -9.76
CA VAL A 6 -1.56 -2.37 -8.34
C VAL A 6 -1.68 -0.88 -8.04
N ASP A 7 -1.30 -0.07 -8.98
CA ASP A 7 -1.38 1.42 -8.80
C ASP A 7 -2.76 1.84 -8.30
N SER A 8 -3.78 1.28 -8.90
CA SER A 8 -5.18 1.60 -8.53
C SER A 8 -5.60 0.88 -7.23
N LEU A 9 -4.94 -0.22 -6.94
CA LEU A 9 -5.25 -1.00 -5.72
C LEU A 9 -4.70 -0.31 -4.46
N VAL A 10 -3.52 0.25 -4.56
CA VAL A 10 -2.88 0.95 -3.41
C VAL A 10 -3.35 2.42 -3.31
N ARG A 11 -3.84 2.94 -4.41
CA ARG A 11 -4.33 4.36 -4.43
C ARG A 11 -5.40 4.68 -3.36
N PRO A 12 -6.41 3.84 -3.20
CA PRO A 12 -7.45 4.04 -2.16
C PRO A 12 -6.90 4.14 -0.72
N CYS A 13 -5.84 3.42 -0.40
CA CYS A 13 -5.32 3.52 0.97
C CYS A 13 -4.48 4.77 1.16
N LEU A 14 -3.93 5.29 0.09
CA LEU A 14 -3.10 6.55 0.18
C LEU A 14 -3.98 7.75 0.60
N SER A 15 -5.21 7.75 0.16
CA SER A 15 -6.15 8.86 0.53
C SER A 15 -6.21 9.12 2.04
N TYR A 16 -5.87 8.13 2.81
CA TYR A 16 -5.89 8.27 4.30
C TYR A 16 -4.50 8.68 4.79
N VAL A 17 -3.53 7.99 4.27
CA VAL A 17 -2.10 8.28 4.66
C VAL A 17 -1.75 9.76 4.44
N GLN A 18 -2.35 10.40 3.49
CA GLN A 18 -2.05 11.82 3.23
C GLN A 18 -2.51 12.73 4.41
N GLY A 19 -3.38 12.21 5.24
CA GLY A 19 -3.88 12.99 6.42
C GLY A 19 -5.24 13.61 6.11
N GLY A 20 -6.09 12.82 5.50
CA GLY A 20 -7.46 13.31 5.14
C GLY A 20 -8.47 12.21 5.46
N PRO A 21 -9.71 12.41 5.06
CA PRO A 21 -10.78 11.39 5.27
C PRO A 21 -10.52 10.17 4.36
N GLY A 22 -10.60 8.99 4.90
CA GLY A 22 -10.36 7.77 4.08
C GLY A 22 -10.08 6.59 5.01
N PRO A 23 -9.48 5.55 4.48
CA PRO A 23 -9.00 5.49 3.07
C PRO A 23 -10.16 5.36 2.08
N SER A 24 -10.87 4.28 2.15
CA SER A 24 -12.03 4.02 1.22
C SER A 24 -12.52 2.59 1.40
N GLY A 25 -13.72 2.32 0.97
CA GLY A 25 -14.24 0.93 1.12
C GLY A 25 -13.47 0.02 0.14
N GLN A 26 -12.63 0.62 -0.68
CA GLN A 26 -11.83 -0.17 -1.66
C GLN A 26 -10.45 -0.45 -1.05
N CYS A 27 -10.00 0.37 -0.13
CA CYS A 27 -8.65 0.12 0.49
C CYS A 27 -8.58 -1.30 1.06
N CYS A 28 -9.65 -1.75 1.66
CA CYS A 28 -9.61 -3.14 2.23
C CYS A 28 -9.89 -4.16 1.16
N ASP A 29 -11.06 -4.18 0.59
CA ASP A 29 -11.35 -5.19 -0.48
C ASP A 29 -10.28 -5.10 -1.57
N GLY A 30 -9.97 -3.89 -1.96
CA GLY A 30 -8.95 -3.67 -3.03
C GLY A 30 -7.58 -4.23 -2.66
N VAL A 31 -7.04 -3.78 -1.56
CA VAL A 31 -5.69 -4.30 -1.17
C VAL A 31 -5.75 -5.77 -0.71
N LYS A 32 -6.80 -6.17 -0.08
CA LYS A 32 -6.98 -7.57 0.41
C LYS A 32 -6.82 -8.47 -0.81
N ASN A 33 -7.47 -8.07 -1.88
CA ASN A 33 -7.39 -8.88 -3.13
C ASN A 33 -5.96 -8.88 -3.68
N LEU A 34 -5.34 -7.74 -3.75
CA LEU A 34 -3.93 -7.68 -4.27
C LEU A 34 -3.03 -8.57 -3.41
N HIS A 35 -3.06 -8.33 -2.12
CA HIS A 35 -2.23 -9.12 -1.17
C HIS A 35 -2.39 -10.63 -1.42
N ASN A 36 -3.63 -11.05 -1.38
CA ASN A 36 -3.98 -12.48 -1.61
C ASN A 36 -3.42 -12.93 -2.97
N GLN A 37 -3.49 -12.05 -3.94
CA GLN A 37 -2.96 -12.39 -5.31
C GLN A 37 -1.45 -12.59 -5.29
N ALA A 38 -0.77 -11.79 -4.53
CA ALA A 38 0.71 -11.91 -4.46
C ALA A 38 1.18 -13.22 -3.80
N ARG A 39 1.41 -14.21 -4.62
CA ARG A 39 1.87 -15.54 -4.13
C ARG A 39 3.41 -15.65 -4.20
N SER A 40 4.04 -14.81 -4.98
CA SER A 40 5.54 -14.89 -5.10
C SER A 40 6.21 -13.53 -4.90
N GLN A 41 7.51 -13.52 -4.65
CA GLN A 41 8.20 -12.22 -4.46
C GLN A 41 7.93 -11.28 -5.64
N SER A 42 7.83 -11.81 -6.82
CA SER A 42 7.57 -10.97 -8.02
C SER A 42 6.35 -10.08 -7.80
N ASP A 43 5.33 -10.58 -7.16
CA ASP A 43 4.14 -9.70 -6.97
C ASP A 43 4.30 -8.82 -5.72
N ARG A 44 5.14 -9.23 -4.84
CA ARG A 44 5.38 -8.46 -3.57
C ARG A 44 6.34 -7.28 -3.87
N GLN A 45 7.34 -7.53 -4.67
CA GLN A 45 8.31 -6.46 -5.03
C GLN A 45 7.67 -5.48 -6.01
N SER A 46 6.85 -5.98 -6.92
CA SER A 46 6.21 -5.03 -7.89
C SER A 46 5.29 -4.06 -7.15
N ALA A 47 4.31 -4.60 -6.48
CA ALA A 47 3.36 -3.71 -5.74
C ALA A 47 4.10 -2.76 -4.78
N CYS A 48 5.25 -3.18 -4.32
CA CYS A 48 6.04 -2.32 -3.39
C CYS A 48 6.48 -1.07 -4.17
N ASN A 49 7.02 -1.27 -5.34
CA ASN A 49 7.48 -0.12 -6.18
C ASN A 49 6.36 0.92 -6.36
N CYS A 50 5.16 0.43 -6.50
CA CYS A 50 3.99 1.36 -6.67
C CYS A 50 3.91 2.34 -5.49
N LEU A 51 3.65 1.80 -4.33
CA LEU A 51 3.54 2.66 -3.12
C LEU A 51 4.89 3.30 -2.74
N LYS A 52 5.98 2.61 -2.90
CA LYS A 52 7.30 3.20 -2.54
C LYS A 52 7.68 4.30 -3.53
N GLY A 53 7.50 4.04 -4.80
CA GLY A 53 7.83 5.04 -5.85
C GLY A 53 7.06 6.34 -5.57
N ILE A 54 5.84 6.19 -5.14
CA ILE A 54 4.98 7.37 -4.81
C ILE A 54 5.48 8.12 -3.59
N ALA A 55 5.48 7.46 -2.46
CA ALA A 55 5.95 8.12 -1.20
C ALA A 55 7.25 8.88 -1.42
N ARG A 56 8.12 8.31 -2.22
CA ARG A 56 9.43 8.95 -2.52
C ARG A 56 9.30 10.38 -3.07
N GLY A 57 8.19 10.68 -3.68
CA GLY A 57 7.96 12.05 -4.25
C GLY A 57 7.13 12.92 -3.31
N ILE A 58 6.38 12.29 -2.44
CA ILE A 58 5.55 13.08 -1.47
C ILE A 58 6.44 13.74 -0.41
N HIS A 59 7.43 13.02 0.03
CA HIS A 59 8.39 13.52 1.07
C HIS A 59 7.72 13.66 2.45
N ASN A 60 6.67 14.43 2.55
CA ASN A 60 6.00 14.59 3.87
C ASN A 60 4.82 13.61 3.94
N LEU A 61 5.10 12.39 4.30
CA LEU A 61 4.03 11.36 4.39
C LEU A 61 3.63 11.12 5.86
N ASN A 62 2.40 10.72 6.08
CA ASN A 62 1.96 10.48 7.50
C ASN A 62 2.03 8.98 7.81
N GLU A 63 3.13 8.59 8.42
CA GLU A 63 3.34 7.17 8.79
C GLU A 63 2.20 6.72 9.71
N ASP A 64 1.78 7.59 10.59
CA ASP A 64 0.68 7.29 11.54
C ASP A 64 -0.55 6.69 10.83
N ASN A 65 -0.98 7.31 9.76
CA ASN A 65 -2.17 6.77 9.04
C ASN A 65 -1.77 5.56 8.20
N ALA A 66 -0.66 5.66 7.50
CA ALA A 66 -0.21 4.48 6.67
C ALA A 66 -0.22 3.20 7.50
N ARG A 67 0.23 3.30 8.73
CA ARG A 67 0.24 2.08 9.60
C ARG A 67 -1.15 1.84 10.20
N SER A 68 -2.01 2.83 10.17
CA SER A 68 -3.38 2.64 10.73
C SER A 68 -4.34 2.06 9.66
N ILE A 69 -3.86 1.84 8.47
CA ILE A 69 -4.72 1.25 7.38
C ILE A 69 -4.84 -0.29 7.60
N PRO A 70 -3.74 -1.00 7.57
CA PRO A 70 -3.79 -2.48 7.74
C PRO A 70 -4.45 -3.01 9.04
N PRO A 71 -4.22 -2.42 10.20
CA PRO A 71 -4.82 -2.90 11.47
C PRO A 71 -6.36 -2.83 11.46
N LYS A 72 -6.87 -1.64 11.28
CA LYS A 72 -8.36 -1.44 11.26
C LYS A 72 -9.02 -2.33 10.22
N CYS A 73 -8.36 -2.42 9.10
CA CYS A 73 -8.88 -3.26 7.99
C CYS A 73 -8.99 -4.73 8.40
N GLY A 74 -7.91 -5.25 8.95
CA GLY A 74 -7.88 -6.68 9.40
C GLY A 74 -7.23 -7.46 8.25
N VAL A 75 -6.25 -6.83 7.69
CA VAL A 75 -5.51 -7.44 6.54
C VAL A 75 -4.02 -7.56 6.87
N ASN A 76 -3.50 -6.59 7.55
CA ASN A 76 -2.06 -6.61 7.93
C ASN A 76 -1.10 -6.83 6.75
N LEU A 77 -0.94 -5.82 5.94
CA LEU A 77 -0.03 -5.95 4.76
C LEU A 77 1.43 -6.03 5.22
N PRO A 78 2.30 -6.56 4.38
CA PRO A 78 3.72 -6.66 4.72
C PRO A 78 4.43 -5.35 4.36
N TYR A 79 3.70 -4.42 3.80
CA TYR A 79 4.29 -3.11 3.40
C TYR A 79 3.21 -2.05 3.17
N THR A 80 3.53 -0.78 3.21
CA THR A 80 2.50 0.29 2.98
C THR A 80 3.22 1.46 2.30
N ILE A 81 2.52 2.53 2.09
CA ILE A 81 3.13 3.71 1.43
C ILE A 81 4.03 4.41 2.47
N SER A 82 5.13 3.75 2.82
CA SER A 82 6.11 4.31 3.81
C SER A 82 7.50 3.74 3.51
N LEU A 83 8.52 4.33 4.06
CA LEU A 83 9.92 3.84 3.81
C LEU A 83 10.39 3.13 5.07
N ASN A 84 9.64 2.17 5.51
CA ASN A 84 10.02 1.40 6.75
C ASN A 84 10.16 -0.10 6.48
N ILE A 85 9.12 -0.66 5.94
CA ILE A 85 9.11 -2.11 5.60
C ILE A 85 10.22 -2.45 4.59
N ASP A 86 10.57 -3.72 4.50
CA ASP A 86 11.65 -4.14 3.54
C ASP A 86 11.14 -5.18 2.54
N CYS A 87 10.62 -4.74 1.43
CA CYS A 87 10.11 -5.71 0.41
C CYS A 87 11.21 -6.64 -0.14
N SER A 88 12.45 -6.39 0.20
CA SER A 88 13.53 -7.27 -0.32
C SER A 88 13.64 -8.51 0.58
N ARG A 89 12.93 -8.54 1.68
CA ARG A 89 13.01 -9.73 2.58
C ARG A 89 11.61 -10.12 3.11
N VAL A 90 10.64 -10.13 2.24
CA VAL A 90 9.24 -10.50 2.68
C VAL A 90 8.88 -11.93 2.21
N ILE A 1 3.91 -7.53 -13.56
CA ILE A 1 3.02 -6.70 -12.69
C ILE A 1 3.62 -5.29 -12.60
N ASP A 2 4.80 -5.17 -12.02
CA ASP A 2 5.47 -3.84 -11.90
C ASP A 2 4.56 -2.87 -11.13
N CYS A 3 3.69 -2.18 -11.79
CA CYS A 3 2.76 -1.23 -11.08
C CYS A 3 1.66 -0.72 -12.02
N GLY A 4 1.14 -1.62 -12.81
CA GLY A 4 0.04 -1.24 -13.77
C GLY A 4 -1.33 -1.46 -13.11
N HIS A 5 -1.41 -2.43 -12.23
CA HIS A 5 -2.71 -2.72 -11.53
C HIS A 5 -2.59 -2.37 -10.04
N VAL A 6 -1.42 -2.54 -9.49
CA VAL A 6 -1.21 -2.23 -8.04
C VAL A 6 -1.41 -0.72 -7.77
N ASP A 7 -1.08 0.08 -8.73
CA ASP A 7 -1.21 1.56 -8.62
C ASP A 7 -2.64 1.95 -8.16
N SER A 8 -3.58 1.34 -8.80
CA SER A 8 -5.02 1.60 -8.49
C SER A 8 -5.47 0.88 -7.21
N LEU A 9 -4.82 -0.20 -6.89
CA LEU A 9 -5.16 -0.98 -5.68
C LEU A 9 -4.65 -0.24 -4.43
N VAL A 10 -3.51 0.37 -4.52
CA VAL A 10 -2.92 1.13 -3.36
C VAL A 10 -3.45 2.57 -3.34
N ARG A 11 -4.01 3.00 -4.42
CA ARG A 11 -4.56 4.39 -4.51
C ARG A 11 -5.63 4.72 -3.44
N PRO A 12 -6.59 3.84 -3.24
CA PRO A 12 -7.62 4.02 -2.18
C PRO A 12 -7.05 4.21 -0.78
N CYS A 13 -5.98 3.52 -0.45
CA CYS A 13 -5.42 3.67 0.89
C CYS A 13 -4.62 4.97 1.02
N LEU A 14 -4.24 5.57 -0.08
CA LEU A 14 -3.46 6.84 -0.02
C LEU A 14 -4.34 8.01 0.46
N SER A 15 -5.61 7.94 0.15
CA SER A 15 -6.57 9.03 0.56
C SER A 15 -6.52 9.27 2.09
N TYR A 16 -6.08 8.28 2.80
CA TYR A 16 -5.99 8.41 4.30
C TYR A 16 -4.56 8.78 4.69
N VAL A 17 -3.64 8.09 4.06
CA VAL A 17 -2.18 8.37 4.34
C VAL A 17 -1.84 9.85 4.14
N GLN A 18 -2.51 10.53 3.24
CA GLN A 18 -2.22 11.95 3.00
C GLN A 18 -2.55 12.81 4.23
N GLY A 19 -3.42 12.33 5.08
CA GLY A 19 -3.81 13.09 6.30
C GLY A 19 -5.20 13.70 6.13
N GLY A 20 -6.09 12.95 5.54
CA GLY A 20 -7.48 13.45 5.32
C GLY A 20 -8.49 12.34 5.60
N PRO A 21 -9.72 12.54 5.20
CA PRO A 21 -10.78 11.51 5.39
C PRO A 21 -10.52 10.31 4.45
N GLY A 22 -10.67 9.11 4.95
CA GLY A 22 -10.44 7.91 4.09
C GLY A 22 -10.17 6.72 5.01
N PRO A 23 -9.56 5.68 4.48
CA PRO A 23 -9.06 5.63 3.08
C PRO A 23 -10.19 5.51 2.05
N SER A 24 -10.90 4.42 2.12
CA SER A 24 -12.04 4.14 1.19
C SER A 24 -12.50 2.70 1.36
N GLY A 25 -13.69 2.42 0.93
CA GLY A 25 -14.21 1.02 1.07
C GLY A 25 -13.41 0.14 0.11
N GLN A 26 -12.57 0.73 -0.71
CA GLN A 26 -11.77 -0.10 -1.68
C GLN A 26 -10.38 -0.32 -1.07
N CYS A 27 -9.99 0.47 -0.10
CA CYS A 27 -8.64 0.25 0.53
C CYS A 27 -8.57 -1.16 1.11
N CYS A 28 -9.65 -1.60 1.71
CA CYS A 28 -9.62 -2.98 2.30
C CYS A 28 -9.86 -4.02 1.22
N ASP A 29 -10.99 -4.00 0.59
CA ASP A 29 -11.28 -5.00 -0.49
C ASP A 29 -10.15 -4.99 -1.52
N GLY A 30 -9.83 -3.79 -1.94
CA GLY A 30 -8.77 -3.58 -2.96
C GLY A 30 -7.41 -4.14 -2.56
N VAL A 31 -6.93 -3.70 -1.43
CA VAL A 31 -5.60 -4.20 -0.96
C VAL A 31 -5.67 -5.66 -0.49
N LYS A 32 -6.74 -6.05 0.15
CA LYS A 32 -6.92 -7.44 0.66
C LYS A 32 -6.75 -8.36 -0.57
N ASN A 33 -7.40 -7.97 -1.63
CA ASN A 33 -7.32 -8.77 -2.89
C ASN A 33 -5.89 -8.83 -3.40
N LEU A 34 -5.29 -7.70 -3.60
CA LEU A 34 -3.88 -7.66 -4.10
C LEU A 34 -2.99 -8.54 -3.21
N HIS A 35 -3.01 -8.26 -1.93
CA HIS A 35 -2.18 -9.05 -0.97
C HIS A 35 -2.40 -10.55 -1.17
N ASN A 36 -3.64 -10.95 -1.08
CA ASN A 36 -3.98 -12.39 -1.27
C ASN A 36 -3.51 -12.88 -2.64
N GLN A 37 -3.67 -12.06 -3.64
CA GLN A 37 -3.25 -12.41 -5.03
C GLN A 37 -1.72 -12.56 -5.09
N ALA A 38 -1.03 -11.73 -4.35
CA ALA A 38 0.46 -11.78 -4.34
C ALA A 38 1.00 -13.06 -3.66
N ARG A 39 1.38 -14.01 -4.47
CA ARG A 39 1.91 -15.30 -3.95
C ARG A 39 3.42 -15.43 -4.21
N SER A 40 3.90 -14.73 -5.19
CA SER A 40 5.35 -14.80 -5.53
C SER A 40 6.07 -13.45 -5.39
N GLN A 41 7.36 -13.46 -5.61
CA GLN A 41 8.13 -12.17 -5.49
C GLN A 41 7.68 -11.16 -6.56
N SER A 42 7.26 -11.65 -7.70
CA SER A 42 6.80 -10.76 -8.78
C SER A 42 5.66 -9.86 -8.34
N ASP A 43 4.80 -10.36 -7.49
CA ASP A 43 3.66 -9.51 -7.01
C ASP A 43 4.08 -8.76 -5.75
N ARG A 44 4.91 -9.37 -4.95
CA ARG A 44 5.36 -8.72 -3.70
C ARG A 44 6.39 -7.60 -3.93
N GLN A 45 7.24 -7.81 -4.89
CA GLN A 45 8.30 -6.83 -5.24
C GLN A 45 7.62 -5.73 -6.10
N SER A 46 6.74 -6.10 -7.01
CA SER A 46 6.09 -5.06 -7.85
C SER A 46 5.29 -4.08 -6.98
N ALA A 47 4.36 -4.60 -6.22
CA ALA A 47 3.54 -3.70 -5.36
C ALA A 47 4.40 -2.86 -4.42
N CYS A 48 5.49 -3.41 -3.93
CA CYS A 48 6.35 -2.60 -3.02
C CYS A 48 6.85 -1.36 -3.80
N ASN A 49 7.18 -1.56 -5.04
CA ASN A 49 7.66 -0.39 -5.85
C ASN A 49 6.59 0.69 -5.98
N CYS A 50 5.35 0.30 -6.11
CA CYS A 50 4.26 1.31 -6.24
C CYS A 50 4.31 2.29 -5.05
N LEU A 51 4.20 1.73 -3.89
CA LEU A 51 4.23 2.53 -2.61
C LEU A 51 5.53 3.32 -2.50
N LYS A 52 6.63 2.68 -2.85
CA LYS A 52 7.96 3.35 -2.77
C LYS A 52 8.08 4.54 -3.73
N GLY A 53 7.85 4.30 -5.00
CA GLY A 53 7.93 5.40 -6.01
C GLY A 53 6.95 6.52 -5.61
N ILE A 54 5.81 6.11 -5.12
CA ILE A 54 4.76 7.08 -4.69
C ILE A 54 5.20 7.87 -3.45
N ALA A 55 5.39 7.20 -2.36
CA ALA A 55 5.81 7.85 -1.09
C ALA A 55 6.94 8.85 -1.31
N ARG A 56 7.81 8.50 -2.22
CA ARG A 56 8.98 9.36 -2.55
C ARG A 56 8.59 10.69 -3.25
N GLY A 57 7.44 10.72 -3.87
CA GLY A 57 6.98 11.96 -4.55
C GLY A 57 5.94 12.68 -3.70
N ILE A 58 5.94 12.46 -2.40
CA ILE A 58 4.95 13.16 -1.52
C ILE A 58 5.75 13.96 -0.48
N HIS A 59 5.34 15.18 -0.23
CA HIS A 59 6.06 16.02 0.77
C HIS A 59 5.43 15.81 2.15
N ASN A 60 4.15 15.54 2.19
CA ASN A 60 3.44 15.31 3.50
C ASN A 60 3.14 13.81 3.63
N LEU A 61 4.13 13.04 3.99
CA LEU A 61 3.90 11.57 4.14
C LEU A 61 3.48 11.31 5.59
N ASN A 62 2.41 10.56 5.77
CA ASN A 62 1.93 10.26 7.15
C ASN A 62 2.05 8.75 7.45
N GLU A 63 3.16 8.38 8.04
CA GLU A 63 3.39 6.95 8.38
C GLU A 63 2.32 6.45 9.37
N ASP A 64 1.91 7.32 10.26
CA ASP A 64 0.86 6.94 11.26
C ASP A 64 -0.35 6.40 10.51
N ASN A 65 -0.81 7.09 9.51
CA ASN A 65 -2.00 6.63 8.74
C ASN A 65 -1.65 5.35 7.94
N ALA A 66 -0.57 5.43 7.19
CA ALA A 66 -0.10 4.27 6.37
C ALA A 66 -0.15 2.95 7.18
N ARG A 67 0.33 3.04 8.39
CA ARG A 67 0.37 1.86 9.32
C ARG A 67 -1.03 1.65 9.92
N SER A 68 -1.84 2.68 9.94
CA SER A 68 -3.22 2.53 10.50
C SER A 68 -4.25 1.97 9.50
N ILE A 69 -3.79 1.68 8.30
CA ILE A 69 -4.71 1.10 7.26
C ILE A 69 -4.91 -0.42 7.58
N PRO A 70 -3.85 -1.20 7.60
CA PRO A 70 -3.98 -2.66 7.86
C PRO A 70 -4.68 -3.08 9.17
N PRO A 71 -4.42 -2.46 10.30
CA PRO A 71 -5.07 -2.85 11.59
C PRO A 71 -6.60 -2.74 11.53
N LYS A 72 -7.07 -1.56 11.27
CA LYS A 72 -8.55 -1.33 11.19
C LYS A 72 -9.21 -2.27 10.19
N CYS A 73 -8.49 -2.50 9.13
CA CYS A 73 -8.99 -3.40 8.06
C CYS A 73 -9.05 -4.87 8.50
N GLY A 74 -7.93 -5.41 8.90
CA GLY A 74 -7.89 -6.83 9.36
C GLY A 74 -7.17 -7.74 8.37
N VAL A 75 -6.34 -7.15 7.54
CA VAL A 75 -5.58 -7.95 6.53
C VAL A 75 -4.08 -7.96 6.81
N ASN A 76 -3.62 -6.94 7.48
CA ASN A 76 -2.16 -6.85 7.82
C ASN A 76 -1.24 -6.97 6.60
N LEU A 77 -0.89 -5.87 5.99
CA LEU A 77 -0.01 -5.94 4.79
C LEU A 77 1.45 -6.03 5.22
N PRO A 78 2.30 -6.53 4.35
CA PRO A 78 3.73 -6.67 4.66
C PRO A 78 4.46 -5.37 4.29
N TYR A 79 3.71 -4.36 3.89
CA TYR A 79 4.32 -3.05 3.50
C TYR A 79 3.26 -1.96 3.32
N THR A 80 3.66 -0.72 3.40
CA THR A 80 2.70 0.42 3.23
C THR A 80 3.39 1.58 2.48
N ILE A 81 2.93 2.77 2.71
CA ILE A 81 3.52 3.97 2.03
C ILE A 81 4.73 4.46 2.87
N SER A 82 5.85 3.80 2.73
CA SER A 82 7.08 4.19 3.47
C SER A 82 8.35 3.73 2.74
N LEU A 83 9.50 4.12 3.21
CA LEU A 83 10.78 3.72 2.54
C LEU A 83 11.64 2.87 3.51
N ASN A 84 11.00 1.96 4.20
CA ASN A 84 11.72 1.10 5.17
C ASN A 84 11.70 -0.37 4.74
N ILE A 85 10.70 -0.76 3.98
CA ILE A 85 10.60 -2.17 3.51
C ILE A 85 11.76 -2.48 2.55
N ASP A 86 12.04 -3.74 2.37
CA ASP A 86 13.15 -4.14 1.44
C ASP A 86 12.57 -4.39 0.04
N CYS A 87 11.38 -4.93 -0.02
CA CYS A 87 10.69 -5.25 -1.32
C CYS A 87 11.31 -6.48 -1.98
N SER A 88 12.61 -6.44 -2.19
CA SER A 88 13.27 -7.63 -2.84
C SER A 88 13.40 -8.74 -1.80
N ARG A 89 13.52 -8.40 -0.55
CA ARG A 89 13.65 -9.45 0.48
C ARG A 89 12.50 -9.37 1.50
N VAL A 90 11.30 -9.52 1.00
CA VAL A 90 10.10 -9.48 1.90
C VAL A 90 9.57 -10.93 2.06
N ILE A 1 5.44 -8.49 -12.59
CA ILE A 1 4.12 -7.85 -12.38
C ILE A 1 4.28 -6.33 -12.53
N ASP A 2 4.01 -5.82 -13.71
CA ASP A 2 4.15 -4.35 -13.93
C ASP A 2 3.18 -3.60 -13.01
N CYS A 3 3.61 -2.48 -12.46
CA CYS A 3 2.68 -1.75 -11.56
C CYS A 3 1.68 -0.92 -12.38
N GLY A 4 0.82 -1.62 -13.07
CA GLY A 4 -0.20 -0.94 -13.91
C GLY A 4 -1.55 -0.96 -13.18
N HIS A 5 -1.94 -2.13 -12.71
CA HIS A 5 -3.24 -2.27 -11.97
C HIS A 5 -3.03 -2.02 -10.47
N VAL A 6 -1.86 -2.39 -9.99
CA VAL A 6 -1.55 -2.20 -8.54
C VAL A 6 -1.74 -0.74 -8.12
N ASP A 7 -1.41 0.17 -9.01
CA ASP A 7 -1.57 1.63 -8.69
C ASP A 7 -2.98 1.94 -8.18
N SER A 8 -3.94 1.66 -9.01
CA SER A 8 -5.38 1.92 -8.64
C SER A 8 -5.76 1.14 -7.36
N LEU A 9 -5.09 0.05 -7.09
CA LEU A 9 -5.41 -0.75 -5.89
C LEU A 9 -4.87 -0.08 -4.63
N VAL A 10 -3.72 0.54 -4.71
CA VAL A 10 -3.15 1.22 -3.50
C VAL A 10 -3.47 2.73 -3.48
N ARG A 11 -4.08 3.21 -4.52
CA ARG A 11 -4.45 4.66 -4.61
C ARG A 11 -5.56 5.08 -3.61
N PRO A 12 -6.56 4.25 -3.35
CA PRO A 12 -7.64 4.62 -2.41
C PRO A 12 -7.16 4.77 -0.96
N CYS A 13 -6.13 4.06 -0.54
CA CYS A 13 -5.71 4.25 0.87
C CYS A 13 -4.73 5.43 1.04
N LEU A 14 -4.27 5.97 -0.06
CA LEU A 14 -3.31 7.13 -0.02
C LEU A 14 -4.03 8.38 0.54
N SER A 15 -5.31 8.49 0.24
CA SER A 15 -6.11 9.65 0.72
C SER A 15 -6.08 9.79 2.25
N TYR A 16 -5.81 8.72 2.93
CA TYR A 16 -5.75 8.76 4.43
C TYR A 16 -4.32 9.07 4.87
N VAL A 17 -3.41 8.38 4.24
CA VAL A 17 -1.96 8.59 4.56
C VAL A 17 -1.55 10.07 4.47
N GLN A 18 -2.14 10.79 3.55
CA GLN A 18 -1.83 12.23 3.39
C GLN A 18 -2.28 13.05 4.61
N GLY A 19 -3.18 12.52 5.39
CA GLY A 19 -3.69 13.23 6.60
C GLY A 19 -5.10 13.77 6.35
N GLY A 20 -5.92 12.95 5.74
CA GLY A 20 -7.32 13.36 5.43
C GLY A 20 -8.29 12.23 5.81
N PRO A 21 -9.55 12.40 5.49
CA PRO A 21 -10.57 11.36 5.78
C PRO A 21 -10.35 10.13 4.86
N GLY A 22 -10.58 8.94 5.38
CA GLY A 22 -10.38 7.73 4.56
C GLY A 22 -10.03 6.55 5.48
N PRO A 23 -9.32 5.59 4.97
CA PRO A 23 -8.97 5.46 3.52
C PRO A 23 -10.19 5.39 2.60
N SER A 24 -10.86 4.27 2.66
CA SER A 24 -12.08 4.04 1.80
C SER A 24 -12.65 2.66 2.08
N GLY A 25 -13.87 2.44 1.67
CA GLY A 25 -14.47 1.10 1.90
C GLY A 25 -14.08 0.23 0.67
N GLN A 26 -13.24 0.76 -0.19
CA GLN A 26 -12.82 -0.01 -1.42
C GLN A 26 -11.38 -0.48 -1.21
N CYS A 27 -10.62 0.25 -0.42
CA CYS A 27 -9.21 -0.15 -0.15
C CYS A 27 -9.12 -1.57 0.37
N CYS A 28 -9.78 -1.88 1.44
CA CYS A 28 -9.68 -3.28 1.97
C CYS A 28 -10.08 -4.35 0.97
N ASP A 29 -10.75 -3.97 -0.08
CA ASP A 29 -11.18 -4.96 -1.10
C ASP A 29 -10.08 -5.02 -2.18
N GLY A 30 -9.70 -3.87 -2.67
CA GLY A 30 -8.64 -3.78 -3.73
C GLY A 30 -7.27 -4.17 -3.18
N VAL A 31 -6.98 -3.79 -1.97
CA VAL A 31 -5.68 -4.09 -1.34
C VAL A 31 -5.64 -5.54 -0.86
N LYS A 32 -6.68 -6.00 -0.21
CA LYS A 32 -6.70 -7.42 0.27
C LYS A 32 -6.49 -8.32 -0.95
N ASN A 33 -7.20 -8.00 -2.00
CA ASN A 33 -7.10 -8.80 -3.26
C ASN A 33 -5.67 -8.91 -3.71
N LEU A 34 -5.03 -7.79 -3.95
CA LEU A 34 -3.60 -7.80 -4.41
C LEU A 34 -2.76 -8.66 -3.45
N HIS A 35 -2.80 -8.29 -2.20
CA HIS A 35 -2.03 -9.04 -1.15
C HIS A 35 -2.26 -10.56 -1.30
N ASN A 36 -3.52 -10.91 -1.33
CA ASN A 36 -3.94 -12.34 -1.47
C ASN A 36 -3.46 -12.93 -2.81
N GLN A 37 -3.55 -12.13 -3.84
CA GLN A 37 -3.12 -12.55 -5.20
C GLN A 37 -1.62 -12.83 -5.21
N ALA A 38 -0.88 -12.02 -4.51
CA ALA A 38 0.61 -12.19 -4.44
C ALA A 38 1.03 -13.47 -3.68
N ARG A 39 1.24 -14.53 -4.40
CA ARG A 39 1.66 -15.81 -3.73
C ARG A 39 3.12 -16.16 -4.10
N SER A 40 3.84 -15.26 -4.73
CA SER A 40 5.26 -15.52 -5.11
C SER A 40 6.17 -14.47 -4.49
N GLN A 41 7.43 -14.48 -4.88
CA GLN A 41 8.38 -13.47 -4.32
C GLN A 41 8.50 -12.30 -5.35
N SER A 42 7.59 -12.23 -6.29
CA SER A 42 7.64 -11.14 -7.31
C SER A 42 6.40 -10.26 -7.18
N ASP A 43 5.28 -10.88 -7.02
CA ASP A 43 3.98 -10.16 -6.87
C ASP A 43 4.02 -9.18 -5.69
N ARG A 44 4.74 -9.58 -4.66
CA ARG A 44 4.83 -8.70 -3.46
C ARG A 44 5.92 -7.64 -3.60
N GLN A 45 6.91 -7.92 -4.40
CA GLN A 45 8.02 -6.95 -4.63
C GLN A 45 7.49 -5.90 -5.62
N SER A 46 6.69 -6.33 -6.55
CA SER A 46 6.15 -5.35 -7.57
C SER A 46 5.22 -4.34 -6.90
N ALA A 47 4.19 -4.81 -6.26
CA ALA A 47 3.26 -3.85 -5.61
C ALA A 47 3.97 -2.98 -4.56
N CYS A 48 4.98 -3.54 -3.94
CA CYS A 48 5.74 -2.79 -2.92
C CYS A 48 6.34 -1.55 -3.62
N ASN A 49 6.93 -1.77 -4.77
CA ASN A 49 7.54 -0.64 -5.53
C ASN A 49 6.52 0.47 -5.77
N CYS A 50 5.30 0.10 -6.08
CA CYS A 50 4.22 1.11 -6.33
C CYS A 50 4.18 2.12 -5.18
N LEU A 51 3.99 1.60 -3.99
CA LEU A 51 3.91 2.46 -2.77
C LEU A 51 5.24 3.23 -2.56
N LYS A 52 6.31 2.57 -2.84
CA LYS A 52 7.68 3.16 -2.70
C LYS A 52 7.83 4.39 -3.63
N GLY A 53 7.68 4.17 -4.90
CA GLY A 53 7.80 5.26 -5.92
C GLY A 53 6.85 6.40 -5.56
N ILE A 54 5.69 6.04 -5.07
CA ILE A 54 4.67 7.05 -4.67
C ILE A 54 5.19 7.87 -3.47
N ALA A 55 5.38 7.20 -2.37
CA ALA A 55 5.88 7.86 -1.12
C ALA A 55 7.00 8.88 -1.44
N ARG A 56 7.85 8.49 -2.35
CA ARG A 56 8.99 9.37 -2.77
C ARG A 56 8.54 10.76 -3.23
N GLY A 57 7.37 10.84 -3.80
CA GLY A 57 6.86 12.16 -4.29
C GLY A 57 5.82 12.75 -3.34
N ILE A 58 5.93 12.46 -2.07
CA ILE A 58 4.94 13.04 -1.10
C ILE A 58 5.65 14.12 -0.29
N HIS A 59 5.05 15.28 -0.22
CA HIS A 59 5.69 16.39 0.55
C HIS A 59 5.35 16.23 2.03
N ASN A 60 4.10 16.05 2.36
CA ASN A 60 3.73 15.89 3.81
C ASN A 60 3.18 14.46 4.03
N LEU A 61 4.06 13.50 3.97
CA LEU A 61 3.65 12.07 4.16
C LEU A 61 3.38 11.81 5.65
N ASN A 62 2.42 10.97 5.92
CA ASN A 62 2.07 10.65 7.34
C ASN A 62 2.19 9.13 7.58
N GLU A 63 3.15 8.73 8.38
CA GLU A 63 3.35 7.28 8.66
C GLU A 63 2.21 6.78 9.57
N ASP A 64 1.77 7.62 10.46
CA ASP A 64 0.67 7.24 11.40
C ASP A 64 -0.54 6.68 10.65
N ASN A 65 -0.94 7.35 9.62
CA ASN A 65 -2.12 6.86 8.84
C ASN A 65 -1.74 5.64 7.99
N ALA A 66 -0.64 5.72 7.28
CA ALA A 66 -0.19 4.56 6.44
C ALA A 66 -0.15 3.25 7.27
N ARG A 67 0.34 3.39 8.47
CA ARG A 67 0.45 2.23 9.39
C ARG A 67 -0.91 1.96 10.07
N SER A 68 -1.80 2.92 10.01
CA SER A 68 -3.15 2.73 10.65
C SER A 68 -4.15 2.06 9.69
N ILE A 69 -3.76 1.86 8.45
CA ILE A 69 -4.67 1.21 7.45
C ILE A 69 -4.70 -0.33 7.72
N PRO A 70 -3.57 -0.98 7.62
CA PRO A 70 -3.53 -2.47 7.82
C PRO A 70 -4.04 -2.99 9.19
N PRO A 71 -3.71 -2.37 10.30
CA PRO A 71 -4.15 -2.88 11.63
C PRO A 71 -5.67 -2.87 11.80
N LYS A 72 -6.37 -2.14 10.97
CA LYS A 72 -7.87 -2.10 11.09
C LYS A 72 -8.55 -2.88 9.99
N CYS A 73 -7.97 -2.84 8.83
CA CYS A 73 -8.55 -3.56 7.67
C CYS A 73 -8.69 -5.08 7.91
N GLY A 74 -7.63 -5.69 8.37
CA GLY A 74 -7.68 -7.17 8.63
C GLY A 74 -6.78 -7.98 7.70
N VAL A 75 -5.93 -7.32 6.96
CA VAL A 75 -5.01 -8.03 6.03
C VAL A 75 -3.54 -7.88 6.41
N ASN A 76 -3.23 -6.82 7.12
CA ASN A 76 -1.83 -6.57 7.55
C ASN A 76 -0.80 -6.63 6.40
N LEU A 77 -0.78 -5.63 5.59
CA LEU A 77 0.18 -5.58 4.43
C LEU A 77 1.62 -5.60 4.96
N PRO A 78 2.54 -6.12 4.17
CA PRO A 78 3.96 -6.13 4.57
C PRO A 78 4.64 -4.84 4.12
N TYR A 79 3.88 -3.88 3.63
CA TYR A 79 4.50 -2.59 3.17
C TYR A 79 3.40 -1.56 2.88
N THR A 80 3.76 -0.30 2.83
CA THR A 80 2.76 0.80 2.55
C THR A 80 3.51 1.99 1.95
N ILE A 81 2.84 3.10 1.81
CA ILE A 81 3.48 4.30 1.23
C ILE A 81 4.43 4.88 2.33
N SER A 82 5.66 4.44 2.29
CA SER A 82 6.69 4.91 3.29
C SER A 82 8.09 4.58 2.76
N LEU A 83 9.08 4.87 3.57
CA LEU A 83 10.50 4.60 3.18
C LEU A 83 11.16 3.71 4.25
N ASN A 84 10.35 2.89 4.88
CA ASN A 84 10.88 1.98 5.95
C ASN A 84 11.29 0.61 5.37
N ILE A 85 10.35 -0.09 4.80
CA ILE A 85 10.67 -1.43 4.19
C ILE A 85 11.36 -1.15 2.85
N ASP A 86 12.11 -2.11 2.36
CA ASP A 86 12.82 -1.93 1.05
C ASP A 86 12.36 -2.98 0.05
N CYS A 87 11.15 -3.44 0.19
CA CYS A 87 10.60 -4.47 -0.73
C CYS A 87 11.51 -5.71 -0.87
N SER A 88 12.44 -5.82 0.04
CA SER A 88 13.42 -6.95 0.05
C SER A 88 13.18 -7.88 1.23
N ARG A 89 13.13 -7.29 2.39
CA ARG A 89 12.91 -8.05 3.65
C ARG A 89 11.46 -7.90 4.14
N VAL A 90 10.54 -8.16 3.25
CA VAL A 90 9.08 -8.06 3.58
C VAL A 90 8.44 -9.46 3.55
#